data_2MFN
#
_entry.id   2MFN
#
_cell.length_a   1.000
_cell.length_b   1.000
_cell.length_c   1.000
_cell.angle_alpha   90.00
_cell.angle_beta   90.00
_cell.angle_gamma   90.00
#
_symmetry.space_group_name_H-M   'P 1'
#
_entity_poly.entity_id   1
_entity_poly.type   'polypeptide(L)'
_entity_poly.pdbx_seq_one_letter_code
;GLDSPTGFDSSDITANSFTVHWVAPRAPITGYIIRHHAEHSVGRPRQDRVPPSRNSITLTNLNPGTEYVVSIIAVNGREE
SPPLIGQQATVSDIPRDLEVIASTPTSLLISWEPPAVSVRYYRITYGETGGNSPVQEFTVPGSKSTATINNIKPGADYTI
TLYAVTGRGDSPASSKPVSINYKT
;
_entity_poly.pdbx_strand_id   A
#
# COMPACT_ATOMS: atom_id res chain seq x y z
N GLY A 1 -5.93 7.53 -43.84
CA GLY A 1 -6.70 8.85 -43.85
C GLY A 1 -6.57 9.78 -42.69
N LEU A 2 -6.48 9.25 -41.50
CA LEU A 2 -6.34 10.11 -40.30
C LEU A 2 -5.11 9.69 -39.50
N ASP A 3 -4.37 10.64 -39.00
CA ASP A 3 -3.16 10.30 -38.20
C ASP A 3 -3.57 9.91 -36.79
N SER A 4 -2.99 8.86 -36.26
CA SER A 4 -3.35 8.43 -34.88
C SER A 4 -2.52 9.22 -33.86
N PRO A 5 -3.12 9.62 -32.76
CA PRO A 5 -2.38 10.38 -31.72
C PRO A 5 -1.18 9.59 -31.18
N THR A 6 -0.10 10.26 -30.89
CA THR A 6 1.10 9.54 -30.36
C THR A 6 1.89 10.47 -29.45
N GLY A 7 3.17 10.28 -29.31
CA GLY A 7 3.93 11.13 -28.37
C GLY A 7 3.48 10.73 -26.98
N PHE A 8 2.92 9.55 -26.91
CA PHE A 8 2.39 9.01 -25.63
C PHE A 8 3.47 9.09 -24.55
N ASP A 9 3.14 9.68 -23.43
CA ASP A 9 4.11 9.78 -22.31
C ASP A 9 3.34 9.74 -20.99
N SER A 10 3.86 9.07 -20.01
CA SER A 10 3.12 8.98 -18.72
C SER A 10 3.84 9.78 -17.63
N SER A 11 3.11 10.37 -16.74
CA SER A 11 3.74 11.14 -15.65
C SER A 11 2.68 11.51 -14.60
N ASP A 12 3.05 12.27 -13.60
CA ASP A 12 2.06 12.60 -12.55
C ASP A 12 1.43 11.29 -12.13
N ILE A 13 2.26 10.31 -11.95
CA ILE A 13 1.77 8.97 -11.58
C ILE A 13 1.46 8.90 -10.09
N THR A 14 0.30 8.43 -9.75
CA THR A 14 -0.05 8.29 -8.31
C THR A 14 -0.33 6.81 -8.03
N ALA A 15 -0.32 6.41 -6.79
CA ALA A 15 -0.56 4.98 -6.49
C ALA A 15 -1.95 4.55 -6.98
N ASN A 16 -2.99 5.18 -6.49
CA ASN A 16 -4.35 4.81 -6.95
C ASN A 16 -4.74 5.66 -8.15
N SER A 17 -3.87 6.53 -8.57
CA SER A 17 -4.18 7.40 -9.73
C SER A 17 -2.89 7.74 -10.47
N PHE A 18 -3.00 8.11 -11.71
CA PHE A 18 -1.76 8.46 -12.49
C PHE A 18 -2.18 9.20 -13.77
N THR A 19 -1.39 10.13 -14.27
CA THR A 19 -1.84 10.85 -15.51
C THR A 19 -1.22 10.25 -16.77
N VAL A 20 -1.93 10.33 -17.86
CA VAL A 20 -1.43 9.81 -19.16
C VAL A 20 -1.42 10.97 -20.16
N HIS A 21 -0.42 11.08 -20.99
CA HIS A 21 -0.40 12.22 -21.95
C HIS A 21 -0.14 11.74 -23.38
N TRP A 22 -0.74 12.41 -24.34
CA TRP A 22 -0.53 12.03 -25.78
C TRP A 22 -0.66 13.28 -26.64
N VAL A 23 -0.11 13.27 -27.82
CA VAL A 23 -0.21 14.47 -28.69
C VAL A 23 -1.46 14.39 -29.55
N ALA A 24 -1.91 15.52 -30.03
CA ALA A 24 -3.13 15.54 -30.86
C ALA A 24 -2.75 15.48 -32.35
N PRO A 25 -3.44 14.69 -33.14
CA PRO A 25 -3.12 14.59 -34.60
C PRO A 25 -3.23 15.94 -35.31
N ARG A 26 -2.90 15.98 -36.58
CA ARG A 26 -2.98 17.26 -37.33
C ARG A 26 -4.24 17.27 -38.21
N ALA A 27 -5.12 16.31 -38.03
CA ALA A 27 -6.34 16.27 -38.87
C ALA A 27 -7.58 16.57 -38.01
N PRO A 28 -8.64 17.02 -38.63
CA PRO A 28 -9.90 17.32 -37.90
C PRO A 28 -10.45 16.13 -37.12
N ILE A 29 -10.61 16.26 -35.83
CA ILE A 29 -11.14 15.13 -35.02
C ILE A 29 -12.29 15.64 -34.15
N THR A 30 -13.05 14.74 -33.58
CA THR A 30 -14.18 15.16 -32.70
C THR A 30 -13.83 14.89 -31.25
N GLY A 31 -12.74 14.22 -31.01
CA GLY A 31 -12.34 13.92 -29.60
C GLY A 31 -11.66 12.54 -29.55
N TYR A 32 -11.26 12.11 -28.39
CA TYR A 32 -10.60 10.78 -28.27
C TYR A 32 -11.35 9.93 -27.24
N ILE A 33 -11.40 8.64 -27.42
CA ILE A 33 -12.07 7.78 -26.43
C ILE A 33 -10.99 7.12 -25.56
N ILE A 34 -11.08 7.25 -24.27
CA ILE A 34 -10.02 6.63 -23.42
C ILE A 34 -10.55 5.36 -22.78
N ARG A 35 -9.96 4.24 -23.09
CA ARG A 35 -10.39 2.97 -22.47
C ARG A 35 -9.19 2.44 -21.68
N HIS A 36 -9.36 2.05 -20.45
CA HIS A 36 -8.17 1.57 -19.69
C HIS A 36 -8.50 0.36 -18.82
N HIS A 37 -7.54 -0.50 -18.61
CA HIS A 37 -7.79 -1.71 -17.77
C HIS A 37 -6.46 -2.43 -17.45
N ALA A 38 -6.42 -3.16 -16.37
CA ALA A 38 -5.17 -3.90 -16.01
C ALA A 38 -5.15 -5.24 -16.75
N GLU A 39 -4.02 -5.87 -16.84
CA GLU A 39 -3.96 -7.18 -17.56
C GLU A 39 -4.89 -8.16 -16.86
N HIS A 40 -4.88 -8.10 -15.58
CA HIS A 40 -5.74 -9.00 -14.77
C HIS A 40 -7.10 -8.32 -14.52
N SER A 41 -7.45 -7.37 -15.33
CA SER A 41 -8.75 -6.67 -15.15
C SER A 41 -9.88 -7.58 -15.61
N VAL A 42 -11.10 -7.22 -15.31
CA VAL A 42 -12.25 -8.08 -15.72
C VAL A 42 -12.50 -7.93 -17.22
N GLY A 43 -13.00 -8.97 -17.84
CA GLY A 43 -13.27 -8.92 -19.31
C GLY A 43 -14.02 -7.63 -19.67
N ARG A 44 -14.32 -6.81 -18.70
CA ARG A 44 -15.05 -5.55 -19.00
C ARG A 44 -14.13 -4.35 -18.70
N PRO A 45 -13.40 -3.88 -19.68
CA PRO A 45 -12.48 -2.73 -19.47
C PRO A 45 -13.22 -1.44 -19.12
N ARG A 46 -12.60 -0.55 -18.41
CA ARG A 46 -13.27 0.72 -18.03
C ARG A 46 -13.37 1.63 -19.25
N GLN A 47 -14.36 2.47 -19.28
CA GLN A 47 -14.54 3.38 -20.43
C GLN A 47 -14.43 4.84 -19.98
N ASP A 48 -13.40 5.52 -20.39
CA ASP A 48 -13.22 6.93 -20.02
C ASP A 48 -13.09 7.75 -21.30
N ARG A 49 -13.83 8.80 -21.44
CA ARG A 49 -13.76 9.61 -22.69
C ARG A 49 -13.30 11.03 -22.36
N VAL A 50 -12.54 11.63 -23.23
CA VAL A 50 -12.06 13.02 -22.95
C VAL A 50 -12.30 13.92 -24.18
N PRO A 51 -12.55 15.19 -23.97
CA PRO A 51 -12.75 16.12 -25.11
C PRO A 51 -11.49 16.24 -25.97
N PRO A 52 -11.64 16.64 -27.20
CA PRO A 52 -10.48 16.80 -28.11
C PRO A 52 -9.43 17.77 -27.54
N SER A 53 -9.88 18.80 -26.87
CA SER A 53 -8.93 19.80 -26.30
C SER A 53 -8.15 19.19 -25.14
N ARG A 54 -8.57 18.06 -24.64
CA ARG A 54 -7.85 17.44 -23.50
C ARG A 54 -6.90 16.37 -24.01
N ASN A 55 -5.64 16.52 -23.74
CA ASN A 55 -4.63 15.52 -24.20
C ASN A 55 -4.10 14.74 -22.99
N SER A 56 -4.57 15.07 -21.81
CA SER A 56 -4.09 14.34 -20.60
C SER A 56 -5.30 13.90 -19.77
N ILE A 57 -5.27 12.69 -19.26
CA ILE A 57 -6.42 12.21 -18.45
C ILE A 57 -5.90 11.63 -17.13
N THR A 58 -6.46 12.04 -16.03
CA THR A 58 -6.00 11.51 -14.73
C THR A 58 -6.90 10.35 -14.31
N LEU A 59 -6.34 9.18 -14.15
CA LEU A 59 -7.17 8.01 -13.74
C LEU A 59 -7.15 7.88 -12.22
N THR A 60 -8.24 7.44 -11.66
CA THR A 60 -8.31 7.28 -10.17
C THR A 60 -8.97 5.95 -9.82
N ASN A 61 -9.07 5.65 -8.55
CA ASN A 61 -9.71 4.37 -8.14
C ASN A 61 -8.98 3.20 -8.80
N LEU A 62 -7.67 3.24 -8.81
CA LEU A 62 -6.89 2.14 -9.45
C LEU A 62 -6.11 1.38 -8.38
N ASN A 63 -5.82 0.13 -8.63
CA ASN A 63 -5.05 -0.66 -7.62
C ASN A 63 -3.61 -0.13 -7.59
N PRO A 64 -3.14 0.35 -6.46
CA PRO A 64 -1.74 0.88 -6.37
C PRO A 64 -0.68 -0.17 -6.65
N GLY A 65 0.34 0.19 -7.38
CA GLY A 65 1.42 -0.78 -7.69
C GLY A 65 0.89 -1.80 -8.69
N THR A 66 0.54 -1.37 -9.87
CA THR A 66 0.01 -2.34 -10.88
C THR A 66 0.23 -1.83 -12.29
N GLU A 67 0.39 -2.74 -13.22
CA GLU A 67 0.58 -2.33 -14.63
C GLU A 67 -0.81 -2.14 -15.25
N TYR A 68 -1.09 -0.97 -15.76
CA TYR A 68 -2.44 -0.73 -16.35
C TYR A 68 -2.33 -0.55 -17.86
N VAL A 69 -3.26 -1.11 -18.59
CA VAL A 69 -3.25 -0.98 -20.07
C VAL A 69 -4.18 0.18 -20.44
N VAL A 70 -3.67 1.20 -21.08
CA VAL A 70 -4.53 2.35 -21.43
C VAL A 70 -4.57 2.53 -22.95
N SER A 71 -5.72 2.65 -23.54
CA SER A 71 -5.79 2.81 -25.02
C SER A 71 -6.46 4.15 -25.39
N ILE A 72 -5.92 4.80 -26.40
CA ILE A 72 -6.50 6.10 -26.85
C ILE A 72 -7.05 5.90 -28.26
N ILE A 73 -8.27 6.30 -28.52
CA ILE A 73 -8.82 6.12 -29.90
C ILE A 73 -9.19 7.49 -30.47
N ALA A 74 -8.75 7.78 -31.66
CA ALA A 74 -9.08 9.10 -32.27
C ALA A 74 -10.28 8.93 -33.20
N VAL A 75 -11.29 9.73 -33.02
CA VAL A 75 -12.49 9.60 -33.88
C VAL A 75 -12.85 10.96 -34.49
N ASN A 76 -13.30 10.98 -35.71
CA ASN A 76 -13.67 12.27 -36.36
C ASN A 76 -15.12 12.18 -36.82
N GLY A 77 -15.94 11.55 -36.05
CA GLY A 77 -17.38 11.42 -36.43
C GLY A 77 -17.59 10.09 -37.16
N ARG A 78 -17.56 10.12 -38.46
CA ARG A 78 -17.78 8.87 -39.25
C ARG A 78 -16.42 8.23 -39.58
N GLU A 79 -15.34 8.88 -39.28
CA GLU A 79 -14.01 8.29 -39.59
C GLU A 79 -13.25 8.00 -38.29
N GLU A 80 -12.57 6.89 -38.23
CA GLU A 80 -11.82 6.53 -37.00
C GLU A 80 -10.33 6.44 -37.32
N SER A 81 -9.48 6.91 -36.45
CA SER A 81 -8.02 6.85 -36.71
C SER A 81 -7.45 5.56 -36.09
N PRO A 82 -6.22 5.24 -36.40
CA PRO A 82 -5.59 4.01 -35.86
C PRO A 82 -5.48 4.05 -34.31
N PRO A 83 -5.84 2.98 -33.64
CA PRO A 83 -5.78 2.94 -32.14
C PRO A 83 -4.36 3.17 -31.59
N LEU A 84 -4.29 3.63 -30.37
CA LEU A 84 -2.97 3.86 -29.71
C LEU A 84 -3.01 3.23 -28.32
N ILE A 85 -2.12 2.31 -28.05
CA ILE A 85 -2.13 1.68 -26.71
C ILE A 85 -0.74 1.73 -26.08
N GLY A 86 -0.68 1.99 -24.82
CA GLY A 86 0.62 2.05 -24.10
C GLY A 86 0.42 1.45 -22.71
N GLN A 87 1.47 1.17 -22.02
CA GLN A 87 1.32 0.58 -20.66
C GLN A 87 1.94 1.49 -19.61
N GLN A 88 1.27 1.66 -18.51
CA GLN A 88 1.82 2.52 -17.43
C GLN A 88 1.65 1.79 -16.10
N ALA A 89 2.65 1.80 -15.26
CA ALA A 89 2.52 1.10 -13.97
C ALA A 89 2.22 2.07 -12.84
N THR A 90 1.23 1.77 -12.05
CA THR A 90 0.88 2.66 -10.92
C THR A 90 1.93 2.48 -9.83
N VAL A 91 2.38 3.56 -9.25
CA VAL A 91 3.41 3.50 -8.17
C VAL A 91 3.11 2.37 -7.19
N SER A 92 4.03 2.09 -6.30
CA SER A 92 3.82 1.01 -5.30
C SER A 92 3.60 1.64 -3.93
N ASP A 93 2.68 1.10 -3.16
CA ASP A 93 2.41 1.66 -1.80
C ASP A 93 3.64 1.55 -0.90
N ILE A 94 4.36 0.45 -0.96
CA ILE A 94 5.55 0.29 -0.09
C ILE A 94 6.66 1.24 -0.55
N PRO A 95 7.38 1.87 0.34
CA PRO A 95 8.50 2.74 -0.08
C PRO A 95 9.50 1.93 -0.90
N ARG A 96 10.67 2.43 -1.13
CA ARG A 96 11.63 1.63 -1.93
C ARG A 96 13.06 2.08 -1.64
N ASP A 97 14.01 1.29 -2.04
CA ASP A 97 15.44 1.65 -1.81
C ASP A 97 15.78 1.56 -0.32
N LEU A 98 15.23 0.61 0.40
CA LEU A 98 15.59 0.49 1.84
C LEU A 98 17.02 -0.04 1.92
N GLU A 99 17.97 0.81 2.19
CA GLU A 99 19.38 0.35 2.25
C GLU A 99 20.16 1.23 3.22
N VAL A 100 21.36 0.86 3.56
CA VAL A 100 22.15 1.68 4.50
C VAL A 100 23.17 2.53 3.76
N ILE A 101 23.29 3.77 4.13
CA ILE A 101 24.26 4.68 3.45
C ILE A 101 25.47 4.88 4.36
N ALA A 102 25.33 4.52 5.61
CA ALA A 102 26.45 4.66 6.57
C ALA A 102 26.48 3.43 7.47
N SER A 103 27.63 3.02 7.93
CA SER A 103 27.68 1.81 8.79
C SER A 103 28.55 2.06 10.03
N THR A 104 27.96 1.95 11.19
CA THR A 104 28.74 2.15 12.43
C THR A 104 28.71 0.85 13.24
N PRO A 105 29.70 0.62 14.05
CA PRO A 105 29.78 -0.63 14.86
C PRO A 105 28.50 -0.95 15.62
N THR A 106 27.87 0.03 16.22
CA THR A 106 26.62 -0.26 16.98
C THR A 106 25.44 0.51 16.38
N SER A 107 25.62 1.11 15.22
CA SER A 107 24.48 1.86 14.63
C SER A 107 24.60 1.87 13.11
N LEU A 108 23.52 2.14 12.42
CA LEU A 108 23.56 2.17 10.94
C LEU A 108 22.64 3.29 10.42
N LEU A 109 22.91 3.78 9.25
CA LEU A 109 22.08 4.86 8.68
C LEU A 109 21.12 4.24 7.66
N ILE A 110 19.84 4.49 7.78
CA ILE A 110 18.87 3.90 6.81
C ILE A 110 18.30 4.99 5.91
N SER A 111 18.14 4.69 4.65
CA SER A 111 17.58 5.69 3.70
C SER A 111 16.59 5.01 2.76
N TRP A 112 15.52 5.67 2.44
CA TRP A 112 14.51 5.07 1.51
C TRP A 112 13.74 6.19 0.81
N GLU A 113 13.13 5.89 -0.30
CA GLU A 113 12.36 6.95 -1.03
C GLU A 113 10.88 6.87 -0.63
N PRO A 114 10.27 7.97 -0.26
CA PRO A 114 8.84 7.95 0.15
C PRO A 114 7.93 7.46 -0.99
N PRO A 115 6.91 6.68 -0.69
CA PRO A 115 5.99 6.17 -1.74
C PRO A 115 5.28 7.30 -2.49
N ALA A 116 4.21 6.99 -3.17
CA ALA A 116 3.47 8.03 -3.93
C ALA A 116 2.19 8.39 -3.16
N VAL A 117 2.12 8.04 -1.91
CA VAL A 117 0.91 8.35 -1.10
C VAL A 117 1.33 9.02 0.21
N SER A 118 0.43 9.72 0.85
CA SER A 118 0.78 10.39 2.13
C SER A 118 0.98 9.33 3.21
N VAL A 119 2.06 9.41 3.94
CA VAL A 119 2.32 8.41 5.00
C VAL A 119 2.32 9.10 6.36
N ARG A 120 1.59 8.59 7.31
CA ARG A 120 1.60 9.23 8.66
C ARG A 120 2.95 8.94 9.29
N TYR A 121 3.38 7.71 9.22
CA TYR A 121 4.70 7.35 9.80
C TYR A 121 5.12 5.97 9.30
N TYR A 122 6.35 5.60 9.51
CA TYR A 122 6.82 4.26 9.06
C TYR A 122 7.31 3.49 10.29
N ARG A 123 7.02 2.23 10.37
CA ARG A 123 7.49 1.46 11.55
C ARG A 123 8.77 0.73 11.17
N ILE A 124 9.80 0.84 11.98
CA ILE A 124 11.08 0.16 11.64
C ILE A 124 11.44 -0.84 12.73
N THR A 125 11.75 -2.05 12.35
CA THR A 125 12.07 -3.09 13.38
C THR A 125 13.57 -3.38 13.40
N TYR A 126 14.07 -3.69 14.58
CA TYR A 126 15.53 -4.00 14.74
C TYR A 126 15.72 -5.50 14.65
N GLY A 127 16.67 -5.95 13.87
CA GLY A 127 16.92 -7.39 13.77
C GLY A 127 18.18 -7.81 14.49
N GLU A 128 18.05 -8.64 15.48
CA GLU A 128 19.24 -9.12 16.21
C GLU A 128 19.46 -10.59 15.84
N THR A 129 20.69 -11.01 15.69
CA THR A 129 20.99 -12.43 15.33
C THR A 129 19.81 -13.36 15.68
N GLY A 130 19.78 -13.88 16.88
CA GLY A 130 18.67 -14.81 17.26
C GLY A 130 17.42 -14.03 17.64
N GLY A 131 17.52 -12.74 17.81
CA GLY A 131 16.32 -11.93 18.17
C GLY A 131 15.35 -11.96 17.01
N ASN A 132 15.08 -13.11 16.47
CA ASN A 132 14.14 -13.22 15.33
C ASN A 132 12.77 -12.69 15.75
N SER A 133 12.36 -13.00 16.94
CA SER A 133 11.03 -12.52 17.41
C SER A 133 11.20 -11.27 18.30
N PRO A 134 12.06 -11.34 19.29
CA PRO A 134 12.28 -10.17 20.20
C PRO A 134 12.90 -8.98 19.48
N VAL A 135 12.42 -8.67 18.31
CA VAL A 135 12.97 -7.53 17.54
C VAL A 135 12.60 -6.22 18.25
N GLN A 136 13.38 -5.17 18.06
CA GLN A 136 13.01 -3.88 18.72
C GLN A 136 12.55 -2.90 17.64
N GLU A 137 11.42 -2.30 17.81
CA GLU A 137 10.91 -1.38 16.74
C GLU A 137 10.74 0.06 17.23
N PHE A 138 10.80 0.98 16.32
CA PHE A 138 10.60 2.42 16.66
C PHE A 138 9.78 3.07 15.53
N THR A 139 9.04 4.10 15.82
CA THR A 139 8.18 4.72 14.76
C THR A 139 8.94 5.80 13.99
N VAL A 140 8.40 6.21 12.87
CA VAL A 140 9.05 7.25 12.03
C VAL A 140 8.01 8.30 11.63
N PRO A 141 7.91 9.39 12.35
CA PRO A 141 6.90 10.43 12.02
C PRO A 141 7.09 11.01 10.60
N GLY A 142 7.33 10.17 9.64
CA GLY A 142 7.51 10.65 8.23
C GLY A 142 8.24 12.00 8.25
N SER A 143 8.97 12.27 9.30
CA SER A 143 9.71 13.58 9.37
C SER A 143 10.85 13.58 8.36
N LYS A 144 11.47 12.46 8.17
CA LYS A 144 12.60 12.39 7.21
C LYS A 144 12.53 11.09 6.41
N SER A 145 13.08 11.08 5.22
CA SER A 145 13.05 9.85 4.39
C SER A 145 14.16 8.89 4.85
N THR A 146 15.03 9.37 5.70
CA THR A 146 16.13 8.50 6.20
C THR A 146 16.15 8.52 7.73
N ALA A 147 16.62 7.48 8.35
CA ALA A 147 16.65 7.46 9.84
C ALA A 147 17.95 6.79 10.32
N THR A 148 18.24 6.88 11.58
CA THR A 148 19.47 6.24 12.11
C THR A 148 19.09 5.08 13.03
N ILE A 149 19.80 3.99 12.95
CA ILE A 149 19.46 2.83 13.83
C ILE A 149 20.54 2.69 14.89
N ASN A 150 20.17 2.76 16.15
CA ASN A 150 21.18 2.65 17.24
C ASN A 150 20.81 1.52 18.19
N ASN A 151 21.71 1.15 19.06
CA ASN A 151 21.43 0.05 20.02
C ASN A 151 21.54 -1.30 19.30
N ILE A 152 22.58 -1.47 18.52
CA ILE A 152 22.77 -2.75 17.78
C ILE A 152 24.02 -3.47 18.32
N LYS A 153 23.91 -4.72 18.64
CA LYS A 153 25.09 -5.46 19.19
C LYS A 153 26.11 -5.73 18.06
N PRO A 154 27.33 -5.26 18.19
CA PRO A 154 28.37 -5.50 17.13
C PRO A 154 28.72 -6.99 16.95
N GLY A 155 29.27 -7.33 15.82
CA GLY A 155 29.66 -8.75 15.58
C GLY A 155 28.43 -9.65 15.64
N ALA A 156 27.27 -9.11 15.41
CA ALA A 156 26.04 -9.95 15.47
C ALA A 156 25.22 -9.75 14.19
N ASP A 157 24.78 -10.83 13.59
CA ASP A 157 23.95 -10.71 12.35
C ASP A 157 22.70 -9.90 12.68
N TYR A 158 22.27 -9.03 11.81
CA TYR A 158 21.08 -8.21 12.14
C TYR A 158 20.09 -8.20 10.98
N THR A 159 18.85 -7.85 11.26
CA THR A 159 17.82 -7.78 10.19
C THR A 159 17.04 -6.46 10.35
N ILE A 160 17.04 -5.62 9.37
CA ILE A 160 16.30 -4.34 9.52
C ILE A 160 15.03 -4.40 8.66
N THR A 161 13.88 -4.27 9.26
CA THR A 161 12.62 -4.33 8.47
C THR A 161 11.70 -3.18 8.84
N LEU A 162 10.90 -2.71 7.93
CA LEU A 162 10.00 -1.59 8.28
C LEU A 162 8.64 -1.71 7.59
N TYR A 163 7.64 -1.18 8.23
CA TYR A 163 6.25 -1.22 7.68
C TYR A 163 5.77 0.23 7.52
N ALA A 164 5.08 0.54 6.46
CA ALA A 164 4.60 1.93 6.29
C ALA A 164 3.11 2.02 6.64
N VAL A 165 2.75 2.98 7.45
CA VAL A 165 1.32 3.12 7.84
C VAL A 165 0.79 4.49 7.38
N THR A 166 -0.22 4.50 6.56
CA THR A 166 -0.80 5.79 6.10
C THR A 166 -2.16 6.00 6.75
N GLY A 167 -3.11 5.16 6.44
CA GLY A 167 -4.46 5.30 7.05
C GLY A 167 -4.40 4.86 8.52
N ARG A 168 -5.09 5.54 9.39
CA ARG A 168 -5.07 5.14 10.83
C ARG A 168 -6.40 5.53 11.47
N GLY A 169 -6.77 4.84 12.50
CA GLY A 169 -8.05 5.18 13.20
C GLY A 169 -9.22 4.39 12.60
N ASP A 170 -9.82 4.90 11.57
CA ASP A 170 -10.99 4.19 10.95
C ASP A 170 -10.53 2.96 10.17
N SER A 171 -9.52 3.10 9.37
CA SER A 171 -9.05 1.94 8.57
C SER A 171 -7.52 1.85 8.61
N PRO A 172 -6.97 1.48 9.73
CA PRO A 172 -5.50 1.34 9.87
C PRO A 172 -4.94 0.21 9.01
N ALA A 173 -4.41 0.53 7.85
CA ALA A 173 -3.87 -0.55 6.96
C ALA A 173 -2.39 -0.28 6.65
N SER A 174 -1.62 -1.32 6.49
CA SER A 174 -0.17 -1.14 6.17
C SER A 174 0.15 -1.86 4.87
N SER A 175 1.11 -1.37 4.13
CA SER A 175 1.47 -2.03 2.84
C SER A 175 2.37 -3.23 3.14
N LYS A 176 2.63 -4.05 2.15
CA LYS A 176 3.50 -5.24 2.40
C LYS A 176 4.85 -4.75 2.95
N PRO A 177 5.28 -5.24 4.10
CA PRO A 177 6.57 -4.77 4.69
C PRO A 177 7.79 -5.13 3.83
N VAL A 178 8.82 -4.32 3.90
CA VAL A 178 10.08 -4.60 3.14
C VAL A 178 11.20 -4.84 4.16
N SER A 179 11.95 -5.88 3.98
CA SER A 179 13.03 -6.18 4.99
C SER A 179 14.38 -6.43 4.30
N ILE A 180 15.45 -6.19 5.02
CA ILE A 180 16.82 -6.42 4.46
C ILE A 180 17.68 -7.07 5.55
N ASN A 181 18.75 -7.71 5.18
CA ASN A 181 19.63 -8.35 6.20
C ASN A 181 20.86 -7.48 6.40
N TYR A 182 21.32 -7.31 7.62
CA TYR A 182 22.51 -6.47 7.84
C TYR A 182 23.45 -7.11 8.86
N LYS A 183 24.71 -7.19 8.55
CA LYS A 183 25.68 -7.79 9.49
C LYS A 183 26.31 -6.68 10.34
N THR A 184 26.48 -6.91 11.61
CA THR A 184 27.09 -5.85 12.48
C THR A 184 28.43 -6.34 13.01
N GLY A 1 -27.12 -22.29 -27.79
CA GLY A 1 -26.10 -21.99 -26.68
C GLY A 1 -24.92 -21.12 -26.97
N LEU A 2 -24.23 -20.68 -25.96
CA LEU A 2 -23.05 -19.80 -26.19
C LEU A 2 -21.89 -20.31 -25.34
N ASP A 3 -20.69 -20.23 -25.86
CA ASP A 3 -19.51 -20.71 -25.08
C ASP A 3 -19.12 -19.66 -24.04
N SER A 4 -18.40 -20.06 -23.02
CA SER A 4 -18.00 -19.09 -21.97
C SER A 4 -16.61 -18.52 -22.28
N PRO A 5 -16.44 -17.21 -22.25
CA PRO A 5 -15.11 -16.60 -22.54
C PRO A 5 -14.03 -17.09 -21.57
N THR A 6 -13.61 -18.31 -21.71
CA THR A 6 -12.58 -18.85 -20.78
C THR A 6 -11.19 -18.35 -21.21
N GLY A 7 -10.14 -19.06 -20.89
CA GLY A 7 -8.79 -18.55 -21.25
C GLY A 7 -8.53 -17.36 -20.32
N PHE A 8 -9.22 -17.36 -19.22
CA PHE A 8 -9.09 -16.26 -18.24
C PHE A 8 -7.65 -16.14 -17.76
N ASP A 9 -7.13 -14.95 -17.78
CA ASP A 9 -5.73 -14.73 -17.33
C ASP A 9 -5.63 -13.34 -16.70
N SER A 10 -5.19 -13.26 -15.48
CA SER A 10 -5.08 -11.92 -14.82
C SER A 10 -3.62 -11.48 -14.80
N SER A 11 -3.36 -10.27 -15.23
CA SER A 11 -1.96 -9.76 -15.22
C SER A 11 -1.97 -8.24 -15.15
N ASP A 12 -0.84 -7.61 -15.28
CA ASP A 12 -0.84 -6.13 -15.17
C ASP A 12 -1.58 -5.80 -13.90
N ILE A 13 -1.19 -6.44 -12.84
CA ILE A 13 -1.88 -6.24 -11.55
C ILE A 13 -1.27 -5.09 -10.75
N THR A 14 -2.09 -4.16 -10.35
CA THR A 14 -1.60 -3.03 -9.52
C THR A 14 -2.26 -3.17 -8.15
N ALA A 15 -1.74 -2.53 -7.14
CA ALA A 15 -2.36 -2.67 -5.79
C ALA A 15 -3.81 -2.19 -5.81
N ASN A 16 -4.06 -1.02 -6.31
CA ASN A 16 -5.47 -0.52 -6.33
C ASN A 16 -6.08 -0.77 -7.71
N SER A 17 -5.33 -1.33 -8.62
CA SER A 17 -5.89 -1.60 -9.96
C SER A 17 -5.20 -2.84 -10.55
N PHE A 18 -5.85 -3.51 -11.46
CA PHE A 18 -5.19 -4.71 -12.07
C PHE A 18 -5.94 -5.07 -13.37
N THR A 19 -5.28 -5.65 -14.35
CA THR A 19 -6.01 -5.96 -15.61
C THR A 19 -6.56 -7.39 -15.60
N VAL A 20 -7.72 -7.57 -16.17
CA VAL A 20 -8.35 -8.92 -16.23
C VAL A 20 -8.45 -9.33 -17.71
N HIS A 21 -8.14 -10.55 -18.05
CA HIS A 21 -8.21 -10.94 -19.49
C HIS A 21 -9.00 -12.24 -19.68
N TRP A 22 -9.64 -12.37 -20.82
CA TRP A 22 -10.43 -13.61 -21.12
C TRP A 22 -10.54 -13.76 -22.64
N VAL A 23 -10.83 -14.94 -23.14
CA VAL A 23 -10.93 -15.09 -24.60
C VAL A 23 -12.36 -14.83 -25.05
N ALA A 24 -12.54 -14.53 -26.31
CA ALA A 24 -13.89 -14.24 -26.83
C ALA A 24 -14.51 -15.51 -27.43
N PRO A 25 -15.74 -15.83 -27.10
CA PRO A 25 -16.40 -17.04 -27.66
C PRO A 25 -16.48 -17.01 -29.19
N ARG A 26 -16.49 -18.15 -29.82
CA ARG A 26 -16.55 -18.18 -31.31
C ARG A 26 -17.89 -17.62 -31.79
N ALA A 27 -18.94 -17.96 -31.10
CA ALA A 27 -20.30 -17.49 -31.51
C ALA A 27 -20.41 -15.97 -31.34
N PRO A 28 -21.17 -15.31 -32.18
CA PRO A 28 -21.34 -13.83 -32.08
C PRO A 28 -21.92 -13.41 -30.71
N ILE A 29 -21.40 -12.35 -30.15
CA ILE A 29 -21.92 -11.90 -28.82
C ILE A 29 -22.19 -10.40 -28.87
N THR A 30 -22.86 -9.88 -27.87
CA THR A 30 -23.15 -8.41 -27.84
C THR A 30 -22.21 -7.73 -26.83
N GLY A 31 -21.37 -8.50 -26.17
CA GLY A 31 -20.44 -7.90 -25.18
C GLY A 31 -20.31 -8.83 -23.97
N TYR A 32 -19.62 -8.39 -22.94
CA TYR A 32 -19.47 -9.24 -21.72
C TYR A 32 -19.84 -8.42 -20.48
N ILE A 33 -20.20 -9.09 -19.41
CA ILE A 33 -20.53 -8.37 -18.16
C ILE A 33 -19.43 -8.67 -17.14
N ILE A 34 -18.88 -7.66 -16.52
CA ILE A 34 -17.78 -7.91 -15.55
C ILE A 34 -18.19 -7.47 -14.15
N ARG A 35 -18.20 -8.36 -13.21
CA ARG A 35 -18.56 -7.96 -11.82
C ARG A 35 -17.37 -8.32 -10.92
N HIS A 36 -17.01 -7.47 -10.00
CA HIS A 36 -15.84 -7.81 -9.14
C HIS A 36 -16.12 -7.44 -7.68
N HIS A 37 -15.73 -8.29 -6.76
CA HIS A 37 -15.94 -7.98 -5.32
C HIS A 37 -15.14 -8.96 -4.45
N ALA A 38 -14.89 -8.61 -3.22
CA ALA A 38 -14.12 -9.53 -2.33
C ALA A 38 -15.05 -10.57 -1.73
N GLU A 39 -14.52 -11.72 -1.36
CA GLU A 39 -15.38 -12.77 -0.76
C GLU A 39 -15.94 -12.27 0.57
N HIS A 40 -15.19 -11.43 1.22
CA HIS A 40 -15.65 -10.88 2.52
C HIS A 40 -16.11 -9.43 2.33
N SER A 41 -16.37 -9.05 1.12
CA SER A 41 -16.81 -7.65 0.85
C SER A 41 -18.26 -7.48 1.30
N VAL A 42 -18.73 -6.27 1.39
CA VAL A 42 -20.14 -6.04 1.81
C VAL A 42 -21.10 -6.43 0.69
N GLY A 43 -22.32 -6.70 1.02
CA GLY A 43 -23.31 -7.11 -0.03
C GLY A 43 -23.45 -6.03 -1.10
N ARG A 44 -22.39 -5.33 -1.42
CA ARG A 44 -22.49 -4.28 -2.48
C ARG A 44 -21.49 -4.57 -3.61
N PRO A 45 -21.56 -5.74 -4.19
CA PRO A 45 -20.64 -6.09 -5.33
C PRO A 45 -20.76 -5.11 -6.49
N ARG A 46 -19.67 -4.56 -6.93
CA ARG A 46 -19.72 -3.59 -8.05
C ARG A 46 -19.95 -4.34 -9.37
N GLN A 47 -20.59 -3.69 -10.31
CA GLN A 47 -20.85 -4.33 -11.62
C GLN A 47 -20.21 -3.50 -12.73
N ASP A 48 -19.34 -4.09 -13.49
CA ASP A 48 -18.67 -3.35 -14.60
C ASP A 48 -18.88 -4.15 -15.89
N ARG A 49 -19.41 -3.53 -16.91
CA ARG A 49 -19.63 -4.27 -18.17
C ARG A 49 -18.64 -3.78 -19.23
N VAL A 50 -18.22 -4.64 -20.11
CA VAL A 50 -17.25 -4.20 -21.15
C VAL A 50 -17.76 -4.57 -22.55
N PRO A 51 -17.45 -3.77 -23.55
CA PRO A 51 -17.88 -4.09 -24.93
C PRO A 51 -17.23 -5.37 -25.45
N PRO A 52 -17.81 -5.97 -26.46
CA PRO A 52 -17.23 -7.22 -27.05
C PRO A 52 -15.81 -7.01 -27.57
N SER A 53 -15.55 -5.83 -28.08
CA SER A 53 -14.18 -5.55 -28.63
C SER A 53 -13.16 -5.47 -27.50
N ARG A 54 -13.60 -5.40 -26.28
CA ARG A 54 -12.62 -5.31 -25.15
C ARG A 54 -12.46 -6.69 -24.51
N ASN A 55 -11.31 -7.29 -24.68
CA ASN A 55 -11.07 -8.63 -24.07
C ASN A 55 -10.27 -8.43 -22.78
N SER A 56 -9.92 -7.22 -22.47
CA SER A 56 -9.15 -6.94 -21.22
C SER A 56 -9.72 -5.68 -20.56
N ILE A 57 -9.88 -5.71 -19.27
CA ILE A 57 -10.43 -4.52 -18.55
C ILE A 57 -9.54 -4.17 -17.37
N THR A 58 -9.26 -2.92 -17.17
CA THR A 58 -8.41 -2.52 -16.04
C THR A 58 -9.29 -2.00 -14.90
N LEU A 59 -9.32 -2.68 -13.79
CA LEU A 59 -10.17 -2.21 -12.65
C LEU A 59 -9.36 -1.25 -11.78
N THR A 60 -10.03 -0.33 -11.15
CA THR A 60 -9.32 0.66 -10.30
C THR A 60 -10.09 0.85 -8.98
N ASN A 61 -9.56 1.66 -8.09
CA ASN A 61 -10.26 1.89 -6.80
C ASN A 61 -10.49 0.55 -6.09
N LEU A 62 -9.47 -0.28 -6.04
CA LEU A 62 -9.61 -1.59 -5.36
C LEU A 62 -8.80 -1.58 -4.08
N ASN A 63 -9.18 -2.37 -3.11
CA ASN A 63 -8.40 -2.40 -1.84
C ASN A 63 -7.02 -3.01 -2.13
N PRO A 64 -5.94 -2.28 -1.91
CA PRO A 64 -4.59 -2.81 -2.18
C PRO A 64 -4.25 -4.01 -1.31
N GLY A 65 -3.79 -5.07 -1.91
CA GLY A 65 -3.44 -6.27 -1.12
C GLY A 65 -4.72 -6.97 -0.68
N THR A 66 -5.51 -7.41 -1.61
CA THR A 66 -6.79 -8.08 -1.22
C THR A 66 -7.12 -9.25 -2.15
N GLU A 67 -7.52 -10.35 -1.58
CA GLU A 67 -7.92 -11.50 -2.41
C GLU A 67 -9.41 -11.37 -2.67
N TYR A 68 -9.80 -11.21 -3.90
CA TYR A 68 -11.25 -11.05 -4.18
C TYR A 68 -11.70 -11.94 -5.35
N VAL A 69 -12.98 -11.96 -5.60
CA VAL A 69 -13.53 -12.82 -6.70
C VAL A 69 -13.99 -11.94 -7.87
N VAL A 70 -13.67 -12.34 -9.07
CA VAL A 70 -14.10 -11.54 -10.26
C VAL A 70 -14.90 -12.45 -11.20
N SER A 71 -16.07 -12.02 -11.63
CA SER A 71 -16.90 -12.90 -12.52
C SER A 71 -17.08 -12.32 -13.91
N ILE A 72 -17.04 -13.16 -14.92
CA ILE A 72 -17.25 -12.72 -16.32
C ILE A 72 -18.47 -13.46 -16.89
N ILE A 73 -19.48 -12.76 -17.31
CA ILE A 73 -20.67 -13.46 -17.88
C ILE A 73 -20.81 -13.07 -19.35
N ALA A 74 -20.95 -14.02 -20.22
CA ALA A 74 -21.08 -13.70 -21.67
C ALA A 74 -22.55 -13.56 -22.04
N VAL A 75 -22.91 -12.50 -22.69
CA VAL A 75 -24.34 -12.32 -23.09
C VAL A 75 -24.41 -11.96 -24.57
N ASN A 76 -25.55 -12.16 -25.18
CA ASN A 76 -25.69 -11.82 -26.63
C ASN A 76 -27.07 -11.21 -26.84
N GLY A 77 -27.51 -10.41 -25.92
CA GLY A 77 -28.84 -9.77 -26.05
C GLY A 77 -29.85 -10.53 -25.16
N ARG A 78 -30.60 -11.42 -25.73
CA ARG A 78 -31.58 -12.20 -24.90
C ARG A 78 -31.00 -13.57 -24.56
N GLU A 79 -29.81 -13.86 -24.99
CA GLU A 79 -29.21 -15.19 -24.68
C GLU A 79 -28.05 -15.01 -23.71
N GLU A 80 -27.78 -16.01 -22.91
CA GLU A 80 -26.65 -15.89 -21.93
C GLU A 80 -25.74 -17.12 -22.04
N SER A 81 -24.50 -16.98 -21.69
CA SER A 81 -23.56 -18.14 -21.77
C SER A 81 -23.25 -18.63 -20.34
N PRO A 82 -22.49 -19.68 -20.21
CA PRO A 82 -22.15 -20.21 -18.87
C PRO A 82 -21.28 -19.22 -18.07
N PRO A 83 -21.63 -18.94 -16.83
CA PRO A 83 -20.84 -17.97 -16.01
C PRO A 83 -19.37 -18.35 -15.86
N LEU A 84 -18.51 -17.38 -15.90
CA LEU A 84 -17.05 -17.64 -15.75
C LEU A 84 -16.53 -16.89 -14.53
N ILE A 85 -16.05 -17.58 -13.54
CA ILE A 85 -15.55 -16.87 -12.34
C ILE A 85 -14.14 -17.34 -11.98
N GLY A 86 -13.29 -16.42 -11.59
CA GLY A 86 -11.91 -16.77 -11.21
C GLY A 86 -11.52 -15.93 -10.00
N GLN A 87 -10.50 -16.31 -9.30
CA GLN A 87 -10.09 -15.53 -8.11
C GLN A 87 -8.75 -14.84 -8.38
N GLN A 88 -8.54 -13.71 -7.77
CA GLN A 88 -7.27 -12.96 -7.99
C GLN A 88 -6.92 -12.21 -6.72
N ALA A 89 -5.67 -11.90 -6.54
CA ALA A 89 -5.27 -11.13 -5.32
C ALA A 89 -4.59 -9.84 -5.74
N THR A 90 -5.12 -8.74 -5.28
CA THR A 90 -4.50 -7.42 -5.63
C THR A 90 -3.18 -7.27 -4.86
N VAL A 91 -2.18 -6.70 -5.47
CA VAL A 91 -0.86 -6.53 -4.79
C VAL A 91 -1.00 -5.65 -3.54
N SER A 92 -0.12 -5.83 -2.60
CA SER A 92 -0.18 -5.02 -1.35
C SER A 92 0.51 -3.66 -1.58
N ASP A 93 0.08 -2.65 -0.86
CA ASP A 93 0.69 -1.30 -1.02
C ASP A 93 2.00 -1.19 -0.24
N ILE A 94 2.20 -2.04 0.74
CA ILE A 94 3.46 -1.96 1.55
C ILE A 94 4.59 -2.67 0.80
N PRO A 95 5.79 -2.14 0.82
CA PRO A 95 6.92 -2.83 0.16
C PRO A 95 7.10 -4.22 0.74
N ARG A 96 8.16 -4.91 0.43
CA ARG A 96 8.32 -6.27 1.00
C ARG A 96 9.81 -6.61 1.15
N ASP A 97 10.10 -7.57 1.98
CA ASP A 97 11.52 -7.99 2.20
C ASP A 97 12.28 -6.93 3.00
N LEU A 98 11.64 -6.29 3.95
CA LEU A 98 12.39 -5.28 4.76
C LEU A 98 13.40 -6.05 5.61
N GLU A 99 14.65 -6.02 5.23
CA GLU A 99 15.67 -6.79 6.01
C GLU A 99 17.03 -6.11 5.94
N VAL A 100 17.96 -6.55 6.74
CA VAL A 100 19.31 -5.94 6.70
C VAL A 100 20.31 -6.93 6.10
N ILE A 101 21.10 -6.50 5.17
CA ILE A 101 22.09 -7.42 4.54
C ILE A 101 23.46 -7.20 5.17
N ALA A 102 23.69 -6.02 5.69
CA ALA A 102 25.00 -5.72 6.32
C ALA A 102 24.77 -5.19 7.72
N SER A 103 25.53 -5.63 8.68
CA SER A 103 25.34 -5.14 10.08
C SER A 103 26.61 -4.45 10.56
N THR A 104 26.54 -3.17 10.83
CA THR A 104 27.74 -2.45 11.31
C THR A 104 27.57 -2.18 12.81
N PRO A 105 28.66 -2.00 13.51
CA PRO A 105 28.62 -1.75 14.97
C PRO A 105 27.67 -0.60 15.35
N THR A 106 27.58 0.42 14.53
CA THR A 106 26.67 1.54 14.88
C THR A 106 25.75 1.85 13.70
N SER A 107 25.62 0.96 12.76
CA SER A 107 24.72 1.26 11.62
C SER A 107 24.30 -0.05 10.93
N LEU A 108 23.35 0.02 10.05
CA LEU A 108 22.89 -1.23 9.37
C LEU A 108 22.51 -0.90 7.92
N LEU A 109 22.60 -1.87 7.04
CA LEU A 109 22.22 -1.65 5.63
C LEU A 109 20.83 -2.27 5.42
N ILE A 110 19.89 -1.50 4.93
CA ILE A 110 18.52 -2.06 4.75
C ILE A 110 18.15 -2.14 3.27
N SER A 111 17.30 -3.06 2.94
CA SER A 111 16.87 -3.23 1.52
C SER A 111 15.42 -3.72 1.50
N TRP A 112 14.63 -3.20 0.59
CA TRP A 112 13.20 -3.65 0.50
C TRP A 112 12.76 -3.60 -0.96
N GLU A 113 11.71 -4.30 -1.28
CA GLU A 113 11.23 -4.30 -2.69
C GLU A 113 10.09 -3.26 -2.84
N PRO A 114 10.17 -2.40 -3.83
CA PRO A 114 9.10 -1.37 -4.03
C PRO A 114 7.72 -2.00 -4.26
N PRO A 115 6.67 -1.47 -3.67
CA PRO A 115 5.31 -2.03 -3.86
C PRO A 115 4.86 -2.02 -5.32
N ALA A 116 3.58 -2.12 -5.55
CA ALA A 116 3.06 -2.10 -6.95
C ALA A 116 2.48 -0.72 -7.25
N VAL A 117 2.73 0.24 -6.40
CA VAL A 117 2.19 1.61 -6.64
C VAL A 117 3.32 2.63 -6.50
N SER A 118 3.16 3.81 -7.05
CA SER A 118 4.24 4.83 -6.94
C SER A 118 4.36 5.28 -5.50
N VAL A 119 5.54 5.65 -5.07
CA VAL A 119 5.73 6.09 -3.67
C VAL A 119 6.49 7.41 -3.61
N ARG A 120 6.07 8.32 -2.77
CA ARG A 120 6.82 9.60 -2.67
C ARG A 120 8.13 9.29 -1.97
N TYR A 121 8.03 8.68 -0.83
CA TYR A 121 9.25 8.33 -0.07
C TYR A 121 8.86 7.35 1.05
N TYR A 122 9.81 6.77 1.72
CA TYR A 122 9.47 5.82 2.82
C TYR A 122 10.02 6.38 4.14
N ARG A 123 9.25 6.35 5.19
CA ARG A 123 9.75 6.87 6.48
C ARG A 123 10.23 5.69 7.31
N ILE A 124 11.46 5.70 7.77
CA ILE A 124 11.97 4.55 8.55
C ILE A 124 12.19 4.97 10.02
N THR A 125 11.73 4.16 10.94
CA THR A 125 11.89 4.51 12.39
C THR A 125 12.98 3.67 13.05
N TYR A 126 13.68 4.27 13.97
CA TYR A 126 14.76 3.55 14.71
C TYR A 126 14.17 2.97 15.98
N GLY A 127 14.23 1.68 16.15
CA GLY A 127 13.68 1.08 17.38
C GLY A 127 14.79 0.60 18.29
N GLU A 128 14.72 0.97 19.53
CA GLU A 128 15.73 0.53 20.52
C GLU A 128 15.07 -0.51 21.42
N THR A 129 15.86 -1.27 22.14
CA THR A 129 15.28 -2.31 23.04
C THR A 129 13.89 -1.87 23.51
N GLY A 130 13.70 -0.60 23.73
CA GLY A 130 12.38 -0.11 24.17
C GLY A 130 12.40 0.23 25.66
N GLY A 131 13.52 0.67 26.16
CA GLY A 131 13.59 1.03 27.61
C GLY A 131 12.96 2.40 27.82
N ASN A 132 13.73 3.44 27.74
CA ASN A 132 13.17 4.81 27.94
C ASN A 132 13.67 5.73 26.82
N SER A 133 14.07 5.17 25.70
CA SER A 133 14.58 6.02 24.59
C SER A 133 13.54 6.06 23.45
N PRO A 134 13.03 7.23 23.12
CA PRO A 134 12.03 7.34 22.02
C PRO A 134 12.59 6.89 20.66
N VAL A 135 11.75 6.47 19.76
CA VAL A 135 12.23 6.01 18.43
C VAL A 135 12.67 7.21 17.60
N GLN A 136 13.62 7.02 16.72
CA GLN A 136 14.07 8.14 15.85
C GLN A 136 13.79 7.75 14.40
N GLU A 137 13.29 8.65 13.60
CA GLU A 137 12.96 8.28 12.20
C GLU A 137 13.58 9.23 11.18
N PHE A 138 13.68 8.75 9.95
CA PHE A 138 14.27 9.58 8.87
C PHE A 138 13.52 9.26 7.56
N THR A 139 13.54 10.16 6.60
CA THR A 139 12.79 9.89 5.33
C THR A 139 13.67 9.13 4.33
N VAL A 140 13.06 8.58 3.31
CA VAL A 140 13.84 7.79 2.32
C VAL A 140 13.54 8.27 0.89
N PRO A 141 14.50 8.75 0.15
CA PRO A 141 14.23 9.22 -1.24
C PRO A 141 13.67 8.08 -2.11
N GLY A 142 12.60 8.32 -2.81
CA GLY A 142 12.01 7.25 -3.67
C GLY A 142 12.99 6.89 -4.79
N SER A 143 14.14 7.48 -4.81
CA SER A 143 15.13 7.16 -5.88
C SER A 143 16.02 5.99 -5.45
N LYS A 144 15.86 5.50 -4.25
CA LYS A 144 16.71 4.37 -3.79
C LYS A 144 15.82 3.24 -3.24
N SER A 145 16.14 2.02 -3.54
CA SER A 145 15.33 0.88 -3.02
C SER A 145 15.96 0.36 -1.73
N THR A 146 17.12 0.85 -1.39
CA THR A 146 17.79 0.40 -0.14
C THR A 146 18.30 1.63 0.62
N ALA A 147 18.43 1.54 1.91
CA ALA A 147 18.91 2.72 2.67
C ALA A 147 19.90 2.28 3.74
N THR A 148 20.48 3.22 4.44
CA THR A 148 21.47 2.87 5.49
C THR A 148 20.97 3.41 6.83
N ILE A 149 21.25 2.73 7.90
CA ILE A 149 20.77 3.19 9.23
C ILE A 149 21.98 3.60 10.09
N ASN A 150 22.03 4.83 10.52
CA ASN A 150 23.17 5.30 11.35
C ASN A 150 22.66 5.87 12.68
N ASN A 151 23.55 6.27 13.54
CA ASN A 151 23.12 6.83 14.86
C ASN A 151 22.31 5.79 15.63
N ILE A 152 22.81 4.58 15.67
CA ILE A 152 22.10 3.49 16.39
C ILE A 152 22.87 3.17 17.68
N LYS A 153 22.20 2.65 18.68
CA LYS A 153 22.92 2.34 19.96
C LYS A 153 23.30 0.85 20.00
N PRO A 154 24.56 0.51 19.90
CA PRO A 154 25.00 -0.92 19.93
C PRO A 154 24.81 -1.56 21.32
N GLY A 155 25.04 -2.84 21.40
CA GLY A 155 24.89 -3.55 22.72
C GLY A 155 23.45 -3.49 23.20
N ALA A 156 22.51 -3.40 22.30
CA ALA A 156 21.09 -3.35 22.73
C ALA A 156 20.19 -3.91 21.63
N ASP A 157 19.03 -4.38 21.98
CA ASP A 157 18.09 -4.92 20.95
C ASP A 157 17.52 -3.73 20.17
N TYR A 158 17.10 -3.93 18.96
CA TYR A 158 16.55 -2.79 18.17
C TYR A 158 15.37 -3.24 17.33
N THR A 159 14.56 -2.30 16.92
CA THR A 159 13.40 -2.62 16.05
C THR A 159 13.35 -1.59 14.91
N ILE A 160 13.43 -2.02 13.69
CA ILE A 160 13.38 -1.03 12.58
C ILE A 160 12.01 -1.11 11.90
N THR A 161 11.30 -0.02 11.87
CA THR A 161 9.95 -0.03 11.24
C THR A 161 9.83 1.12 10.25
N LEU A 162 9.18 0.90 9.14
CA LEU A 162 9.06 2.01 8.16
C LEU A 162 7.65 2.09 7.58
N TYR A 163 7.27 3.28 7.20
CA TYR A 163 5.93 3.53 6.61
C TYR A 163 6.12 4.08 5.20
N ALA A 164 5.34 3.68 4.25
CA ALA A 164 5.52 4.22 2.88
C ALA A 164 4.46 5.30 2.61
N VAL A 165 4.86 6.42 2.09
CA VAL A 165 3.88 7.51 1.81
C VAL A 165 3.81 7.76 0.30
N THR A 166 2.64 7.66 -0.26
CA THR A 166 2.47 7.89 -1.73
C THR A 166 1.46 9.00 -1.97
N GLY A 167 0.23 8.77 -1.60
CA GLY A 167 -0.85 9.78 -1.80
C GLY A 167 -0.25 11.19 -1.90
N ARG A 168 -0.79 12.01 -2.75
CA ARG A 168 -0.25 13.40 -2.90
C ARG A 168 -1.36 14.40 -2.62
N GLY A 169 -1.07 15.39 -1.82
CA GLY A 169 -2.10 16.40 -1.49
C GLY A 169 -1.94 16.83 -0.04
N ASP A 170 -3.01 17.24 0.59
CA ASP A 170 -2.93 17.65 2.01
C ASP A 170 -3.21 16.46 2.92
N SER A 171 -3.47 15.32 2.34
CA SER A 171 -3.75 14.11 3.17
C SER A 171 -2.93 12.92 2.67
N PRO A 172 -1.65 12.92 2.95
CA PRO A 172 -0.76 11.82 2.52
C PRO A 172 -1.13 10.50 3.21
N ALA A 173 -1.68 9.58 2.48
CA ALA A 173 -2.08 8.28 3.08
C ALA A 173 -0.87 7.33 3.12
N SER A 174 -0.82 6.46 4.08
CA SER A 174 0.33 5.52 4.18
C SER A 174 -0.19 4.07 4.25
N SER A 175 0.55 3.14 3.73
CA SER A 175 0.11 1.72 3.77
C SER A 175 0.39 1.16 5.17
N LYS A 176 -0.11 -0.02 5.46
CA LYS A 176 0.14 -0.59 6.81
C LYS A 176 1.66 -0.65 7.05
N PRO A 177 2.14 -0.14 8.16
CA PRO A 177 3.60 -0.17 8.44
C PRO A 177 4.17 -1.59 8.55
N VAL A 178 5.38 -1.77 8.10
CA VAL A 178 6.02 -3.11 8.23
C VAL A 178 7.19 -2.99 9.20
N SER A 179 7.26 -3.83 10.19
CA SER A 179 8.35 -3.69 11.19
C SER A 179 9.17 -4.98 11.31
N ILE A 180 10.43 -4.84 11.64
CA ILE A 180 11.31 -6.02 11.80
C ILE A 180 12.11 -5.86 13.10
N ASN A 181 12.64 -6.92 13.62
CA ASN A 181 13.43 -6.80 14.88
C ASN A 181 14.91 -6.93 14.55
N TYR A 182 15.75 -6.14 15.17
CA TYR A 182 17.20 -6.21 14.86
C TYR A 182 18.02 -6.18 16.15
N LYS A 183 18.95 -7.09 16.30
CA LYS A 183 19.80 -7.11 17.52
C LYS A 183 21.15 -6.47 17.20
N THR A 184 21.69 -5.69 18.08
CA THR A 184 23.02 -5.05 17.80
C THR A 184 24.11 -5.78 18.58
N GLY A 1 -20.87 -21.77 -33.81
CA GLY A 1 -20.49 -20.87 -32.64
C GLY A 1 -19.20 -20.12 -32.69
N LEU A 2 -18.99 -19.21 -31.78
CA LEU A 2 -17.73 -18.43 -31.77
C LEU A 2 -17.01 -18.66 -30.45
N ASP A 3 -15.74 -18.92 -30.50
CA ASP A 3 -14.97 -19.15 -29.25
C ASP A 3 -14.75 -17.81 -28.55
N SER A 4 -14.68 -17.80 -27.25
CA SER A 4 -14.48 -16.51 -26.52
C SER A 4 -12.99 -16.14 -26.50
N PRO A 5 -12.65 -14.92 -26.83
CA PRO A 5 -11.21 -14.48 -26.82
C PRO A 5 -10.58 -14.65 -25.43
N THR A 6 -10.18 -15.83 -25.07
CA THR A 6 -9.58 -16.03 -23.73
C THR A 6 -8.09 -15.72 -23.77
N GLY A 7 -7.34 -16.21 -22.82
CA GLY A 7 -5.90 -15.88 -22.79
C GLY A 7 -5.80 -14.49 -22.19
N PHE A 8 -6.84 -14.09 -21.52
CA PHE A 8 -6.91 -12.75 -20.89
C PHE A 8 -5.77 -12.58 -19.89
N ASP A 9 -5.11 -11.47 -19.93
CA ASP A 9 -4.00 -11.21 -18.98
C ASP A 9 -3.78 -9.70 -18.90
N SER A 10 -3.34 -9.19 -17.78
CA SER A 10 -3.13 -7.73 -17.66
C SER A 10 -1.64 -7.44 -17.48
N SER A 11 -1.11 -6.53 -18.23
CA SER A 11 0.33 -6.19 -18.09
C SER A 11 0.55 -4.72 -18.41
N ASP A 12 1.77 -4.25 -18.43
CA ASP A 12 1.97 -2.81 -18.70
C ASP A 12 0.99 -2.09 -17.82
N ILE A 13 0.96 -2.48 -16.58
CA ILE A 13 0.01 -1.90 -15.61
C ILE A 13 0.55 -0.58 -15.04
N THR A 14 -0.24 0.46 -15.10
CA THR A 14 0.20 1.75 -14.53
C THR A 14 -0.73 2.07 -13.35
N ALA A 15 -0.35 2.95 -12.47
CA ALA A 15 -1.23 3.25 -11.31
C ALA A 15 -2.54 3.89 -11.81
N ASN A 16 -2.46 4.94 -12.58
CA ASN A 16 -3.70 5.58 -13.09
C ASN A 16 -4.08 4.97 -14.44
N SER A 17 -3.30 4.04 -14.91
CA SER A 17 -3.60 3.40 -16.22
C SER A 17 -2.98 2.01 -16.25
N PHE A 18 -3.46 1.15 -17.11
CA PHE A 18 -2.85 -0.22 -17.17
C PHE A 18 -3.26 -0.90 -18.48
N THR A 19 -2.46 -1.79 -19.02
CA THR A 19 -2.86 -2.44 -20.31
C THR A 19 -3.55 -3.79 -20.06
N VAL A 20 -4.33 -4.22 -21.02
CA VAL A 20 -5.04 -5.53 -20.91
C VAL A 20 -4.73 -6.32 -22.18
N HIS A 21 -4.89 -7.62 -22.18
CA HIS A 21 -4.59 -8.40 -23.40
C HIS A 21 -5.46 -9.67 -23.47
N TRP A 22 -5.71 -10.16 -24.66
CA TRP A 22 -6.54 -11.40 -24.81
C TRP A 22 -6.14 -12.10 -26.10
N VAL A 23 -6.44 -13.37 -26.22
CA VAL A 23 -6.08 -14.08 -27.47
C VAL A 23 -7.17 -13.86 -28.52
N ALA A 24 -6.82 -14.03 -29.76
CA ALA A 24 -7.80 -13.85 -30.84
C ALA A 24 -8.33 -15.21 -31.29
N PRO A 25 -9.63 -15.44 -31.19
CA PRO A 25 -10.19 -16.76 -31.61
C PRO A 25 -9.94 -17.06 -33.09
N ARG A 26 -9.82 -18.31 -33.45
CA ARG A 26 -9.57 -18.65 -34.87
C ARG A 26 -10.89 -18.57 -35.64
N ALA A 27 -11.99 -18.48 -34.94
CA ALA A 27 -13.31 -18.39 -35.62
C ALA A 27 -13.46 -17.00 -36.27
N PRO A 28 -14.20 -16.90 -37.33
CA PRO A 28 -14.39 -15.59 -38.03
C PRO A 28 -15.00 -14.53 -37.10
N ILE A 29 -14.36 -13.39 -37.00
CA ILE A 29 -14.90 -12.31 -36.13
C ILE A 29 -14.79 -10.97 -36.84
N THR A 30 -15.46 -9.96 -36.35
CA THR A 30 -15.39 -8.62 -37.01
C THR A 30 -14.72 -7.61 -36.07
N GLY A 31 -14.39 -8.01 -34.88
CA GLY A 31 -13.74 -7.06 -33.93
C GLY A 31 -14.12 -7.43 -32.50
N TYR A 32 -13.70 -6.64 -31.54
CA TYR A 32 -14.03 -6.95 -30.12
C TYR A 32 -14.58 -5.71 -29.42
N ILE A 33 -15.43 -5.89 -28.45
CA ILE A 33 -15.97 -4.73 -27.69
C ILE A 33 -15.41 -4.78 -26.26
N ILE A 34 -14.92 -3.68 -25.76
CA ILE A 34 -14.34 -3.70 -24.40
C ILE A 34 -15.11 -2.76 -23.46
N ARG A 35 -15.48 -3.23 -22.31
CA ARG A 35 -16.18 -2.36 -21.34
C ARG A 35 -15.30 -2.30 -20.08
N HIS A 36 -15.15 -1.16 -19.47
CA HIS A 36 -14.26 -1.10 -18.26
C HIS A 36 -14.97 -0.41 -17.09
N HIS A 37 -14.79 -0.92 -15.92
CA HIS A 37 -15.42 -0.31 -14.72
C HIS A 37 -14.74 -0.83 -13.45
N ALA A 38 -14.76 -0.05 -12.38
CA ALA A 38 -14.12 -0.48 -11.11
C ALA A 38 -15.19 -1.10 -10.20
N GLU A 39 -14.81 -2.04 -9.38
CA GLU A 39 -15.81 -2.69 -8.48
C GLU A 39 -16.43 -1.64 -7.57
N HIS A 40 -15.63 -0.73 -7.12
CA HIS A 40 -16.12 0.33 -6.20
C HIS A 40 -16.76 1.48 -7.01
N SER A 41 -16.80 1.38 -8.30
CA SER A 41 -17.40 2.47 -9.11
C SER A 41 -18.89 2.17 -9.35
N VAL A 42 -19.75 3.09 -8.99
CA VAL A 42 -21.20 2.87 -9.21
C VAL A 42 -21.65 3.61 -10.47
N GLY A 43 -20.80 4.44 -11.00
CA GLY A 43 -21.18 5.20 -12.22
C GLY A 43 -21.47 4.23 -13.36
N ARG A 44 -21.91 4.72 -14.48
CA ARG A 44 -22.22 3.81 -15.62
C ARG A 44 -20.90 3.25 -16.19
N PRO A 45 -20.81 1.96 -16.42
CA PRO A 45 -19.57 1.36 -16.97
C PRO A 45 -19.19 2.00 -18.32
N ARG A 46 -17.94 2.29 -18.51
CA ARG A 46 -17.51 2.92 -19.79
C ARG A 46 -17.53 1.88 -20.91
N GLN A 47 -17.65 2.32 -22.12
CA GLN A 47 -17.68 1.37 -23.27
C GLN A 47 -16.54 1.67 -24.24
N ASP A 48 -15.57 0.80 -24.29
CA ASP A 48 -14.43 1.01 -25.22
C ASP A 48 -14.36 -0.18 -26.17
N ARG A 49 -14.37 0.04 -27.44
CA ARG A 49 -14.32 -1.09 -28.40
C ARG A 49 -12.95 -1.10 -29.08
N VAL A 50 -12.49 -2.26 -29.50
CA VAL A 50 -11.15 -2.30 -30.15
C VAL A 50 -11.23 -3.09 -31.46
N PRO A 51 -10.48 -2.71 -32.48
CA PRO A 51 -10.49 -3.44 -33.77
C PRO A 51 -9.96 -4.88 -33.61
N PRO A 52 -10.27 -5.75 -34.53
CA PRO A 52 -9.82 -7.16 -34.47
C PRO A 52 -8.28 -7.26 -34.44
N SER A 53 -7.60 -6.36 -35.09
CA SER A 53 -6.11 -6.42 -35.13
C SER A 53 -5.52 -5.97 -33.79
N ARG A 54 -6.30 -5.42 -32.91
CA ARG A 54 -5.74 -4.98 -31.60
C ARG A 54 -6.09 -5.99 -30.52
N ASN A 55 -5.09 -6.59 -29.93
CA ASN A 55 -5.35 -7.59 -28.85
C ASN A 55 -5.03 -6.96 -27.49
N SER A 56 -4.63 -5.72 -27.47
CA SER A 56 -4.29 -5.05 -26.18
C SER A 56 -4.99 -3.68 -26.12
N ILE A 57 -5.51 -3.32 -24.97
CA ILE A 57 -6.17 -2.00 -24.83
C ILE A 57 -5.62 -1.28 -23.60
N THR A 58 -5.21 -0.05 -23.75
CA THR A 58 -4.65 0.68 -22.58
C THR A 58 -5.72 1.59 -21.98
N LEU A 59 -6.03 1.40 -20.73
CA LEU A 59 -7.06 2.25 -20.06
C LEU A 59 -6.36 3.36 -19.29
N THR A 60 -6.89 4.55 -19.36
CA THR A 60 -6.24 5.70 -18.64
C THR A 60 -7.24 6.35 -17.68
N ASN A 61 -6.80 7.36 -16.97
CA ASN A 61 -7.71 8.05 -16.02
C ASN A 61 -8.34 7.04 -15.06
N LEU A 62 -7.53 6.19 -14.48
CA LEU A 62 -8.07 5.18 -13.53
C LEU A 62 -7.59 5.50 -12.12
N ASN A 63 -8.29 5.02 -11.12
CA ASN A 63 -7.87 5.30 -9.72
C ASN A 63 -6.56 4.54 -9.41
N PRO A 64 -5.56 5.21 -8.88
CA PRO A 64 -4.27 4.54 -8.55
C PRO A 64 -4.40 3.43 -7.51
N GLY A 65 -3.82 2.29 -7.78
CA GLY A 65 -3.90 1.19 -6.79
C GLY A 65 -5.34 0.72 -6.70
N THR A 66 -5.85 0.16 -7.75
CA THR A 66 -7.29 -0.29 -7.70
C THR A 66 -7.55 -1.50 -8.58
N GLU A 67 -8.53 -2.29 -8.20
CA GLU A 67 -8.90 -3.48 -9.02
C GLU A 67 -10.02 -3.07 -9.98
N TYR A 68 -9.79 -3.19 -11.26
CA TYR A 68 -10.84 -2.78 -12.23
C TYR A 68 -11.41 -4.00 -12.96
N VAL A 69 -12.70 -4.00 -13.17
CA VAL A 69 -13.33 -5.15 -13.90
C VAL A 69 -13.37 -4.78 -15.39
N VAL A 70 -12.77 -5.58 -16.23
CA VAL A 70 -12.78 -5.25 -17.67
C VAL A 70 -13.47 -6.36 -18.46
N SER A 71 -14.47 -6.03 -19.24
CA SER A 71 -15.19 -7.07 -20.02
C SER A 71 -14.70 -7.12 -21.47
N ILE A 72 -14.46 -8.30 -21.97
CA ILE A 72 -14.00 -8.44 -23.39
C ILE A 72 -15.08 -9.20 -24.16
N ILE A 73 -15.49 -8.70 -25.30
CA ILE A 73 -16.54 -9.40 -26.08
C ILE A 73 -16.07 -9.61 -27.52
N ALA A 74 -16.68 -10.53 -28.19
CA ALA A 74 -16.28 -10.81 -29.61
C ALA A 74 -17.54 -10.79 -30.49
N VAL A 75 -17.50 -10.09 -31.58
CA VAL A 75 -18.69 -10.05 -32.47
C VAL A 75 -18.26 -10.40 -33.90
N ASN A 76 -19.16 -10.96 -34.67
CA ASN A 76 -18.80 -11.32 -36.07
C ASN A 76 -19.83 -10.70 -37.01
N GLY A 77 -20.32 -9.55 -36.64
CA GLY A 77 -21.33 -8.87 -37.50
C GLY A 77 -22.73 -9.24 -36.99
N ARG A 78 -23.29 -10.30 -37.51
CA ARG A 78 -24.65 -10.72 -37.07
C ARG A 78 -24.56 -11.67 -35.88
N GLU A 79 -23.43 -12.27 -35.66
CA GLU A 79 -23.32 -13.23 -34.52
C GLU A 79 -22.56 -12.60 -33.36
N GLU A 80 -22.87 -13.02 -32.15
CA GLU A 80 -22.16 -12.47 -30.96
C GLU A 80 -21.48 -13.62 -30.21
N SER A 81 -20.35 -13.36 -29.60
CA SER A 81 -19.64 -14.44 -28.86
C SER A 81 -19.86 -14.26 -27.35
N PRO A 82 -19.65 -15.28 -26.56
CA PRO A 82 -19.84 -15.18 -25.08
C PRO A 82 -18.91 -14.14 -24.45
N PRO A 83 -19.44 -13.23 -23.64
CA PRO A 83 -18.60 -12.19 -23.00
C PRO A 83 -17.50 -12.76 -22.09
N LEU A 84 -16.37 -12.09 -22.06
CA LEU A 84 -15.24 -12.55 -21.21
C LEU A 84 -14.91 -11.45 -20.20
N ILE A 85 -15.02 -11.72 -18.92
CA ILE A 85 -14.71 -10.68 -17.92
C ILE A 85 -13.58 -11.13 -17.01
N GLY A 86 -12.60 -10.30 -16.84
CA GLY A 86 -11.46 -10.62 -15.96
C GLY A 86 -11.19 -9.42 -15.06
N GLN A 87 -10.38 -9.58 -14.07
CA GLN A 87 -10.10 -8.45 -13.15
C GLN A 87 -8.60 -8.15 -13.13
N GLN A 88 -8.25 -6.90 -12.97
CA GLN A 88 -6.82 -6.52 -12.93
C GLN A 88 -6.66 -5.43 -11.88
N ALA A 89 -5.47 -5.22 -11.38
CA ALA A 89 -5.29 -4.17 -10.35
C ALA A 89 -4.31 -3.10 -10.82
N THR A 90 -4.66 -1.86 -10.60
CA THR A 90 -3.77 -0.74 -11.01
C THR A 90 -2.60 -0.70 -10.04
N VAL A 91 -1.40 -0.59 -10.55
CA VAL A 91 -0.18 -0.55 -9.68
C VAL A 91 -0.43 0.21 -8.39
N SER A 92 0.52 0.15 -7.49
CA SER A 92 0.39 0.85 -6.20
C SER A 92 1.30 2.08 -6.20
N ASP A 93 0.94 3.08 -5.43
CA ASP A 93 1.77 4.31 -5.39
C ASP A 93 3.19 3.99 -4.93
N ILE A 94 3.37 3.12 -3.97
CA ILE A 94 4.76 2.82 -3.54
C ILE A 94 5.45 1.98 -4.63
N PRO A 95 6.72 2.20 -4.86
CA PRO A 95 7.46 1.38 -5.85
C PRO A 95 7.47 -0.09 -5.46
N ARG A 96 8.40 -0.86 -5.97
CA ARG A 96 8.46 -2.29 -5.62
C ARG A 96 9.88 -2.81 -5.78
N ASP A 97 10.16 -3.98 -5.26
CA ASP A 97 11.52 -4.55 -5.37
C ASP A 97 12.48 -3.83 -4.41
N LEU A 98 11.99 -3.45 -3.26
CA LEU A 98 12.86 -2.77 -2.26
C LEU A 98 13.88 -3.78 -1.76
N GLU A 99 15.11 -3.64 -2.17
CA GLU A 99 16.14 -4.62 -1.72
C GLU A 99 17.53 -4.00 -1.87
N VAL A 100 18.51 -4.57 -1.21
CA VAL A 100 19.89 -4.02 -1.31
C VAL A 100 20.65 -4.74 -2.42
N ILE A 101 21.43 -4.02 -3.18
CA ILE A 101 22.21 -4.65 -4.27
C ILE A 101 23.70 -4.47 -4.01
N ALA A 102 24.03 -3.57 -3.13
CA ALA A 102 25.45 -3.32 -2.79
C ALA A 102 25.55 -3.07 -1.29
N SER A 103 26.45 -3.75 -0.61
CA SER A 103 26.57 -3.54 0.85
C SER A 103 27.96 -2.99 1.17
N THR A 104 28.02 -1.83 1.76
CA THR A 104 29.33 -1.24 2.12
C THR A 104 29.56 -1.44 3.62
N PRO A 105 30.79 -1.40 4.05
CA PRO A 105 31.10 -1.60 5.49
C PRO A 105 30.27 -0.69 6.40
N THR A 106 29.99 0.51 5.97
CA THR A 106 29.18 1.43 6.83
C THR A 106 28.03 2.02 6.02
N SER A 107 27.68 1.43 4.91
CA SER A 107 26.56 1.99 4.11
C SER A 107 25.91 0.88 3.29
N LEU A 108 24.70 1.10 2.85
CA LEU A 108 24.01 0.06 2.04
C LEU A 108 23.38 0.72 0.82
N LEU A 109 23.26 0.01 -0.25
CA LEU A 109 22.65 0.61 -1.47
C LEU A 109 21.24 0.04 -1.64
N ILE A 110 20.25 0.88 -1.63
CA ILE A 110 18.86 0.39 -1.79
C ILE A 110 18.41 0.58 -3.23
N SER A 111 17.72 -0.38 -3.78
CA SER A 111 17.25 -0.26 -5.18
C SER A 111 15.78 -0.65 -5.28
N TRP A 112 15.00 0.14 -5.97
CA TRP A 112 13.55 -0.18 -6.13
C TRP A 112 13.11 0.27 -7.52
N GLU A 113 12.22 -0.45 -8.14
CA GLU A 113 11.76 -0.02 -9.50
C GLU A 113 10.86 1.21 -9.34
N PRO A 114 10.89 2.12 -10.28
CA PRO A 114 10.05 3.35 -10.18
C PRO A 114 8.55 3.00 -10.08
N PRO A 115 7.81 3.65 -9.21
CA PRO A 115 6.36 3.35 -9.09
C PRO A 115 5.61 3.66 -10.38
N ALA A 116 4.32 3.77 -10.33
CA ALA A 116 3.55 4.08 -11.55
C ALA A 116 2.90 5.47 -11.38
N VAL A 117 3.31 6.20 -10.37
CA VAL A 117 2.74 7.56 -10.15
C VAL A 117 3.88 8.58 -9.95
N SER A 118 3.60 9.83 -10.15
CA SER A 118 4.66 10.87 -9.95
C SER A 118 4.95 10.99 -8.45
N VAL A 119 6.21 11.00 -8.07
CA VAL A 119 6.53 11.10 -6.62
C VAL A 119 7.42 12.31 -6.37
N ARG A 120 7.13 13.08 -5.36
CA ARG A 120 8.01 14.25 -5.05
C ARG A 120 9.30 13.70 -4.48
N TYR A 121 9.18 12.87 -3.48
CA TYR A 121 10.39 12.28 -2.86
C TYR A 121 9.97 11.12 -1.95
N TYR A 122 10.91 10.35 -1.47
CA TYR A 122 10.56 9.22 -0.56
C TYR A 122 11.32 9.40 0.76
N ARG A 123 10.72 9.05 1.87
CA ARG A 123 11.43 9.21 3.16
C ARG A 123 11.91 7.84 3.61
N ILE A 124 13.18 7.69 3.88
CA ILE A 124 13.69 6.35 4.28
C ILE A 124 14.23 6.41 5.71
N THR A 125 14.04 5.36 6.45
CA THR A 125 14.52 5.37 7.87
C THR A 125 15.58 4.30 8.13
N TYR A 126 16.53 4.61 8.98
CA TYR A 126 17.60 3.64 9.34
C TYR A 126 17.11 2.81 10.50
N GLY A 127 17.21 1.52 10.43
CA GLY A 127 16.76 0.67 11.55
C GLY A 127 17.96 0.10 12.32
N GLU A 128 18.10 0.49 13.55
CA GLU A 128 19.22 -0.05 14.38
C GLU A 128 18.62 -0.97 15.45
N THR A 129 18.64 -2.25 15.26
CA THR A 129 18.07 -3.16 16.28
C THR A 129 18.81 -2.99 17.60
N GLY A 130 20.11 -2.84 17.53
CA GLY A 130 20.90 -2.68 18.79
C GLY A 130 20.28 -1.59 19.66
N GLY A 131 19.81 -0.54 19.06
CA GLY A 131 19.18 0.55 19.86
C GLY A 131 20.24 1.54 20.36
N ASN A 132 21.46 1.43 19.88
CA ASN A 132 22.51 2.38 20.34
C ASN A 132 22.09 3.80 20.00
N SER A 133 21.52 3.98 18.85
CA SER A 133 21.06 5.33 18.45
C SER A 133 19.66 5.21 17.82
N PRO A 134 18.85 6.23 17.94
CA PRO A 134 17.48 6.18 17.36
C PRO A 134 17.50 5.97 15.84
N VAL A 135 16.38 5.65 15.27
CA VAL A 135 16.34 5.44 13.78
C VAL A 135 16.78 6.73 13.11
N GLN A 136 17.34 6.64 11.92
CA GLN A 136 17.76 7.89 11.22
C GLN A 136 16.96 8.00 9.92
N GLU A 137 16.47 9.17 9.60
CA GLU A 137 15.67 9.28 8.36
C GLU A 137 16.27 10.33 7.41
N PHE A 138 16.18 10.08 6.13
CA PHE A 138 16.70 11.05 5.13
C PHE A 138 15.70 11.12 3.98
N THR A 139 15.72 12.17 3.21
CA THR A 139 14.72 12.28 2.11
C THR A 139 15.29 11.77 0.78
N VAL A 140 14.42 11.57 -0.17
CA VAL A 140 14.85 11.06 -1.50
C VAL A 140 14.17 11.88 -2.60
N PRO A 141 14.75 12.99 -2.99
CA PRO A 141 14.14 13.85 -4.04
C PRO A 141 13.93 13.12 -5.37
N GLY A 142 13.32 11.96 -5.34
CA GLY A 142 13.09 11.21 -6.61
C GLY A 142 14.26 11.42 -7.57
N SER A 143 15.41 11.76 -7.05
CA SER A 143 16.58 11.99 -7.96
C SER A 143 16.91 10.71 -8.72
N LYS A 144 16.82 9.59 -8.06
CA LYS A 144 17.11 8.31 -8.74
C LYS A 144 16.21 7.20 -8.19
N SER A 145 16.23 6.06 -8.81
CA SER A 145 15.37 4.93 -8.34
C SER A 145 16.09 4.19 -7.21
N THR A 146 17.28 4.61 -6.88
CA THR A 146 18.04 3.94 -5.79
C THR A 146 18.56 4.99 -4.81
N ALA A 147 18.73 4.65 -3.57
CA ALA A 147 19.22 5.66 -2.59
C ALA A 147 20.45 5.11 -1.86
N THR A 148 21.35 5.96 -1.48
CA THR A 148 22.56 5.49 -0.74
C THR A 148 22.31 5.59 0.76
N ILE A 149 22.80 4.66 1.50
CA ILE A 149 22.59 4.70 2.98
C ILE A 149 23.93 4.89 3.68
N ASN A 150 24.08 5.95 4.44
CA ASN A 150 25.37 6.20 5.14
C ASN A 150 25.12 6.40 6.64
N ASN A 151 26.16 6.44 7.43
CA ASN A 151 25.99 6.64 8.90
C ASN A 151 25.32 5.40 9.52
N ILE A 152 25.82 4.23 9.20
CA ILE A 152 25.24 2.98 9.76
C ILE A 152 26.28 2.32 10.67
N LYS A 153 25.87 1.65 11.71
CA LYS A 153 26.86 1.02 12.62
C LYS A 153 27.06 -0.45 12.23
N PRO A 154 28.22 -0.81 11.70
CA PRO A 154 28.47 -2.22 11.30
C PRO A 154 28.47 -3.19 12.49
N GLY A 155 28.36 -4.47 12.23
CA GLY A 155 28.36 -5.46 13.34
C GLY A 155 27.04 -5.41 14.12
N ALA A 156 25.98 -4.97 13.50
CA ALA A 156 24.68 -4.89 14.22
C ALA A 156 23.53 -5.18 13.26
N ASP A 157 22.48 -5.80 13.74
CA ASP A 157 21.32 -6.08 12.85
C ASP A 157 20.65 -4.75 12.54
N TYR A 158 20.01 -4.63 11.40
CA TYR A 158 19.36 -3.33 11.07
C TYR A 158 17.99 -3.54 10.45
N THR A 159 17.29 -2.45 10.25
CA THR A 159 15.94 -2.50 9.61
C THR A 159 15.82 -1.29 8.68
N ILE A 160 15.78 -1.50 7.40
CA ILE A 160 15.68 -0.33 6.47
C ILE A 160 14.25 -0.20 5.96
N THR A 161 13.64 0.93 6.15
CA THR A 161 12.24 1.10 5.66
C THR A 161 12.16 2.31 4.75
N LEU A 162 11.42 2.21 3.68
CA LEU A 162 11.32 3.35 2.73
C LEU A 162 9.86 3.83 2.62
N TYR A 163 9.66 5.13 2.63
CA TYR A 163 8.28 5.69 2.52
C TYR A 163 8.21 6.60 1.30
N ALA A 164 7.12 6.58 0.59
CA ALA A 164 7.00 7.46 -0.60
C ALA A 164 6.10 8.65 -0.25
N VAL A 165 6.59 9.85 -0.42
CA VAL A 165 5.75 11.04 -0.09
C VAL A 165 5.37 11.78 -1.37
N THR A 166 4.11 11.90 -1.64
CA THR A 166 3.65 12.62 -2.86
C THR A 166 3.32 14.06 -2.49
N GLY A 167 2.63 14.25 -1.41
CA GLY A 167 2.27 15.64 -0.97
C GLY A 167 3.35 16.17 -0.04
N ARG A 168 3.37 17.46 0.19
CA ARG A 168 4.40 18.02 1.10
C ARG A 168 3.75 18.61 2.36
N GLY A 169 3.76 19.90 2.48
CA GLY A 169 3.16 20.55 3.68
C GLY A 169 1.64 20.68 3.51
N ASP A 170 1.16 20.80 2.30
CA ASP A 170 -0.31 20.96 2.10
C ASP A 170 -1.01 19.63 2.37
N SER A 171 -0.47 18.57 1.86
CA SER A 171 -1.09 17.23 2.09
C SER A 171 0.01 16.19 2.30
N PRO A 172 0.74 16.30 3.38
CA PRO A 172 1.82 15.33 3.69
C PRO A 172 1.29 13.92 3.96
N ALA A 173 1.04 13.16 2.94
CA ALA A 173 0.53 11.78 3.15
C ALA A 173 1.51 10.77 2.54
N SER A 174 1.74 9.67 3.20
CA SER A 174 2.70 8.67 2.65
C SER A 174 1.92 7.51 2.03
N SER A 175 2.60 6.69 1.28
CA SER A 175 1.93 5.53 0.62
C SER A 175 2.31 4.25 1.38
N LYS A 176 1.54 3.19 1.24
CA LYS A 176 1.84 1.91 1.97
C LYS A 176 3.36 1.66 2.00
N PRO A 177 4.03 1.97 3.10
CA PRO A 177 5.51 1.78 3.21
C PRO A 177 5.99 0.33 3.08
N VAL A 178 7.24 0.15 2.74
CA VAL A 178 7.81 -1.22 2.61
C VAL A 178 9.03 -1.31 3.53
N SER A 179 9.12 -2.33 4.35
CA SER A 179 10.28 -2.42 5.29
C SER A 179 11.07 -3.70 5.03
N ILE A 180 12.37 -3.68 5.29
CA ILE A 180 13.20 -4.89 5.08
C ILE A 180 14.18 -5.03 6.25
N ASN A 181 14.72 -6.19 6.46
CA ASN A 181 15.71 -6.37 7.56
C ASN A 181 17.11 -6.44 6.98
N TYR A 182 18.02 -5.65 7.49
CA TYR A 182 19.41 -5.67 6.92
C TYR A 182 20.42 -5.97 8.03
N LYS A 183 21.26 -6.95 7.80
CA LYS A 183 22.29 -7.29 8.82
C LYS A 183 23.63 -6.68 8.40
N THR A 184 24.36 -6.11 9.32
CA THR A 184 25.68 -5.51 8.96
C THR A 184 26.81 -6.34 9.54
N GLY A 1 -22.77 -2.88 -28.99
CA GLY A 1 -23.65 -1.65 -29.22
C GLY A 1 -23.17 -0.31 -28.77
N LEU A 2 -22.49 -0.25 -27.67
CA LEU A 2 -21.97 1.05 -27.17
C LEU A 2 -20.49 0.92 -26.85
N ASP A 3 -19.73 1.95 -27.06
CA ASP A 3 -18.28 1.89 -26.77
C ASP A 3 -18.06 2.08 -25.27
N SER A 4 -17.38 1.17 -24.63
CA SER A 4 -17.14 1.31 -23.17
C SER A 4 -15.99 2.31 -22.95
N PRO A 5 -16.03 3.06 -21.87
CA PRO A 5 -14.95 4.03 -21.59
C PRO A 5 -13.58 3.35 -21.50
N THR A 6 -12.53 4.08 -21.68
CA THR A 6 -11.18 3.45 -21.60
C THR A 6 -10.14 4.52 -21.27
N GLY A 7 -8.95 4.43 -21.79
CA GLY A 7 -7.92 5.43 -21.41
C GLY A 7 -7.84 5.37 -19.90
N PHE A 8 -8.31 4.27 -19.37
CA PHE A 8 -8.33 4.06 -17.90
C PHE A 8 -6.95 4.25 -17.30
N ASP A 9 -6.87 5.04 -16.27
CA ASP A 9 -5.57 5.28 -15.59
C ASP A 9 -5.86 5.76 -14.18
N SER A 10 -5.09 5.34 -13.21
CA SER A 10 -5.36 5.79 -11.81
C SER A 10 -4.28 6.80 -11.40
N SER A 11 -4.67 7.81 -10.68
CA SER A 11 -3.68 8.83 -10.24
C SER A 11 -4.17 9.49 -8.96
N ASP A 12 -3.46 10.46 -8.45
CA ASP A 12 -3.91 11.08 -7.18
C ASP A 12 -4.17 9.96 -6.21
N ILE A 13 -3.25 9.03 -6.15
CA ILE A 13 -3.42 7.86 -5.28
C ILE A 13 -3.02 8.21 -3.84
N THR A 14 -3.90 8.02 -2.91
CA THR A 14 -3.56 8.29 -1.49
C THR A 14 -3.62 6.96 -0.73
N ALA A 15 -3.01 6.88 0.42
CA ALA A 15 -3.04 5.59 1.17
C ALA A 15 -4.48 5.18 1.47
N ASN A 16 -5.22 6.01 2.16
CA ASN A 16 -6.62 5.65 2.48
C ASN A 16 -7.57 6.16 1.38
N SER A 17 -7.03 6.80 0.37
CA SER A 17 -7.90 7.32 -0.72
C SER A 17 -7.09 7.36 -2.02
N PHE A 18 -7.75 7.32 -3.14
CA PHE A 18 -7.00 7.37 -4.43
C PHE A 18 -7.98 7.73 -5.56
N THR A 19 -7.56 8.47 -6.57
CA THR A 19 -8.53 8.83 -7.65
C THR A 19 -8.45 7.85 -8.83
N VAL A 20 -9.55 7.69 -9.52
CA VAL A 20 -9.59 6.78 -10.71
C VAL A 20 -9.98 7.62 -11.92
N HIS A 21 -9.31 7.48 -13.03
CA HIS A 21 -9.67 8.32 -14.22
C HIS A 21 -9.88 7.45 -15.47
N TRP A 22 -10.73 7.88 -16.36
CA TRP A 22 -10.97 7.10 -17.61
C TRP A 22 -11.46 8.06 -18.71
N VAL A 23 -11.34 7.69 -19.95
CA VAL A 23 -11.81 8.57 -21.04
C VAL A 23 -13.27 8.28 -21.37
N ALA A 24 -13.94 9.24 -21.92
CA ALA A 24 -15.36 9.06 -22.28
C ALA A 24 -15.48 8.45 -23.68
N PRO A 25 -16.33 7.46 -23.88
CA PRO A 25 -16.50 6.85 -25.22
C PRO A 25 -16.95 7.87 -26.28
N ARG A 26 -17.13 7.44 -27.49
CA ARG A 26 -17.57 8.38 -28.55
C ARG A 26 -19.03 8.10 -28.94
N ALA A 27 -19.72 7.30 -28.16
CA ALA A 27 -21.14 6.99 -28.48
C ALA A 27 -22.05 7.61 -27.42
N PRO A 28 -23.30 7.81 -27.76
CA PRO A 28 -24.28 8.39 -26.81
C PRO A 28 -24.40 7.58 -25.51
N ILE A 29 -24.32 8.25 -24.39
CA ILE A 29 -24.42 7.52 -23.09
C ILE A 29 -25.28 8.34 -22.12
N THR A 30 -25.64 7.77 -21.00
CA THR A 30 -26.47 8.53 -20.02
C THR A 30 -25.69 8.67 -18.70
N GLY A 31 -24.50 8.16 -18.63
CA GLY A 31 -23.71 8.28 -17.38
C GLY A 31 -22.84 7.04 -17.19
N TYR A 32 -22.11 6.97 -16.10
CA TYR A 32 -21.24 5.79 -15.86
C TYR A 32 -21.48 5.26 -14.44
N ILE A 33 -21.30 3.99 -14.22
CA ILE A 33 -21.48 3.43 -12.87
C ILE A 33 -20.10 3.04 -12.34
N ILE A 34 -19.76 3.45 -11.15
CA ILE A 34 -18.42 3.10 -10.62
C ILE A 34 -18.56 2.16 -9.43
N ARG A 35 -17.99 1.00 -9.52
CA ARG A 35 -18.07 0.05 -8.38
C ARG A 35 -16.65 -0.18 -7.88
N HIS A 36 -16.42 -0.08 -6.60
CA HIS A 36 -15.03 -0.28 -6.09
C HIS A 36 -15.00 -1.43 -5.08
N HIS A 37 -13.99 -2.24 -5.15
CA HIS A 37 -13.89 -3.38 -4.19
C HIS A 37 -12.49 -4.01 -4.28
N ALA A 38 -11.98 -4.52 -3.19
CA ALA A 38 -10.65 -5.17 -3.21
C ALA A 38 -10.81 -6.61 -3.70
N GLU A 39 -9.74 -7.27 -4.03
CA GLU A 39 -9.86 -8.67 -4.53
C GLU A 39 -10.23 -9.61 -3.39
N HIS A 40 -9.24 -10.25 -2.84
CA HIS A 40 -9.49 -11.24 -1.75
C HIS A 40 -9.84 -10.54 -0.44
N SER A 41 -9.18 -9.46 -0.15
CA SER A 41 -9.46 -8.74 1.12
C SER A 41 -10.35 -7.52 0.87
N VAL A 42 -11.63 -7.66 1.06
CA VAL A 42 -12.54 -6.50 0.84
C VAL A 42 -13.66 -6.53 1.88
N GLY A 43 -14.04 -5.38 2.40
CA GLY A 43 -15.13 -5.35 3.41
C GLY A 43 -16.49 -5.38 2.70
N ARG A 44 -16.99 -4.23 2.33
CA ARG A 44 -18.31 -4.20 1.63
C ARG A 44 -18.14 -3.55 0.24
N PRO A 45 -18.35 -4.29 -0.83
CA PRO A 45 -18.21 -3.72 -2.19
C PRO A 45 -19.20 -2.58 -2.43
N ARG A 46 -18.78 -1.36 -2.23
CA ARG A 46 -19.69 -0.21 -2.40
C ARG A 46 -19.94 0.11 -3.88
N GLN A 47 -21.05 0.72 -4.17
CA GLN A 47 -21.38 1.09 -5.56
C GLN A 47 -21.36 2.61 -5.69
N ASP A 48 -20.44 3.14 -6.43
CA ASP A 48 -20.38 4.62 -6.58
C ASP A 48 -20.70 4.98 -8.03
N ARG A 49 -21.69 5.80 -8.24
CA ARG A 49 -22.06 6.16 -9.64
C ARG A 49 -21.66 7.62 -9.89
N VAL A 50 -21.23 7.93 -11.08
CA VAL A 50 -20.81 9.33 -11.37
C VAL A 50 -21.53 9.86 -12.63
N PRO A 51 -21.79 11.15 -12.70
CA PRO A 51 -22.44 11.73 -13.90
C PRO A 51 -21.57 11.59 -15.15
N PRO A 52 -22.16 11.68 -16.32
CA PRO A 52 -21.39 11.57 -17.59
C PRO A 52 -20.29 12.63 -17.70
N SER A 53 -20.54 13.81 -17.21
CA SER A 53 -19.52 14.90 -17.30
C SER A 53 -18.34 14.62 -16.37
N ARG A 54 -18.46 13.66 -15.49
CA ARG A 54 -17.33 13.35 -14.57
C ARG A 54 -16.58 12.11 -15.05
N ASN A 55 -15.32 12.26 -15.30
CA ASN A 55 -14.50 11.10 -15.77
C ASN A 55 -13.54 10.66 -14.66
N SER A 56 -13.57 11.32 -13.53
CA SER A 56 -12.65 10.94 -12.42
C SER A 56 -13.45 10.80 -11.11
N ILE A 57 -13.12 9.80 -10.33
CA ILE A 57 -13.84 9.62 -9.02
C ILE A 57 -12.82 9.43 -7.90
N THR A 58 -13.06 10.01 -6.76
CA THR A 58 -12.11 9.87 -5.63
C THR A 58 -12.70 8.93 -4.57
N LEU A 59 -11.94 7.98 -4.12
CA LEU A 59 -12.46 7.04 -3.09
C LEU A 59 -11.71 7.26 -1.77
N THR A 60 -12.39 7.05 -0.67
CA THR A 60 -11.73 7.25 0.66
C THR A 60 -12.06 6.08 1.58
N ASN A 61 -11.56 6.11 2.79
CA ASN A 61 -11.84 5.00 3.74
C ASN A 61 -11.40 3.66 3.13
N LEU A 62 -10.27 3.66 2.48
CA LEU A 62 -9.77 2.40 1.86
C LEU A 62 -8.59 1.86 2.66
N ASN A 63 -8.31 0.59 2.57
CA ASN A 63 -7.17 0.02 3.33
C ASN A 63 -5.86 0.55 2.70
N PRO A 64 -5.04 1.24 3.44
CA PRO A 64 -3.76 1.77 2.88
C PRO A 64 -2.82 0.67 2.40
N GLY A 65 -2.35 0.80 1.20
CA GLY A 65 -1.41 -0.24 0.66
C GLY A 65 -2.21 -1.48 0.27
N THR A 66 -3.13 -1.34 -0.64
CA THR A 66 -3.94 -2.54 -1.05
C THR A 66 -4.27 -2.47 -2.53
N GLU A 67 -4.45 -3.60 -3.15
CA GLU A 67 -4.82 -3.61 -4.59
C GLU A 67 -6.34 -3.55 -4.67
N TYR A 68 -6.88 -2.53 -5.30
CA TYR A 68 -8.35 -2.43 -5.40
C TYR A 68 -8.82 -2.61 -6.84
N VAL A 69 -9.90 -3.31 -7.03
CA VAL A 69 -10.44 -3.51 -8.40
C VAL A 69 -11.60 -2.53 -8.59
N VAL A 70 -11.52 -1.67 -9.56
CA VAL A 70 -12.62 -0.68 -9.76
C VAL A 70 -13.25 -0.88 -11.13
N SER A 71 -14.54 -1.14 -11.19
CA SER A 71 -15.21 -1.35 -12.50
C SER A 71 -15.96 -0.11 -12.97
N ILE A 72 -15.91 0.17 -14.24
CA ILE A 72 -16.62 1.34 -14.81
C ILE A 72 -17.62 0.82 -15.86
N ILE A 73 -18.88 1.07 -15.67
CA ILE A 73 -19.88 0.59 -16.65
C ILE A 73 -20.59 1.78 -17.29
N ALA A 74 -20.66 1.80 -18.60
CA ALA A 74 -21.33 2.93 -19.30
C ALA A 74 -22.80 2.56 -19.55
N VAL A 75 -23.70 3.48 -19.36
CA VAL A 75 -25.13 3.16 -19.60
C VAL A 75 -25.76 4.23 -20.50
N ASN A 76 -26.58 3.82 -21.42
CA ASN A 76 -27.24 4.80 -22.34
C ASN A 76 -28.75 4.68 -22.19
N GLY A 77 -29.21 4.45 -20.99
CA GLY A 77 -30.67 4.31 -20.77
C GLY A 77 -31.04 2.82 -20.80
N ARG A 78 -31.58 2.35 -21.89
CA ARG A 78 -31.96 0.91 -21.98
C ARG A 78 -30.81 0.08 -22.53
N GLU A 79 -29.71 0.70 -22.85
CA GLU A 79 -28.55 -0.08 -23.40
C GLU A 79 -27.35 0.08 -22.46
N GLU A 80 -26.59 -0.97 -22.27
CA GLU A 80 -25.41 -0.88 -21.37
C GLU A 80 -24.13 -1.21 -22.15
N SER A 81 -23.08 -0.48 -21.92
CA SER A 81 -21.81 -0.76 -22.63
C SER A 81 -21.05 -1.88 -21.91
N PRO A 82 -20.10 -2.48 -22.57
CA PRO A 82 -19.30 -3.57 -21.96
C PRO A 82 -18.60 -3.11 -20.66
N PRO A 83 -18.65 -3.91 -19.62
CA PRO A 83 -18.00 -3.52 -18.33
C PRO A 83 -16.51 -3.25 -18.46
N LEU A 84 -16.06 -2.14 -17.93
CA LEU A 84 -14.61 -1.80 -17.99
C LEU A 84 -14.01 -1.98 -16.59
N ILE A 85 -13.04 -2.84 -16.44
CA ILE A 85 -12.45 -3.05 -15.10
C ILE A 85 -10.93 -2.84 -15.13
N GLY A 86 -10.44 -2.12 -14.17
CA GLY A 86 -8.98 -1.86 -14.08
C GLY A 86 -8.59 -2.05 -12.61
N GLN A 87 -7.33 -2.17 -12.33
CA GLN A 87 -6.94 -2.37 -10.92
C GLN A 87 -6.12 -1.17 -10.43
N GLN A 88 -6.47 -0.64 -9.30
CA GLN A 88 -5.73 0.51 -8.74
C GLN A 88 -5.24 0.12 -7.35
N ALA A 89 -3.99 0.28 -7.07
CA ALA A 89 -3.48 -0.10 -5.72
C ALA A 89 -3.32 1.15 -4.86
N THR A 90 -3.84 1.09 -3.67
CA THR A 90 -3.70 2.25 -2.76
C THR A 90 -2.27 2.29 -2.26
N VAL A 91 -1.67 3.45 -2.22
CA VAL A 91 -0.27 3.56 -1.74
C VAL A 91 -0.11 2.76 -0.46
N SER A 92 1.11 2.51 -0.05
CA SER A 92 1.33 1.74 1.20
C SER A 92 2.07 2.63 2.20
N ASP A 93 1.76 2.48 3.46
CA ASP A 93 2.44 3.31 4.49
C ASP A 93 3.94 3.01 4.43
N ILE A 94 4.29 1.77 4.25
CA ILE A 94 5.74 1.41 4.17
C ILE A 94 6.35 2.02 2.91
N PRO A 95 7.55 2.55 2.98
CA PRO A 95 8.18 3.12 1.77
C PRO A 95 8.32 2.06 0.68
N ARG A 96 8.48 2.45 -0.55
CA ARG A 96 8.58 1.42 -1.63
C ARG A 96 9.89 1.55 -2.37
N ASP A 97 10.15 0.60 -3.22
CA ASP A 97 11.40 0.62 -4.03
C ASP A 97 12.62 0.68 -3.11
N LEU A 98 12.62 -0.03 -2.01
CA LEU A 98 13.81 0.00 -1.12
C LEU A 98 14.93 -0.77 -1.81
N GLU A 99 15.76 -0.09 -2.55
CA GLU A 99 16.86 -0.79 -3.28
C GLU A 99 18.08 0.13 -3.39
N VAL A 100 19.19 -0.39 -3.82
CA VAL A 100 20.40 0.46 -3.94
C VAL A 100 20.66 0.81 -5.41
N ILE A 101 21.04 2.02 -5.68
CA ILE A 101 21.32 2.43 -7.08
C ILE A 101 22.82 2.60 -7.28
N ALA A 102 23.55 2.67 -6.20
CA ALA A 102 25.03 2.82 -6.29
C ALA A 102 25.68 1.92 -5.25
N SER A 103 26.69 1.19 -5.61
CA SER A 103 27.36 0.29 -4.63
C SER A 103 28.80 0.73 -4.38
N THR A 104 29.05 1.42 -3.31
CA THR A 104 30.43 1.85 -3.00
C THR A 104 31.16 0.68 -2.33
N PRO A 105 32.46 0.67 -2.40
CA PRO A 105 33.26 -0.44 -1.80
C PRO A 105 32.86 -0.74 -0.36
N THR A 106 32.66 0.26 0.45
CA THR A 106 32.27 0.00 1.87
C THR A 106 30.96 0.73 2.19
N SER A 107 30.21 1.12 1.21
CA SER A 107 28.94 1.83 1.50
C SER A 107 27.95 1.63 0.37
N LEU A 108 26.70 1.94 0.59
CA LEU A 108 25.69 1.75 -0.49
C LEU A 108 24.70 2.92 -0.47
N LEU A 109 24.09 3.21 -1.59
CA LEU A 109 23.11 4.32 -1.64
C LEU A 109 21.71 3.71 -1.70
N ILE A 110 20.86 4.00 -0.74
CA ILE A 110 19.50 3.40 -0.75
C ILE A 110 18.46 4.45 -1.13
N SER A 111 17.44 4.04 -1.82
CA SER A 111 16.38 5.01 -2.23
C SER A 111 15.01 4.31 -2.20
N TRP A 112 13.98 5.06 -1.92
CA TRP A 112 12.60 4.48 -1.89
C TRP A 112 11.60 5.55 -2.31
N GLU A 113 10.46 5.16 -2.83
CA GLU A 113 9.46 6.18 -3.25
C GLU A 113 8.77 6.75 -1.99
N PRO A 114 8.61 8.04 -1.91
CA PRO A 114 7.94 8.66 -0.73
C PRO A 114 6.52 8.12 -0.53
N PRO A 115 6.18 7.64 0.64
CA PRO A 115 4.81 7.11 0.90
C PRO A 115 3.71 8.16 0.68
N ALA A 116 2.48 7.80 0.91
CA ALA A 116 1.37 8.76 0.72
C ALA A 116 0.95 9.33 2.07
N VAL A 117 1.71 9.07 3.10
CA VAL A 117 1.35 9.58 4.45
C VAL A 117 2.56 10.28 5.08
N SER A 118 2.33 11.12 6.05
CA SER A 118 3.48 11.84 6.69
C SER A 118 4.29 10.87 7.55
N VAL A 119 5.59 10.98 7.50
CA VAL A 119 6.45 10.08 8.32
C VAL A 119 7.47 10.91 9.09
N ARG A 120 7.68 10.62 10.34
CA ARG A 120 8.68 11.42 11.11
C ARG A 120 10.05 11.05 10.59
N TYR A 121 10.35 9.78 10.56
CA TYR A 121 11.68 9.36 10.08
C TYR A 121 11.67 7.85 9.83
N TYR A 122 12.73 7.31 9.30
CA TYR A 122 12.76 5.83 9.07
C TYR A 122 13.93 5.22 9.86
N ARG A 123 13.72 4.08 10.46
CA ARG A 123 14.81 3.42 11.21
C ARG A 123 15.38 2.32 10.32
N ILE A 124 16.67 2.27 10.14
CA ILE A 124 17.23 1.23 9.24
C ILE A 124 18.26 0.38 9.96
N THR A 125 18.42 -0.84 9.54
CA THR A 125 19.40 -1.74 10.22
C THR A 125 20.39 -2.34 9.21
N TYR A 126 21.64 -2.45 9.59
CA TYR A 126 22.68 -3.06 8.69
C TYR A 126 22.63 -4.57 8.82
N GLY A 127 22.55 -5.28 7.73
CA GLY A 127 22.53 -6.76 7.81
C GLY A 127 23.83 -7.36 7.29
N GLU A 128 24.40 -8.25 8.03
CA GLU A 128 25.66 -8.92 7.60
C GLU A 128 25.33 -10.35 7.17
N THR A 129 26.16 -10.95 6.37
CA THR A 129 25.90 -12.34 5.90
C THR A 129 25.13 -13.12 6.97
N GLY A 130 25.74 -13.33 8.10
CA GLY A 130 25.04 -14.09 9.19
C GLY A 130 23.77 -13.36 9.58
N GLY A 131 23.81 -12.07 9.66
CA GLY A 131 22.59 -11.29 10.05
C GLY A 131 22.42 -11.39 11.57
N ASN A 132 22.80 -12.50 12.14
CA ASN A 132 22.66 -12.66 13.61
C ASN A 132 23.70 -11.77 14.29
N SER A 133 24.71 -11.39 13.56
CA SER A 133 25.78 -10.53 14.11
C SER A 133 25.17 -9.18 14.53
N PRO A 134 25.91 -8.41 15.27
CA PRO A 134 25.42 -7.08 15.75
C PRO A 134 25.01 -6.16 14.60
N VAL A 135 23.79 -6.24 14.16
CA VAL A 135 23.33 -5.37 13.06
C VAL A 135 23.57 -3.91 13.44
N GLN A 136 23.60 -3.01 12.49
CA GLN A 136 23.82 -1.57 12.88
C GLN A 136 22.54 -0.77 12.60
N GLU A 137 22.10 -0.02 13.56
CA GLU A 137 20.84 0.77 13.38
C GLU A 137 21.14 2.28 13.24
N PHE A 138 20.54 2.93 12.27
CA PHE A 138 20.75 4.39 12.11
C PHE A 138 19.41 5.03 11.70
N THR A 139 19.24 6.31 11.93
CA THR A 139 17.93 6.95 11.59
C THR A 139 17.99 7.66 10.24
N VAL A 140 16.85 8.04 9.73
CA VAL A 140 16.79 8.74 8.42
C VAL A 140 15.89 9.98 8.54
N PRO A 141 16.39 11.17 8.32
CA PRO A 141 15.54 12.39 8.44
C PRO A 141 14.32 12.33 7.49
N GLY A 142 13.15 12.55 8.03
CA GLY A 142 11.91 12.51 7.18
C GLY A 142 12.04 13.49 6.02
N SER A 143 13.09 14.25 5.98
CA SER A 143 13.25 15.23 4.87
C SER A 143 14.00 14.57 3.70
N LYS A 144 14.36 13.33 3.84
CA LYS A 144 15.09 12.65 2.74
C LYS A 144 14.37 11.36 2.34
N SER A 145 14.17 11.15 1.07
CA SER A 145 13.48 9.92 0.59
C SER A 145 14.51 8.84 0.29
N THR A 146 15.77 9.16 0.48
CA THR A 146 16.84 8.16 0.22
C THR A 146 17.89 8.26 1.33
N ALA A 147 18.66 7.23 1.53
CA ALA A 147 19.69 7.30 2.61
C ALA A 147 20.99 6.64 2.14
N THR A 148 22.04 6.79 2.90
CA THR A 148 23.34 6.18 2.50
C THR A 148 23.77 5.19 3.58
N ILE A 149 24.37 4.10 3.18
CA ILE A 149 24.81 3.09 4.18
C ILE A 149 26.34 3.08 4.22
N ASN A 150 26.91 3.36 5.36
CA ASN A 150 28.40 3.38 5.45
C ASN A 150 28.88 2.41 6.54
N ASN A 151 30.17 2.21 6.63
CA ASN A 151 30.71 1.27 7.66
C ASN A 151 30.17 -0.13 7.38
N ILE A 152 30.28 -0.58 6.16
CA ILE A 152 29.78 -1.92 5.77
C ILE A 152 30.98 -2.82 5.51
N LYS A 153 30.84 -4.12 5.67
CA LYS A 153 31.99 -5.03 5.43
C LYS A 153 31.90 -5.65 4.03
N PRO A 154 32.76 -5.28 3.11
CA PRO A 154 32.73 -5.86 1.73
C PRO A 154 33.13 -7.34 1.71
N GLY A 155 32.95 -7.99 0.59
CA GLY A 155 33.34 -9.43 0.50
C GLY A 155 32.40 -10.29 1.34
N ALA A 156 31.24 -9.78 1.66
CA ALA A 156 30.29 -10.58 2.48
C ALA A 156 28.85 -10.26 2.07
N ASP A 157 27.96 -11.20 2.21
CA ASP A 157 26.54 -10.95 1.84
C ASP A 157 25.96 -9.97 2.87
N TYR A 158 24.98 -9.19 2.50
CA TYR A 158 24.42 -8.23 3.48
C TYR A 158 22.90 -8.15 3.34
N THR A 159 22.25 -7.67 4.37
CA THR A 159 20.77 -7.53 4.32
C THR A 159 20.43 -6.13 4.84
N ILE A 160 19.80 -5.31 4.06
CA ILE A 160 19.46 -3.94 4.54
C ILE A 160 17.97 -3.88 4.82
N THR A 161 17.58 -3.59 6.02
CA THR A 161 16.13 -3.52 6.31
C THR A 161 15.77 -2.13 6.80
N LEU A 162 14.75 -1.55 6.22
CA LEU A 162 14.35 -0.18 6.62
C LEU A 162 12.95 -0.17 7.25
N TYR A 163 12.78 0.58 8.30
CA TYR A 163 11.44 0.68 8.97
C TYR A 163 10.99 2.13 8.88
N ALA A 164 9.72 2.38 8.99
CA ALA A 164 9.25 3.80 8.89
C ALA A 164 8.52 4.19 10.17
N VAL A 165 8.79 5.35 10.69
CA VAL A 165 8.09 5.79 11.93
C VAL A 165 7.14 6.93 11.57
N THR A 166 5.87 6.73 11.82
CA THR A 166 4.86 7.78 11.50
C THR A 166 4.30 8.37 12.79
N GLY A 167 4.02 7.53 13.76
CA GLY A 167 3.45 8.03 15.04
C GLY A 167 4.35 9.11 15.62
N ARG A 168 4.32 9.29 16.91
CA ARG A 168 5.18 10.33 17.54
C ARG A 168 5.76 9.77 18.84
N GLY A 169 6.68 10.47 19.43
CA GLY A 169 7.30 9.97 20.69
C GLY A 169 6.20 9.52 21.64
N ASP A 170 5.06 10.15 21.58
CA ASP A 170 3.94 9.74 22.49
C ASP A 170 3.38 8.42 22.01
N SER A 171 3.26 8.25 20.72
CA SER A 171 2.71 6.99 20.16
C SER A 171 3.61 6.50 19.02
N PRO A 172 4.80 6.06 19.34
CA PRO A 172 5.75 5.55 18.31
C PRO A 172 5.20 4.34 17.56
N ALA A 173 4.66 4.55 16.39
CA ALA A 173 4.10 3.40 15.62
C ALA A 173 4.92 3.21 14.33
N SER A 174 5.04 1.99 13.87
CA SER A 174 5.82 1.75 12.63
C SER A 174 5.04 0.82 11.70
N SER A 175 5.17 1.00 10.42
CA SER A 175 4.44 0.12 9.46
C SER A 175 5.21 -1.19 9.30
N LYS A 176 4.62 -2.18 8.68
CA LYS A 176 5.36 -3.47 8.51
C LYS A 176 6.69 -3.16 7.80
N PRO A 177 7.82 -3.47 8.39
CA PRO A 177 9.12 -3.17 7.75
C PRO A 177 9.35 -3.87 6.40
N VAL A 178 10.17 -3.29 5.57
CA VAL A 178 10.49 -3.89 4.25
C VAL A 178 11.99 -4.20 4.24
N SER A 179 12.37 -5.39 3.89
CA SER A 179 13.82 -5.74 3.91
C SER A 179 14.32 -6.17 2.53
N ILE A 180 15.61 -6.04 2.31
CA ILE A 180 16.20 -6.45 0.99
C ILE A 180 17.54 -7.16 1.23
N ASN A 181 18.05 -7.82 0.23
CA ASN A 181 19.36 -8.53 0.40
C ASN A 181 20.40 -7.84 -0.48
N TYR A 182 21.53 -7.50 0.07
CA TYR A 182 22.58 -6.82 -0.73
C TYR A 182 23.90 -7.59 -0.66
N LYS A 183 24.38 -8.08 -1.77
CA LYS A 183 25.67 -8.83 -1.74
C LYS A 183 26.83 -7.84 -1.92
N THR A 184 27.91 -8.03 -1.21
CA THR A 184 29.06 -7.10 -1.34
C THR A 184 30.23 -7.83 -2.00
N GLY A 1 -23.76 -12.80 -20.80
CA GLY A 1 -23.47 -12.92 -22.29
C GLY A 1 -22.21 -12.33 -22.85
N LEU A 2 -21.64 -11.38 -22.17
CA LEU A 2 -20.39 -10.75 -22.67
C LEU A 2 -19.27 -10.96 -21.64
N ASP A 3 -18.13 -11.42 -22.08
CA ASP A 3 -17.01 -11.63 -21.13
C ASP A 3 -16.32 -10.31 -20.84
N SER A 4 -16.12 -10.00 -19.58
CA SER A 4 -15.45 -8.71 -19.23
C SER A 4 -13.93 -8.90 -19.29
N PRO A 5 -13.19 -7.85 -19.60
CA PRO A 5 -11.72 -7.94 -19.67
C PRO A 5 -11.11 -8.39 -18.34
N THR A 6 -10.03 -9.13 -18.37
CA THR A 6 -9.41 -9.58 -17.10
C THR A 6 -7.89 -9.58 -17.26
N GLY A 7 -7.19 -10.42 -16.55
CA GLY A 7 -5.70 -10.38 -16.67
C GLY A 7 -5.33 -8.97 -16.21
N PHE A 8 -6.24 -8.37 -15.51
CA PHE A 8 -6.05 -6.99 -15.00
C PHE A 8 -4.76 -6.87 -14.20
N ASP A 9 -4.02 -5.83 -14.45
CA ASP A 9 -2.75 -5.62 -13.70
C ASP A 9 -2.38 -4.13 -13.78
N SER A 10 -1.77 -3.62 -12.76
CA SER A 10 -1.39 -2.17 -12.79
C SER A 10 0.13 -2.04 -12.75
N SER A 11 0.69 -1.20 -13.57
CA SER A 11 2.16 -1.04 -13.57
C SER A 11 2.53 0.38 -14.03
N ASP A 12 3.79 0.64 -14.26
CA ASP A 12 4.16 2.02 -14.65
C ASP A 12 3.51 2.94 -13.65
N ILE A 13 3.57 2.54 -12.41
CA ILE A 13 2.95 3.32 -11.33
C ILE A 13 3.81 4.52 -10.95
N THR A 14 3.23 5.68 -10.87
CA THR A 14 4.00 6.88 -10.46
C THR A 14 3.27 7.52 -9.28
N ALA A 15 3.94 8.38 -8.55
CA ALA A 15 3.27 9.00 -7.37
C ALA A 15 2.02 9.76 -7.80
N ASN A 16 2.16 10.74 -8.66
CA ASN A 16 0.97 11.50 -9.10
C ASN A 16 0.38 10.88 -10.36
N SER A 17 0.98 9.82 -10.84
CA SER A 17 0.45 9.18 -12.07
C SER A 17 0.73 7.67 -12.02
N PHE A 18 -0.03 6.88 -12.71
CA PHE A 18 0.20 5.42 -12.70
C PHE A 18 -0.57 4.78 -13.87
N THR A 19 -0.05 3.75 -14.51
CA THR A 19 -0.82 3.16 -15.66
C THR A 19 -1.64 1.94 -15.23
N VAL A 20 -2.74 1.71 -15.90
CA VAL A 20 -3.60 0.54 -15.60
C VAL A 20 -3.68 -0.33 -16.86
N HIS A 21 -3.49 -1.61 -16.75
CA HIS A 21 -3.53 -2.47 -17.97
C HIS A 21 -4.54 -3.62 -17.80
N TRP A 22 -5.23 -3.97 -18.85
CA TRP A 22 -6.23 -5.07 -18.76
C TRP A 22 -6.28 -5.81 -20.11
N VAL A 23 -6.64 -7.07 -20.10
CA VAL A 23 -6.71 -7.81 -21.38
C VAL A 23 -8.13 -7.80 -21.93
N ALA A 24 -8.24 -7.70 -23.22
CA ALA A 24 -9.57 -7.67 -23.88
C ALA A 24 -10.19 -9.08 -23.85
N PRO A 25 -11.47 -9.19 -23.55
CA PRO A 25 -12.14 -10.52 -23.51
C PRO A 25 -12.10 -11.22 -24.87
N ARG A 26 -12.90 -12.24 -25.04
CA ARG A 26 -12.93 -12.96 -26.34
C ARG A 26 -14.27 -12.73 -27.04
N ALA A 27 -15.01 -11.72 -26.65
CA ALA A 27 -16.33 -11.47 -27.30
C ALA A 27 -16.33 -10.08 -27.95
N PRO A 28 -17.08 -9.90 -29.01
CA PRO A 28 -17.16 -8.59 -29.71
C PRO A 28 -17.64 -7.46 -28.79
N ILE A 29 -16.91 -6.39 -28.71
CA ILE A 29 -17.32 -5.25 -27.84
C ILE A 29 -17.19 -3.94 -28.61
N THR A 30 -17.70 -2.86 -28.07
CA THR A 30 -17.59 -1.56 -28.77
C THR A 30 -16.54 -0.69 -28.06
N GLY A 31 -16.05 -1.15 -26.94
CA GLY A 31 -15.03 -0.35 -26.20
C GLY A 31 -15.16 -0.64 -24.70
N TYR A 32 -14.29 -0.08 -23.90
CA TYR A 32 -14.37 -0.31 -22.43
C TYR A 32 -14.57 1.02 -21.71
N ILE A 33 -15.31 1.04 -20.64
CA ILE A 33 -15.50 2.32 -19.91
C ILE A 33 -14.59 2.30 -18.68
N ILE A 34 -13.81 3.32 -18.48
CA ILE A 34 -12.90 3.35 -17.30
C ILE A 34 -13.38 4.38 -16.29
N ARG A 35 -13.70 3.98 -15.12
CA ARG A 35 -14.13 4.97 -14.10
C ARG A 35 -13.01 5.07 -13.06
N HIS A 36 -12.54 6.25 -12.77
CA HIS A 36 -11.43 6.36 -11.78
C HIS A 36 -11.85 7.20 -10.60
N HIS A 37 -11.53 6.75 -9.42
CA HIS A 37 -11.88 7.52 -8.20
C HIS A 37 -11.14 6.93 -7.00
N ALA A 38 -10.83 7.74 -6.02
CA ALA A 38 -10.11 7.23 -4.82
C ALA A 38 -11.14 6.70 -3.82
N GLU A 39 -10.70 6.00 -2.81
CA GLU A 39 -11.65 5.45 -1.81
C GLU A 39 -12.44 6.56 -1.15
N HIS A 40 -11.76 7.57 -0.71
CA HIS A 40 -12.45 8.69 -0.01
C HIS A 40 -11.94 10.05 -0.50
N SER A 41 -11.62 10.19 -1.76
CA SER A 41 -11.12 11.51 -2.25
C SER A 41 -12.29 12.49 -2.35
N VAL A 42 -12.03 13.75 -2.16
CA VAL A 42 -13.13 14.76 -2.25
C VAL A 42 -13.56 14.94 -3.70
N GLY A 43 -12.63 14.94 -4.59
CA GLY A 43 -12.97 15.11 -6.03
C GLY A 43 -14.05 14.10 -6.42
N ARG A 44 -15.00 14.52 -7.21
CA ARG A 44 -16.09 13.59 -7.62
C ARG A 44 -15.51 12.53 -8.57
N PRO A 45 -16.10 11.35 -8.58
CA PRO A 45 -15.62 10.26 -9.48
C PRO A 45 -15.57 10.69 -10.95
N ARG A 46 -14.41 10.67 -11.54
CA ARG A 46 -14.30 11.09 -12.97
C ARG A 46 -14.61 9.90 -13.89
N GLN A 47 -15.08 10.20 -15.08
CA GLN A 47 -15.41 9.12 -16.05
C GLN A 47 -14.33 9.08 -17.12
N ASP A 48 -13.60 8.00 -17.20
CA ASP A 48 -12.54 7.89 -18.24
C ASP A 48 -12.89 6.73 -19.17
N ARG A 49 -12.92 6.95 -20.44
CA ARG A 49 -13.29 5.86 -21.36
C ARG A 49 -12.15 5.61 -22.35
N VAL A 50 -11.98 4.39 -22.79
CA VAL A 50 -10.87 4.08 -23.74
C VAL A 50 -11.40 3.24 -24.91
N PRO A 51 -10.99 3.52 -26.13
CA PRO A 51 -11.44 2.71 -27.29
C PRO A 51 -11.01 1.25 -27.16
N PRO A 52 -11.57 0.39 -27.98
CA PRO A 52 -11.23 -1.05 -27.94
C PRO A 52 -9.74 -1.31 -28.21
N SER A 53 -9.15 -0.54 -29.07
CA SER A 53 -7.71 -0.74 -29.40
C SER A 53 -6.82 -0.32 -28.22
N ARG A 54 -7.37 0.32 -27.24
CA ARG A 54 -6.55 0.75 -26.08
C ARG A 54 -6.78 -0.19 -24.88
N ASN A 55 -5.75 -0.83 -24.43
CA ASN A 55 -5.88 -1.76 -23.27
C ASN A 55 -5.20 -1.14 -22.04
N SER A 56 -4.54 -0.03 -22.22
CA SER A 56 -3.85 0.62 -21.06
C SER A 56 -4.23 2.09 -20.99
N ILE A 57 -4.46 2.60 -19.81
CA ILE A 57 -4.82 4.03 -19.66
C ILE A 57 -3.92 4.66 -18.59
N THR A 58 -3.31 5.77 -18.89
CA THR A 58 -2.42 6.42 -17.90
C THR A 58 -3.15 7.56 -17.21
N LEU A 59 -3.08 7.63 -15.92
CA LEU A 59 -3.77 8.73 -15.19
C LEU A 59 -2.74 9.66 -14.55
N THR A 60 -3.04 10.93 -14.50
CA THR A 60 -2.09 11.91 -13.90
C THR A 60 -2.84 12.83 -12.93
N ASN A 61 -2.15 13.76 -12.34
CA ASN A 61 -2.81 14.69 -11.38
C ASN A 61 -3.46 13.88 -10.26
N LEU A 62 -2.79 12.85 -9.79
CA LEU A 62 -3.35 12.02 -8.70
C LEU A 62 -2.61 12.33 -7.41
N ASN A 63 -3.23 12.10 -6.28
CA ASN A 63 -2.55 12.39 -4.98
C ASN A 63 -1.42 11.37 -4.79
N PRO A 64 -0.20 11.80 -4.67
CA PRO A 64 0.94 10.84 -4.50
C PRO A 64 0.82 10.02 -3.22
N GLY A 65 0.86 8.73 -3.36
CA GLY A 65 0.76 7.87 -2.16
C GLY A 65 -0.71 7.68 -1.80
N THR A 66 -1.49 7.14 -2.71
CA THR A 66 -2.94 6.97 -2.39
C THR A 66 -3.50 5.71 -3.05
N GLU A 67 -4.53 5.16 -2.47
CA GLU A 67 -5.16 3.96 -3.08
C GLU A 67 -6.25 4.45 -4.04
N TYR A 68 -6.13 4.13 -5.30
CA TYR A 68 -7.15 4.61 -6.27
C TYR A 68 -7.97 3.44 -6.78
N VAL A 69 -9.26 3.63 -6.92
CA VAL A 69 -10.13 2.54 -7.42
C VAL A 69 -10.44 2.82 -8.90
N VAL A 70 -10.10 1.91 -9.77
CA VAL A 70 -10.37 2.15 -11.21
C VAL A 70 -11.34 1.08 -11.72
N SER A 71 -12.46 1.48 -12.25
CA SER A 71 -13.44 0.46 -12.73
C SER A 71 -13.28 0.24 -14.24
N ILE A 72 -13.27 -0.99 -14.65
CA ILE A 72 -13.14 -1.32 -16.10
C ILE A 72 -14.42 -2.03 -16.55
N ILE A 73 -15.09 -1.53 -17.54
CA ILE A 73 -16.36 -2.19 -17.99
C ILE A 73 -16.32 -2.40 -19.49
N ALA A 74 -17.16 -3.27 -19.99
CA ALA A 74 -17.20 -3.53 -21.46
C ALA A 74 -18.59 -3.25 -21.99
N VAL A 75 -18.69 -2.59 -23.11
CA VAL A 75 -20.03 -2.27 -23.69
C VAL A 75 -20.06 -2.67 -25.16
N ASN A 76 -21.15 -3.22 -25.61
CA ASN A 76 -21.24 -3.62 -27.05
C ASN A 76 -22.47 -2.95 -27.67
N GLY A 77 -22.70 -1.71 -27.36
CA GLY A 77 -23.87 -1.01 -27.92
C GLY A 77 -24.97 -0.94 -26.85
N ARG A 78 -25.98 -1.76 -26.97
CA ARG A 78 -27.06 -1.74 -25.95
C ARG A 78 -26.83 -2.86 -24.93
N GLU A 79 -25.78 -3.62 -25.10
CA GLU A 79 -25.51 -4.74 -24.14
C GLU A 79 -24.37 -4.34 -23.20
N GLU A 80 -24.33 -4.93 -22.03
CA GLU A 80 -23.25 -4.58 -21.07
C GLU A 80 -22.54 -5.86 -20.60
N SER A 81 -21.30 -5.74 -20.21
CA SER A 81 -20.55 -6.95 -19.73
C SER A 81 -20.33 -6.83 -18.22
N PRO A 82 -19.83 -7.87 -17.60
CA PRO A 82 -19.60 -7.85 -16.13
C PRO A 82 -18.58 -6.78 -15.75
N PRO A 83 -18.91 -5.90 -14.82
CA PRO A 83 -17.98 -4.82 -14.41
C PRO A 83 -16.66 -5.34 -13.83
N LEU A 84 -15.55 -4.89 -14.37
CA LEU A 84 -14.23 -5.33 -13.84
C LEU A 84 -13.62 -4.16 -13.06
N ILE A 85 -13.35 -4.34 -11.80
CA ILE A 85 -12.78 -3.23 -11.01
C ILE A 85 -11.48 -3.68 -10.34
N GLY A 86 -10.50 -2.81 -10.33
CA GLY A 86 -9.20 -3.15 -9.69
C GLY A 86 -8.74 -1.95 -8.89
N GLN A 87 -7.99 -2.17 -7.87
CA GLN A 87 -7.51 -1.04 -7.06
C GLN A 87 -6.01 -0.84 -7.26
N GLN A 88 -5.60 0.36 -7.54
CA GLN A 88 -4.15 0.62 -7.75
C GLN A 88 -3.72 1.71 -6.78
N ALA A 89 -2.66 1.49 -6.06
CA ALA A 89 -2.21 2.52 -5.09
C ALA A 89 -1.05 3.31 -5.68
N THR A 90 -1.15 4.61 -5.65
CA THR A 90 -0.06 5.46 -6.20
C THR A 90 1.11 5.43 -5.23
N VAL A 91 2.30 5.25 -5.73
CA VAL A 91 3.49 5.20 -4.84
C VAL A 91 3.38 6.27 -3.75
N SER A 92 4.05 6.06 -2.65
CA SER A 92 4.00 7.05 -1.54
C SER A 92 5.30 7.83 -1.49
N ASP A 93 5.96 7.87 -2.60
CA ASP A 93 7.25 8.61 -2.70
C ASP A 93 8.27 8.05 -1.71
N ILE A 94 8.02 6.90 -1.14
CA ILE A 94 9.00 6.33 -0.17
C ILE A 94 9.78 5.19 -0.82
N PRO A 95 11.07 5.11 -0.60
CA PRO A 95 11.85 3.98 -1.18
C PRO A 95 11.30 2.65 -0.66
N ARG A 96 11.82 1.54 -1.08
CA ARG A 96 11.27 0.25 -0.57
C ARG A 96 12.39 -0.77 -0.35
N ASP A 97 12.04 -1.88 0.24
CA ASP A 97 13.06 -2.93 0.50
C ASP A 97 14.18 -2.41 1.40
N LEU A 98 13.85 -1.63 2.39
CA LEU A 98 14.92 -1.13 3.30
C LEU A 98 15.38 -2.30 4.16
N GLU A 99 16.40 -3.00 3.76
CA GLU A 99 16.87 -4.17 4.55
C GLU A 99 18.38 -4.33 4.41
N VAL A 100 18.97 -5.19 5.20
CA VAL A 100 20.44 -5.38 5.11
C VAL A 100 20.78 -6.60 4.25
N ILE A 101 21.72 -6.45 3.36
CA ILE A 101 22.11 -7.58 2.49
C ILE A 101 23.36 -8.24 3.07
N ALA A 102 24.15 -7.46 3.75
CA ALA A 102 25.39 -7.98 4.38
C ALA A 102 25.46 -7.42 5.80
N SER A 103 25.79 -8.25 6.77
CA SER A 103 25.84 -7.73 8.16
C SER A 103 27.23 -7.95 8.76
N THR A 104 27.82 -6.90 9.28
CA THR A 104 29.16 -7.01 9.90
C THR A 104 29.01 -6.76 11.40
N PRO A 105 29.94 -7.23 12.18
CA PRO A 105 29.89 -7.06 13.66
C PRO A 105 29.62 -5.61 14.09
N THR A 106 30.22 -4.66 13.43
CA THR A 106 29.99 -3.24 13.82
C THR A 106 29.40 -2.44 12.66
N SER A 107 28.99 -3.09 11.60
CA SER A 107 28.42 -2.32 10.45
C SER A 107 27.46 -3.17 9.65
N LEU A 108 26.62 -2.54 8.85
CA LEU A 108 25.66 -3.31 8.02
C LEU A 108 25.48 -2.59 6.68
N LEU A 109 25.14 -3.31 5.65
CA LEU A 109 24.93 -2.68 4.33
C LEU A 109 23.43 -2.56 4.07
N ILE A 110 22.93 -1.37 3.89
CA ILE A 110 21.46 -1.21 3.66
C ILE A 110 21.16 -0.97 2.18
N SER A 111 20.05 -1.46 1.72
CA SER A 111 19.68 -1.26 0.29
C SER A 111 18.17 -0.96 0.20
N TRP A 112 17.78 -0.20 -0.78
CA TRP A 112 16.33 0.14 -0.93
C TRP A 112 16.03 0.46 -2.40
N GLU A 113 14.79 0.37 -2.80
CA GLU A 113 14.43 0.68 -4.21
C GLU A 113 14.20 2.20 -4.35
N PRO A 114 14.57 2.78 -5.46
CA PRO A 114 14.37 4.24 -5.67
C PRO A 114 12.89 4.64 -5.60
N PRO A 115 12.56 5.73 -4.95
CA PRO A 115 11.14 6.18 -4.85
C PRO A 115 10.53 6.45 -6.24
N ALA A 116 9.40 7.10 -6.27
CA ALA A 116 8.74 7.39 -7.58
C ALA A 116 8.93 8.88 -7.92
N VAL A 117 9.56 9.62 -7.05
CA VAL A 117 9.76 11.08 -7.32
C VAL A 117 11.23 11.44 -7.09
N SER A 118 11.67 12.57 -7.57
CA SER A 118 13.09 12.96 -7.39
C SER A 118 13.35 13.27 -5.90
N VAL A 119 14.55 13.05 -5.44
CA VAL A 119 14.86 13.29 -4.01
C VAL A 119 16.18 14.05 -3.89
N ARG A 120 16.28 14.98 -2.98
CA ARG A 120 17.57 15.72 -2.83
C ARG A 120 18.57 14.76 -2.22
N TYR A 121 18.20 14.12 -1.15
CA TYR A 121 19.11 13.17 -0.48
C TYR A 121 18.30 12.35 0.52
N TYR A 122 18.93 11.44 1.20
CA TYR A 122 18.17 10.64 2.22
C TYR A 122 18.80 10.85 3.59
N ARG A 123 18.00 10.97 4.61
CA ARG A 123 18.54 11.17 5.97
C ARG A 123 18.36 9.85 6.72
N ILE A 124 19.40 9.30 7.25
CA ILE A 124 19.27 8.00 7.95
C ILE A 124 19.69 8.11 9.41
N THR A 125 19.05 7.38 10.27
CA THR A 125 19.38 7.46 11.72
C THR A 125 19.89 6.10 12.24
N TYR A 126 20.77 6.15 13.22
CA TYR A 126 21.31 4.90 13.83
C TYR A 126 20.47 4.52 15.03
N GLY A 127 20.16 3.26 15.17
CA GLY A 127 19.35 2.81 16.32
C GLY A 127 20.17 2.03 17.33
N GLU A 128 20.27 2.53 18.53
CA GLU A 128 21.02 1.78 19.57
C GLU A 128 20.02 1.25 20.61
N THR A 129 20.27 0.08 21.14
CA THR A 129 19.33 -0.48 22.15
C THR A 129 18.71 0.64 22.98
N GLY A 130 17.58 0.37 23.58
CA GLY A 130 16.91 1.42 24.42
C GLY A 130 16.39 2.53 23.52
N GLY A 131 15.17 2.42 23.07
CA GLY A 131 14.59 3.48 22.20
C GLY A 131 14.94 4.85 22.79
N ASN A 132 15.19 4.90 24.07
CA ASN A 132 15.54 6.20 24.72
C ASN A 132 16.99 6.54 24.40
N SER A 133 17.71 5.61 23.83
CA SER A 133 19.13 5.87 23.48
C SER A 133 19.20 6.82 22.27
N PRO A 134 20.11 7.78 22.28
CA PRO A 134 20.23 8.74 21.15
C PRO A 134 20.52 8.03 19.82
N VAL A 135 20.00 8.57 18.74
CA VAL A 135 20.21 7.96 17.41
C VAL A 135 21.27 8.77 16.65
N GLN A 136 22.01 8.16 15.77
CA GLN A 136 23.03 8.96 15.01
C GLN A 136 22.50 9.24 13.60
N GLU A 137 22.41 10.49 13.24
CA GLU A 137 21.88 10.84 11.90
C GLU A 137 23.00 11.14 10.90
N PHE A 138 22.96 10.54 9.74
CA PHE A 138 23.99 10.82 8.70
C PHE A 138 23.28 11.00 7.36
N THR A 139 23.76 11.89 6.52
CA THR A 139 23.07 12.15 5.22
C THR A 139 23.54 11.14 4.16
N VAL A 140 22.84 11.10 3.05
CA VAL A 140 23.20 10.15 1.96
C VAL A 140 22.97 10.83 0.60
N PRO A 141 23.94 10.80 -0.28
CA PRO A 141 23.77 11.44 -1.62
C PRO A 141 22.57 10.84 -2.39
N GLY A 142 21.96 11.62 -3.24
CA GLY A 142 20.79 11.10 -4.00
C GLY A 142 21.26 10.12 -5.08
N SER A 143 22.54 10.01 -5.28
CA SER A 143 23.05 9.08 -6.32
C SER A 143 23.29 7.68 -5.73
N LYS A 144 23.03 7.51 -4.46
CA LYS A 144 23.26 6.16 -3.84
C LYS A 144 21.93 5.47 -3.57
N SER A 145 21.75 4.28 -4.08
CA SER A 145 20.48 3.53 -3.83
C SER A 145 20.67 2.64 -2.60
N THR A 146 21.87 2.59 -2.10
CA THR A 146 22.16 1.75 -0.90
C THR A 146 23.16 2.50 -0.02
N ALA A 147 23.26 2.17 1.25
CA ALA A 147 24.23 2.88 2.11
C ALA A 147 24.90 1.90 3.06
N THR A 148 25.95 2.32 3.71
CA THR A 148 26.65 1.42 4.67
C THR A 148 26.56 2.05 6.06
N ILE A 149 26.29 1.26 7.06
CA ILE A 149 26.18 1.82 8.43
C ILE A 149 27.38 1.34 9.25
N ASN A 150 28.14 2.25 9.80
CA ASN A 150 29.33 1.82 10.60
C ASN A 150 29.25 2.42 12.00
N ASN A 151 30.11 1.98 12.89
CA ASN A 151 30.11 2.50 14.29
C ASN A 151 28.88 1.97 15.04
N ILE A 152 28.65 0.68 14.99
CA ILE A 152 27.49 0.09 15.68
C ILE A 152 27.99 -0.87 16.79
N LYS A 153 27.48 -0.73 17.99
CA LYS A 153 27.94 -1.64 19.09
C LYS A 153 27.35 -3.05 18.89
N PRO A 154 28.18 -4.06 18.73
CA PRO A 154 27.68 -5.46 18.54
C PRO A 154 26.95 -6.00 19.77
N GLY A 155 26.26 -7.11 19.61
CA GLY A 155 25.54 -7.73 20.75
C GLY A 155 24.50 -6.75 21.32
N ALA A 156 23.98 -5.87 20.52
CA ALA A 156 22.98 -4.91 21.05
C ALA A 156 21.86 -4.70 20.03
N ASP A 157 20.64 -4.63 20.51
CA ASP A 157 19.49 -4.39 19.60
C ASP A 157 19.70 -3.06 18.88
N TYR A 158 19.38 -2.96 17.63
CA TYR A 158 19.60 -1.67 16.93
C TYR A 158 18.37 -1.31 16.09
N THR A 159 18.21 -0.06 15.76
CA THR A 159 17.07 0.35 14.91
C THR A 159 17.61 1.22 13.77
N ILE A 160 17.41 0.81 12.55
CA ILE A 160 17.93 1.63 11.42
C ILE A 160 16.75 2.29 10.72
N THR A 161 16.75 3.58 10.62
CA THR A 161 15.59 4.25 9.95
C THR A 161 16.08 5.18 8.85
N LEU A 162 15.40 5.20 7.74
CA LEU A 162 15.82 6.05 6.62
C LEU A 162 14.70 7.03 6.24
N TYR A 163 15.06 8.27 5.97
CA TYR A 163 14.05 9.30 5.58
C TYR A 163 14.47 9.87 4.23
N ALA A 164 13.55 10.36 3.45
CA ALA A 164 13.94 10.94 2.13
C ALA A 164 13.54 12.42 2.08
N VAL A 165 14.45 13.27 1.68
CA VAL A 165 14.13 14.71 1.63
C VAL A 165 14.08 15.18 0.17
N THR A 166 12.96 15.69 -0.25
CA THR A 166 12.82 16.17 -1.65
C THR A 166 12.84 17.70 -1.65
N GLY A 167 12.04 18.31 -0.83
CA GLY A 167 11.99 19.79 -0.77
C GLY A 167 13.39 20.34 -0.46
N ARG A 168 13.45 21.56 0.01
CA ARG A 168 14.77 22.16 0.33
C ARG A 168 14.65 22.93 1.65
N GLY A 169 15.72 23.50 2.10
CA GLY A 169 15.68 24.25 3.39
C GLY A 169 14.49 25.20 3.37
N ASP A 170 14.10 25.67 2.21
CA ASP A 170 12.94 26.61 2.14
C ASP A 170 11.66 25.81 2.41
N SER A 171 11.60 24.63 1.89
CA SER A 171 10.40 23.77 2.11
C SER A 171 10.86 22.35 2.43
N PRO A 172 11.45 22.17 3.58
CA PRO A 172 11.94 20.83 3.99
C PRO A 172 10.81 19.81 4.17
N ALA A 173 10.44 19.14 3.11
CA ALA A 173 9.34 18.14 3.22
C ALA A 173 9.93 16.73 3.11
N SER A 174 9.47 15.82 3.91
CA SER A 174 10.01 14.43 3.86
C SER A 174 8.85 13.43 3.76
N SER A 175 9.08 12.32 3.13
CA SER A 175 7.99 11.31 3.01
C SER A 175 7.88 10.54 4.33
N LYS A 176 6.87 9.75 4.50
CA LYS A 176 6.73 8.98 5.76
C LYS A 176 7.97 8.08 5.89
N PRO A 177 8.76 8.25 6.92
CA PRO A 177 9.99 7.41 7.09
C PRO A 177 9.72 5.92 7.19
N VAL A 178 10.63 5.13 6.71
CA VAL A 178 10.48 3.65 6.82
C VAL A 178 11.57 3.14 7.76
N SER A 179 11.19 2.53 8.83
CA SER A 179 12.21 2.06 9.82
C SER A 179 12.28 0.53 9.87
N ILE A 180 13.43 0.01 10.26
CA ILE A 180 13.58 -1.47 10.35
C ILE A 180 14.29 -1.79 11.67
N ASN A 181 14.18 -3.00 12.15
CA ASN A 181 14.85 -3.38 13.42
C ASN A 181 15.99 -4.34 13.10
N TYR A 182 17.15 -4.12 13.65
CA TYR A 182 18.29 -5.03 13.35
C TYR A 182 19.09 -5.31 14.63
N LYS A 183 19.29 -6.56 14.95
CA LYS A 183 20.07 -6.90 16.17
C LYS A 183 21.57 -6.89 15.82
N THR A 184 22.41 -6.53 16.75
CA THR A 184 23.87 -6.50 16.44
C THR A 184 24.62 -7.32 17.49
N GLY A 1 -36.11 -13.90 10.44
CA GLY A 1 -35.08 -13.38 11.45
C GLY A 1 -33.64 -13.70 11.25
N LEU A 2 -32.78 -12.74 11.39
CA LEU A 2 -31.33 -13.00 11.21
C LEU A 2 -30.58 -12.67 12.50
N ASP A 3 -29.76 -13.57 12.95
CA ASP A 3 -28.99 -13.31 14.20
C ASP A 3 -27.72 -12.52 13.85
N SER A 4 -27.46 -11.45 14.54
CA SER A 4 -26.25 -10.65 14.23
C SER A 4 -24.99 -11.42 14.63
N PRO A 5 -23.91 -11.27 13.90
CA PRO A 5 -22.64 -11.98 14.25
C PRO A 5 -22.12 -11.58 15.64
N THR A 6 -22.06 -12.50 16.56
CA THR A 6 -21.55 -12.15 17.91
C THR A 6 -20.32 -12.99 18.22
N GLY A 7 -20.01 -13.19 19.48
CA GLY A 7 -18.77 -13.94 19.80
C GLY A 7 -17.63 -13.01 19.41
N PHE A 8 -17.96 -11.76 19.32
CA PHE A 8 -16.99 -10.72 18.91
C PHE A 8 -15.73 -10.80 19.78
N ASP A 9 -14.59 -10.76 19.15
CA ASP A 9 -13.32 -10.80 19.91
C ASP A 9 -12.28 -9.99 19.12
N SER A 10 -11.38 -9.33 19.79
CA SER A 10 -10.38 -8.51 19.05
C SER A 10 -8.97 -8.86 19.53
N SER A 11 -8.03 -8.82 18.65
CA SER A 11 -6.63 -9.12 19.03
C SER A 11 -5.71 -8.84 17.84
N ASP A 12 -4.52 -9.36 17.85
CA ASP A 12 -3.60 -9.06 16.72
C ASP A 12 -3.64 -7.56 16.55
N ILE A 13 -3.66 -6.88 17.66
CA ILE A 13 -3.73 -5.42 17.64
C ILE A 13 -2.36 -4.80 17.37
N THR A 14 -2.29 -3.86 16.46
CA THR A 14 -1.00 -3.20 16.17
C THR A 14 -1.18 -1.70 16.35
N ALA A 15 -0.11 -0.96 16.45
CA ALA A 15 -0.22 0.51 16.65
C ALA A 15 -1.02 1.16 15.52
N ASN A 16 -0.56 1.03 14.31
CA ASN A 16 -1.29 1.65 13.16
C ASN A 16 -2.28 0.65 12.57
N SER A 17 -2.32 -0.53 13.10
CA SER A 17 -3.26 -1.55 12.55
C SER A 17 -3.67 -2.52 13.67
N PHE A 18 -4.80 -3.16 13.53
CA PHE A 18 -5.23 -4.13 14.57
C PHE A 18 -6.31 -5.05 13.96
N THR A 19 -6.41 -6.30 14.36
CA THR A 19 -7.45 -7.17 13.72
C THR A 19 -8.68 -7.34 14.61
N VAL A 20 -9.81 -7.55 13.99
CA VAL A 20 -11.08 -7.77 14.74
C VAL A 20 -11.62 -9.15 14.36
N HIS A 21 -12.12 -9.91 15.30
CA HIS A 21 -12.64 -11.26 14.95
C HIS A 21 -14.07 -11.45 15.46
N TRP A 22 -14.90 -12.10 14.69
CA TRP A 22 -16.30 -12.36 15.12
C TRP A 22 -16.78 -13.66 14.48
N VAL A 23 -17.75 -14.30 15.07
CA VAL A 23 -18.24 -15.57 14.48
C VAL A 23 -19.37 -15.30 13.49
N ALA A 24 -19.61 -16.22 12.62
CA ALA A 24 -20.68 -16.03 11.61
C ALA A 24 -22.01 -16.55 12.19
N PRO A 25 -23.11 -15.87 11.95
CA PRO A 25 -24.42 -16.32 12.48
C PRO A 25 -24.79 -17.73 12.00
N ARG A 26 -25.93 -18.22 12.42
CA ARG A 26 -26.34 -19.59 12.00
C ARG A 26 -27.35 -19.49 10.85
N ALA A 27 -27.55 -18.32 10.31
CA ALA A 27 -28.54 -18.18 9.20
C ALA A 27 -27.82 -17.75 7.91
N PRO A 28 -28.34 -18.14 6.77
CA PRO A 28 -27.72 -17.77 5.46
C PRO A 28 -27.58 -16.26 5.28
N ILE A 29 -26.41 -15.79 4.95
CA ILE A 29 -26.20 -14.33 4.75
C ILE A 29 -25.46 -14.09 3.44
N THR A 30 -25.36 -12.85 3.02
CA THR A 30 -24.65 -12.55 1.76
C THR A 30 -23.28 -11.91 2.07
N GLY A 31 -22.99 -11.68 3.32
CA GLY A 31 -21.66 -11.07 3.67
C GLY A 31 -21.84 -10.07 4.82
N TYR A 32 -20.76 -9.53 5.33
CA TYR A 32 -20.86 -8.55 6.44
C TYR A 32 -20.21 -7.22 6.01
N ILE A 33 -20.68 -6.12 6.52
CA ILE A 33 -20.05 -4.82 6.16
C ILE A 33 -19.42 -4.21 7.41
N ILE A 34 -18.19 -3.81 7.33
CA ILE A 34 -17.53 -3.24 8.53
C ILE A 34 -17.36 -1.72 8.40
N ARG A 35 -17.96 -0.99 9.30
CA ARG A 35 -17.78 0.48 9.27
C ARG A 35 -16.92 0.83 10.50
N HIS A 36 -15.87 1.58 10.34
CA HIS A 36 -15.03 1.88 11.53
C HIS A 36 -14.67 3.37 11.61
N HIS A 37 -14.52 3.86 12.81
CA HIS A 37 -14.17 5.30 12.99
C HIS A 37 -13.64 5.52 14.41
N ALA A 38 -12.78 6.48 14.59
CA ALA A 38 -12.24 6.74 15.97
C ALA A 38 -13.23 7.62 16.74
N GLU A 39 -13.07 7.70 18.03
CA GLU A 39 -14.02 8.52 18.85
C GLU A 39 -13.97 9.96 18.38
N HIS A 40 -12.81 10.40 18.01
CA HIS A 40 -12.64 11.81 17.55
C HIS A 40 -12.89 11.90 16.04
N SER A 41 -13.56 10.93 15.48
CA SER A 41 -13.83 10.96 14.01
C SER A 41 -14.93 11.99 13.73
N VAL A 42 -15.15 12.31 12.48
CA VAL A 42 -16.21 13.30 12.14
C VAL A 42 -17.41 12.60 11.54
N GLY A 43 -18.41 13.34 11.15
CA GLY A 43 -19.63 12.71 10.56
C GLY A 43 -19.27 11.89 9.32
N ARG A 44 -18.01 11.61 9.11
CA ARG A 44 -17.62 10.82 7.91
C ARG A 44 -16.88 9.55 8.34
N PRO A 45 -17.56 8.60 8.91
CA PRO A 45 -16.91 7.33 9.36
C PRO A 45 -16.30 6.56 8.19
N ARG A 46 -15.25 5.82 8.44
CA ARG A 46 -14.59 5.05 7.35
C ARG A 46 -15.45 3.85 6.98
N GLN A 47 -15.28 3.34 5.79
CA GLN A 47 -16.09 2.16 5.35
C GLN A 47 -15.19 0.98 5.00
N ASP A 48 -15.48 -0.16 5.56
CA ASP A 48 -14.67 -1.38 5.26
C ASP A 48 -15.63 -2.56 5.16
N ARG A 49 -15.71 -3.18 4.02
CA ARG A 49 -16.65 -4.33 3.86
C ARG A 49 -15.86 -5.64 3.74
N VAL A 50 -16.36 -6.70 4.33
CA VAL A 50 -15.64 -8.00 4.26
C VAL A 50 -16.57 -9.09 3.72
N PRO A 51 -16.11 -9.94 2.82
CA PRO A 51 -16.96 -11.03 2.29
C PRO A 51 -17.40 -12.00 3.40
N PRO A 52 -18.45 -12.75 3.16
CA PRO A 52 -18.95 -13.71 4.17
C PRO A 52 -17.88 -14.72 4.58
N SER A 53 -17.02 -15.08 3.68
CA SER A 53 -15.95 -16.06 4.00
C SER A 53 -14.91 -15.44 4.94
N ARG A 54 -14.98 -14.15 5.15
CA ARG A 54 -14.00 -13.49 6.05
C ARG A 54 -14.65 -13.17 7.40
N ASN A 55 -14.10 -13.71 8.45
CA ASN A 55 -14.67 -13.44 9.81
C ASN A 55 -13.72 -12.50 10.56
N SER A 56 -12.57 -12.23 9.99
CA SER A 56 -11.60 -11.32 10.66
C SER A 56 -11.13 -10.26 9.66
N ILE A 57 -11.02 -9.03 10.08
CA ILE A 57 -10.57 -7.96 9.15
C ILE A 57 -9.43 -7.17 9.81
N THR A 58 -8.37 -6.94 9.08
CA THR A 58 -7.24 -6.18 9.66
C THR A 58 -7.29 -4.73 9.19
N LEU A 59 -7.40 -3.81 10.11
CA LEU A 59 -7.46 -2.37 9.72
C LEU A 59 -6.06 -1.77 9.73
N THR A 60 -5.80 -0.89 8.81
CA THR A 60 -4.46 -0.26 8.74
C THR A 60 -4.61 1.26 8.64
N ASN A 61 -3.52 1.98 8.59
CA ASN A 61 -3.58 3.46 8.50
C ASN A 61 -4.35 4.02 9.69
N LEU A 62 -4.09 3.52 10.87
CA LEU A 62 -4.81 4.02 12.08
C LEU A 62 -3.83 4.80 12.95
N ASN A 63 -4.33 5.73 13.73
CA ASN A 63 -3.43 6.51 14.62
C ASN A 63 -2.90 5.59 15.73
N PRO A 64 -1.60 5.50 15.92
CA PRO A 64 -1.04 4.61 16.98
C PRO A 64 -1.44 5.07 18.38
N GLY A 65 -1.90 4.18 19.19
CA GLY A 65 -2.31 4.56 20.57
C GLY A 65 -3.62 5.33 20.50
N THR A 66 -4.66 4.69 20.02
CA THR A 66 -5.97 5.40 19.92
C THR A 66 -7.13 4.44 20.12
N GLU A 67 -8.23 4.94 20.58
CA GLU A 67 -9.42 4.06 20.77
C GLU A 67 -10.24 4.10 19.49
N TYR A 68 -10.44 2.98 18.86
CA TYR A 68 -11.23 2.99 17.59
C TYR A 68 -12.59 2.33 17.80
N VAL A 69 -13.58 2.78 17.08
CA VAL A 69 -14.94 2.18 17.20
C VAL A 69 -15.23 1.42 15.92
N VAL A 70 -15.57 0.16 16.01
CA VAL A 70 -15.82 -0.62 14.77
C VAL A 70 -17.21 -1.26 14.83
N SER A 71 -18.00 -1.10 13.79
CA SER A 71 -19.36 -1.69 13.79
C SER A 71 -19.49 -2.76 12.70
N ILE A 72 -20.15 -3.84 13.01
CA ILE A 72 -20.35 -4.94 12.02
C ILE A 72 -21.81 -4.96 11.57
N ILE A 73 -22.06 -4.97 10.30
CA ILE A 73 -23.47 -5.00 9.83
C ILE A 73 -23.70 -6.25 9.00
N ALA A 74 -24.65 -7.07 9.38
CA ALA A 74 -24.91 -8.32 8.61
C ALA A 74 -26.00 -8.06 7.57
N VAL A 75 -25.78 -8.47 6.35
CA VAL A 75 -26.79 -8.26 5.29
C VAL A 75 -27.07 -9.57 4.56
N ASN A 76 -28.31 -9.84 4.25
CA ASN A 76 -28.65 -11.09 3.52
C ASN A 76 -29.33 -10.74 2.21
N GLY A 77 -28.82 -9.76 1.51
CA GLY A 77 -29.45 -9.36 0.22
C GLY A 77 -30.35 -8.15 0.46
N ARG A 78 -31.62 -8.36 0.63
CA ARG A 78 -32.55 -7.22 0.88
C ARG A 78 -32.89 -7.16 2.36
N GLU A 79 -32.35 -8.06 3.15
CA GLU A 79 -32.66 -8.05 4.61
C GLU A 79 -31.40 -7.69 5.40
N GLU A 80 -31.58 -7.09 6.55
CA GLU A 80 -30.40 -6.71 7.38
C GLU A 80 -30.54 -7.32 8.77
N SER A 81 -29.44 -7.56 9.44
CA SER A 81 -29.49 -8.16 10.80
C SER A 81 -29.17 -7.07 11.84
N PRO A 82 -29.37 -7.38 13.10
CA PRO A 82 -29.08 -6.39 14.18
C PRO A 82 -27.60 -5.95 14.18
N PRO A 83 -27.32 -4.67 14.12
CA PRO A 83 -25.91 -4.18 14.10
C PRO A 83 -25.12 -4.57 15.36
N LEU A 84 -23.85 -4.86 15.19
CA LEU A 84 -23.00 -5.22 16.36
C LEU A 84 -21.86 -4.22 16.44
N ILE A 85 -21.63 -3.62 17.58
CA ILE A 85 -20.54 -2.63 17.67
C ILE A 85 -19.61 -2.95 18.86
N GLY A 86 -18.33 -2.78 18.65
CA GLY A 86 -17.35 -3.04 19.73
C GLY A 86 -16.25 -1.98 19.63
N GLN A 87 -15.50 -1.80 20.66
CA GLN A 87 -14.43 -0.77 20.61
C GLN A 87 -13.06 -1.42 20.74
N GLN A 88 -12.12 -0.98 19.95
CA GLN A 88 -10.75 -1.56 20.00
C GLN A 88 -9.76 -0.40 20.09
N ALA A 89 -8.74 -0.53 20.90
CA ALA A 89 -7.77 0.59 21.02
C ALA A 89 -6.43 0.18 20.42
N THR A 90 -5.82 1.07 19.68
CA THR A 90 -4.51 0.75 19.07
C THR A 90 -3.41 0.89 20.11
N VAL A 91 -2.46 0.00 20.11
CA VAL A 91 -1.33 0.04 21.09
C VAL A 91 -0.61 1.40 21.07
N SER A 92 0.26 1.63 22.03
CA SER A 92 1.01 2.92 22.09
C SER A 92 2.40 2.76 21.46
N ASP A 93 2.83 3.73 20.69
CA ASP A 93 4.16 3.64 20.02
C ASP A 93 5.32 3.76 21.01
N ILE A 94 5.23 4.62 22.00
CA ILE A 94 6.36 4.78 22.95
C ILE A 94 6.46 3.56 23.89
N PRO A 95 7.65 3.09 24.19
CA PRO A 95 7.82 1.95 25.13
C PRO A 95 7.31 2.33 26.53
N ARG A 96 6.03 2.27 26.73
CA ARG A 96 5.45 2.65 28.05
C ARG A 96 5.96 1.73 29.16
N ASP A 97 5.75 2.14 30.39
CA ASP A 97 6.17 1.33 31.57
C ASP A 97 7.70 1.19 31.66
N LEU A 98 8.44 2.25 31.41
CA LEU A 98 9.91 2.14 31.54
C LEU A 98 10.25 2.24 33.03
N GLU A 99 10.55 1.14 33.68
CA GLU A 99 10.84 1.21 35.14
C GLU A 99 11.84 0.11 35.53
N VAL A 100 12.33 0.16 36.73
CA VAL A 100 13.30 -0.88 37.18
C VAL A 100 12.60 -1.86 38.11
N ILE A 101 12.88 -3.13 37.96
CA ILE A 101 12.22 -4.14 38.84
C ILE A 101 13.26 -4.79 39.75
N ALA A 102 14.51 -4.54 39.48
CA ALA A 102 15.60 -5.12 40.33
C ALA A 102 16.66 -4.04 40.55
N SER A 103 17.07 -3.83 41.77
CA SER A 103 18.09 -2.77 42.03
C SER A 103 19.39 -3.40 42.53
N THR A 104 20.34 -3.59 41.66
CA THR A 104 21.63 -4.19 42.08
C THR A 104 22.57 -3.06 42.53
N PRO A 105 23.47 -3.36 43.43
CA PRO A 105 24.42 -2.33 43.94
C PRO A 105 25.19 -1.62 42.81
N THR A 106 25.44 -2.29 41.72
CA THR A 106 26.18 -1.61 40.61
C THR A 106 25.44 -1.77 39.29
N SER A 107 24.21 -2.20 39.31
CA SER A 107 23.46 -2.35 38.02
C SER A 107 21.96 -2.36 38.29
N LEU A 108 21.17 -2.12 37.28
CA LEU A 108 19.70 -2.11 37.47
C LEU A 108 19.02 -2.88 36.34
N LEU A 109 17.85 -3.41 36.58
CA LEU A 109 17.14 -4.16 35.52
C LEU A 109 16.02 -3.27 34.96
N ILE A 110 16.06 -2.97 33.69
CA ILE A 110 15.00 -2.10 33.10
C ILE A 110 14.06 -2.92 32.22
N SER A 111 12.79 -2.68 32.37
CA SER A 111 11.80 -3.42 31.55
C SER A 111 10.75 -2.43 31.05
N TRP A 112 10.32 -2.59 29.82
CA TRP A 112 9.30 -1.66 29.28
C TRP A 112 8.35 -2.43 28.35
N GLU A 113 7.17 -1.93 28.14
CA GLU A 113 6.20 -2.65 27.27
C GLU A 113 6.68 -2.57 25.81
N PRO A 114 6.80 -3.68 25.12
CA PRO A 114 7.24 -3.65 23.69
C PRO A 114 6.23 -2.89 22.80
N PRO A 115 6.66 -1.90 22.06
CA PRO A 115 5.73 -1.15 21.19
C PRO A 115 5.06 -2.04 20.14
N ALA A 116 4.17 -1.49 19.36
CA ALA A 116 3.47 -2.31 18.33
C ALA A 116 3.97 -1.92 16.93
N VAL A 117 5.16 -1.40 16.84
CA VAL A 117 5.71 -1.00 15.53
C VAL A 117 7.10 -1.59 15.35
N SER A 118 7.57 -1.67 14.14
CA SER A 118 8.93 -2.26 13.91
C SER A 118 9.98 -1.31 14.50
N VAL A 119 10.87 -1.84 15.28
CA VAL A 119 11.92 -0.98 15.90
C VAL A 119 13.30 -1.55 15.59
N ARG A 120 14.21 -0.73 15.16
CA ARG A 120 15.57 -1.25 14.86
C ARG A 120 16.24 -1.58 16.20
N TYR A 121 16.27 -0.61 17.07
CA TYR A 121 16.91 -0.83 18.40
C TYR A 121 16.53 0.32 19.34
N TYR A 122 16.85 0.21 20.60
CA TYR A 122 16.53 1.32 21.54
C TYR A 122 17.85 1.87 22.09
N ARG A 123 18.00 3.16 22.19
CA ARG A 123 19.27 3.72 22.72
C ARG A 123 19.05 4.09 24.18
N ILE A 124 19.83 3.55 25.09
CA ILE A 124 19.63 3.89 26.52
C ILE A 124 20.79 4.73 27.03
N THR A 125 20.50 5.72 27.84
CA THR A 125 21.58 6.60 28.36
C THR A 125 21.72 6.46 29.86
N TYR A 126 22.94 6.40 30.34
CA TYR A 126 23.17 6.29 31.81
C TYR A 126 23.15 7.69 32.40
N GLY A 127 22.32 7.93 33.37
CA GLY A 127 22.29 9.28 33.98
C GLY A 127 22.89 9.25 35.37
N GLU A 128 23.85 10.10 35.62
CA GLU A 128 24.47 10.16 36.97
C GLU A 128 23.99 11.43 37.67
N THR A 129 24.12 11.48 38.97
CA THR A 129 23.69 12.67 39.75
C THR A 129 23.51 13.89 38.84
N GLY A 130 24.57 14.37 38.24
CA GLY A 130 24.43 15.54 37.33
C GLY A 130 25.58 16.52 37.55
N GLY A 131 26.62 16.12 38.23
CA GLY A 131 27.77 17.06 38.43
C GLY A 131 28.34 17.42 37.07
N ASN A 132 29.03 16.51 36.45
CA ASN A 132 29.60 16.78 35.10
C ASN A 132 28.69 16.13 34.05
N SER A 133 27.64 15.50 34.51
CA SER A 133 26.69 14.83 33.58
C SER A 133 27.35 13.64 32.87
N PRO A 134 28.15 12.86 33.55
CA PRO A 134 28.80 11.68 32.92
C PRO A 134 27.76 10.70 32.37
N VAL A 135 27.31 10.90 31.16
CA VAL A 135 26.29 9.96 30.61
C VAL A 135 26.97 8.85 29.81
N GLN A 136 26.50 7.64 29.96
CA GLN A 136 27.11 6.53 29.18
C GLN A 136 26.02 5.90 28.31
N GLU A 137 26.03 6.19 27.04
CA GLU A 137 24.97 5.64 26.13
C GLU A 137 25.34 4.26 25.59
N PHE A 138 24.36 3.40 25.50
CA PHE A 138 24.59 2.04 24.95
C PHE A 138 23.34 1.61 24.14
N THR A 139 23.51 0.81 23.13
CA THR A 139 22.34 0.41 22.29
C THR A 139 21.65 -0.85 22.84
N VAL A 140 20.49 -1.15 22.31
CA VAL A 140 19.73 -2.35 22.78
C VAL A 140 19.20 -3.13 21.58
N PRO A 141 19.47 -4.41 21.48
CA PRO A 141 18.95 -5.19 20.33
C PRO A 141 17.42 -5.10 20.21
N GLY A 142 16.89 -5.31 19.04
CA GLY A 142 15.41 -5.22 18.87
C GLY A 142 14.74 -6.50 19.38
N SER A 143 15.50 -7.44 19.85
CA SER A 143 14.89 -8.71 20.35
C SER A 143 14.79 -8.69 21.88
N LYS A 144 15.17 -7.61 22.51
CA LYS A 144 15.09 -7.57 24.01
C LYS A 144 14.03 -6.55 24.44
N SER A 145 13.12 -6.96 25.30
CA SER A 145 12.08 -6.02 25.79
C SER A 145 12.55 -5.42 27.12
N THR A 146 13.65 -5.90 27.62
CA THR A 146 14.20 -5.38 28.90
C THR A 146 15.72 -5.29 28.75
N ALA A 147 16.39 -4.47 29.52
CA ALA A 147 17.86 -4.38 29.36
C ALA A 147 18.55 -4.31 30.72
N THR A 148 19.81 -4.63 30.75
CA THR A 148 20.56 -4.60 32.04
C THR A 148 21.48 -3.37 32.05
N ILE A 149 21.63 -2.73 33.17
CA ILE A 149 22.51 -1.54 33.23
C ILE A 149 23.72 -1.83 34.13
N ASN A 150 24.90 -1.74 33.59
CA ASN A 150 26.12 -2.02 34.42
C ASN A 150 27.04 -0.79 34.41
N ASN A 151 28.09 -0.82 35.18
CA ASN A 151 29.02 0.34 35.22
C ASN A 151 28.29 1.56 35.80
N ILE A 152 27.59 1.37 36.88
CA ILE A 152 26.85 2.49 37.52
C ILE A 152 27.54 2.84 38.84
N LYS A 153 27.43 4.06 39.29
CA LYS A 153 28.10 4.45 40.57
C LYS A 153 27.10 4.40 41.74
N PRO A 154 27.23 3.46 42.65
CA PRO A 154 26.31 3.37 43.81
C PRO A 154 26.46 4.56 44.77
N GLY A 155 25.43 4.87 45.50
CA GLY A 155 25.51 6.02 46.46
C GLY A 155 25.34 7.34 45.74
N ALA A 156 24.84 7.32 44.52
CA ALA A 156 24.65 8.60 43.78
C ALA A 156 23.31 8.57 43.05
N ASP A 157 22.69 9.71 42.87
CA ASP A 157 21.39 9.75 42.16
C ASP A 157 21.65 9.45 40.68
N TYR A 158 20.69 8.88 40.00
CA TYR A 158 20.93 8.55 38.56
C TYR A 158 19.69 8.85 37.72
N THR A 159 19.87 8.90 36.43
CA THR A 159 18.71 9.16 35.52
C THR A 159 18.84 8.19 34.33
N ILE A 160 17.91 7.29 34.17
CA ILE A 160 18.02 6.34 33.03
C ILE A 160 17.05 6.78 31.94
N THR A 161 17.53 7.04 30.75
CA THR A 161 16.62 7.48 29.66
C THR A 161 16.89 6.69 28.40
N LEU A 162 15.88 6.46 27.60
CA LEU A 162 16.13 5.68 26.36
C LEU A 162 15.34 6.23 25.17
N TYR A 163 15.87 6.02 23.99
CA TYR A 163 15.22 6.48 22.75
C TYR A 163 14.94 5.26 21.87
N ALA A 164 13.81 5.21 21.24
CA ALA A 164 13.53 4.04 20.37
C ALA A 164 13.80 4.44 18.93
N VAL A 165 14.64 3.72 18.24
CA VAL A 165 14.95 4.08 16.83
C VAL A 165 14.28 3.10 15.87
N THR A 166 13.44 3.60 15.01
CA THR A 166 12.75 2.71 14.04
C THR A 166 13.08 3.21 12.62
N GLY A 167 13.38 2.31 11.73
CA GLY A 167 13.71 2.76 10.34
C GLY A 167 12.47 2.72 9.47
N ARG A 168 12.17 3.80 8.82
CA ARG A 168 10.97 3.84 7.94
C ARG A 168 11.42 3.77 6.48
N GLY A 169 12.68 3.54 6.25
CA GLY A 169 13.19 3.46 4.86
C GLY A 169 14.30 4.50 4.66
N ASP A 170 14.16 5.37 3.70
CA ASP A 170 15.20 6.40 3.45
C ASP A 170 15.12 7.46 4.54
N SER A 171 14.03 7.48 5.26
CA SER A 171 13.86 8.50 6.35
C SER A 171 13.49 7.77 7.64
N PRO A 172 14.45 7.36 8.42
CA PRO A 172 14.17 6.64 9.68
C PRO A 172 13.38 7.51 10.67
N ALA A 173 13.17 7.02 11.86
CA ALA A 173 12.40 7.81 12.85
C ALA A 173 12.74 7.37 14.28
N SER A 174 12.47 8.20 15.24
CA SER A 174 12.74 7.84 16.66
C SER A 174 11.54 8.22 17.52
N SER A 175 11.18 7.39 18.47
CA SER A 175 10.02 7.72 19.34
C SER A 175 10.41 8.82 20.32
N LYS A 176 9.46 9.48 20.91
CA LYS A 176 9.81 10.56 21.88
C LYS A 176 10.58 9.94 23.05
N PRO A 177 11.66 10.56 23.46
CA PRO A 177 12.48 10.01 24.59
C PRO A 177 11.69 9.85 25.89
N VAL A 178 11.83 8.73 26.55
CA VAL A 178 11.14 8.52 27.85
C VAL A 178 12.22 8.34 28.92
N SER A 179 12.13 9.06 30.00
CA SER A 179 13.21 8.94 31.03
C SER A 179 12.65 8.67 32.42
N ILE A 180 13.48 8.14 33.29
CA ILE A 180 13.06 7.85 34.69
C ILE A 180 14.20 8.25 35.63
N ASN A 181 13.91 8.46 36.88
CA ASN A 181 14.99 8.84 37.83
C ASN A 181 15.30 7.65 38.74
N TYR A 182 16.55 7.31 38.88
CA TYR A 182 16.92 6.16 39.74
C TYR A 182 17.90 6.62 40.82
N LYS A 183 17.64 6.30 42.05
CA LYS A 183 18.56 6.73 43.14
C LYS A 183 19.46 5.56 43.52
N THR A 184 20.71 5.82 43.76
CA THR A 184 21.64 4.72 44.14
C THR A 184 22.24 5.01 45.52
N GLY A 1 -30.90 12.19 -21.93
CA GLY A 1 -31.18 10.77 -22.40
C GLY A 1 -30.03 9.84 -22.62
N LEU A 2 -28.86 10.24 -22.21
CA LEU A 2 -27.67 9.35 -22.40
C LEU A 2 -27.10 9.01 -21.02
N ASP A 3 -26.75 7.78 -20.82
CA ASP A 3 -26.18 7.38 -19.50
C ASP A 3 -24.68 7.70 -19.49
N SER A 4 -24.28 8.67 -18.71
CA SER A 4 -22.84 9.04 -18.67
C SER A 4 -22.06 7.93 -17.95
N PRO A 5 -20.82 7.74 -18.30
CA PRO A 5 -19.99 6.68 -17.66
C PRO A 5 -19.91 6.89 -16.14
N THR A 6 -19.78 5.82 -15.40
CA THR A 6 -19.69 5.97 -13.92
C THR A 6 -18.89 4.81 -13.34
N GLY A 7 -19.06 4.51 -12.09
CA GLY A 7 -18.26 3.41 -11.49
C GLY A 7 -16.83 3.94 -11.42
N PHE A 8 -16.72 5.23 -11.44
CA PHE A 8 -15.39 5.90 -11.41
C PHE A 8 -14.54 5.34 -10.27
N ASP A 9 -13.33 4.96 -10.56
CA ASP A 9 -12.43 4.40 -9.52
C ASP A 9 -10.99 4.62 -9.98
N SER A 10 -10.07 4.80 -9.07
CA SER A 10 -8.66 5.03 -9.49
C SER A 10 -7.75 3.96 -8.88
N SER A 11 -6.79 3.50 -9.62
CA SER A 11 -5.86 2.47 -9.10
C SER A 11 -4.55 2.52 -9.87
N ASP A 12 -3.65 1.60 -9.64
CA ASP A 12 -2.36 1.67 -10.36
C ASP A 12 -1.86 3.08 -10.21
N ILE A 13 -1.99 3.58 -9.02
CA ILE A 13 -1.59 4.97 -8.73
C ILE A 13 -0.07 5.07 -8.59
N THR A 14 0.55 5.93 -9.35
CA THR A 14 2.01 6.12 -9.22
C THR A 14 2.25 7.56 -8.76
N ALA A 15 3.40 7.86 -8.25
CA ALA A 15 3.65 9.25 -7.78
C ALA A 15 3.48 10.24 -8.94
N ASN A 16 4.27 10.07 -9.97
CA ASN A 16 4.15 11.00 -11.13
C ASN A 16 3.09 10.50 -12.11
N SER A 17 2.63 9.31 -11.91
CA SER A 17 1.60 8.75 -12.83
C SER A 17 0.56 7.96 -12.03
N PHE A 18 -0.64 7.84 -12.54
CA PHE A 18 -1.67 7.06 -11.81
C PHE A 18 -2.78 6.66 -12.79
N THR A 19 -3.34 5.48 -12.69
CA THR A 19 -4.41 5.10 -13.67
C THR A 19 -5.81 5.47 -13.18
N VAL A 20 -6.71 5.68 -14.10
CA VAL A 20 -8.12 6.03 -13.75
C VAL A 20 -9.04 5.00 -14.42
N HIS A 21 -10.06 4.55 -13.75
CA HIS A 21 -10.95 3.52 -14.38
C HIS A 21 -12.43 3.93 -14.26
N TRP A 22 -13.19 3.69 -15.29
CA TRP A 22 -14.65 4.04 -15.26
C TRP A 22 -15.41 3.02 -16.10
N VAL A 23 -16.69 2.89 -15.90
CA VAL A 23 -17.47 1.91 -16.71
C VAL A 23 -17.98 2.56 -17.99
N ALA A 24 -18.23 1.76 -18.98
CA ALA A 24 -18.72 2.29 -20.28
C ALA A 24 -20.25 2.13 -20.36
N PRO A 25 -20.99 3.21 -20.59
CA PRO A 25 -22.47 3.11 -20.71
C PRO A 25 -22.91 2.20 -21.87
N ARG A 26 -24.14 1.79 -21.87
CA ARG A 26 -24.62 0.90 -22.97
C ARG A 26 -25.23 1.75 -24.09
N ALA A 27 -25.27 3.04 -23.91
CA ALA A 27 -25.86 3.92 -24.97
C ALA A 27 -24.83 4.13 -26.08
N PRO A 28 -25.28 4.37 -27.29
CA PRO A 28 -24.36 4.60 -28.44
C PRO A 28 -23.41 5.78 -28.21
N ILE A 29 -22.14 5.54 -28.23
CA ILE A 29 -21.17 6.66 -28.00
C ILE A 29 -20.04 6.56 -29.02
N THR A 30 -19.28 7.61 -29.17
CA THR A 30 -18.15 7.58 -30.15
C THR A 30 -16.83 7.55 -29.37
N GLY A 31 -16.90 7.71 -28.08
CA GLY A 31 -15.65 7.70 -27.26
C GLY A 31 -15.83 8.66 -26.07
N TYR A 32 -14.87 8.71 -25.19
CA TYR A 32 -14.99 9.63 -24.02
C TYR A 32 -13.83 10.62 -24.04
N ILE A 33 -14.07 11.86 -23.72
CA ILE A 33 -12.96 12.84 -23.71
C ILE A 33 -12.38 12.86 -22.28
N ILE A 34 -11.12 12.54 -22.15
CA ILE A 34 -10.52 12.52 -20.78
C ILE A 34 -9.79 13.84 -20.51
N ARG A 35 -10.34 14.68 -19.68
CA ARG A 35 -9.62 15.94 -19.36
C ARG A 35 -9.04 15.80 -17.96
N HIS A 36 -7.75 15.90 -17.81
CA HIS A 36 -7.15 15.74 -16.45
C HIS A 36 -6.40 17.01 -16.06
N HIS A 37 -6.57 17.42 -14.84
CA HIS A 37 -5.88 18.65 -14.36
C HIS A 37 -5.84 18.65 -12.83
N ALA A 38 -4.96 19.40 -12.23
CA ALA A 38 -4.90 19.43 -10.75
C ALA A 38 -5.85 20.51 -10.22
N GLU A 39 -5.80 20.79 -8.95
CA GLU A 39 -6.71 21.83 -8.39
C GLU A 39 -6.59 23.09 -9.23
N HIS A 40 -5.65 23.90 -8.88
CA HIS A 40 -5.44 25.16 -9.63
C HIS A 40 -3.94 25.44 -9.76
N SER A 41 -3.14 24.40 -9.76
CA SER A 41 -1.67 24.61 -9.87
C SER A 41 -1.32 24.98 -11.31
N VAL A 42 -2.22 24.79 -12.21
CA VAL A 42 -1.95 25.13 -13.64
C VAL A 42 -3.15 25.83 -14.25
N GLY A 43 -2.93 26.84 -15.04
CA GLY A 43 -4.07 27.56 -15.68
C GLY A 43 -4.43 26.90 -17.00
N ARG A 44 -3.69 25.90 -17.39
CA ARG A 44 -4.00 25.20 -18.68
C ARG A 44 -4.30 23.72 -18.40
N PRO A 45 -5.55 23.36 -18.30
CA PRO A 45 -5.91 21.93 -18.05
C PRO A 45 -5.45 21.01 -19.18
N ARG A 46 -4.92 19.87 -18.86
CA ARG A 46 -4.44 18.94 -19.92
C ARG A 46 -5.63 18.24 -20.57
N GLN A 47 -5.64 18.16 -21.88
CA GLN A 47 -6.77 17.49 -22.57
C GLN A 47 -6.33 16.08 -23.02
N ASP A 48 -7.00 15.08 -22.55
CA ASP A 48 -6.64 13.69 -22.95
C ASP A 48 -7.89 13.02 -23.49
N ARG A 49 -7.77 12.26 -24.52
CA ARG A 49 -8.98 11.60 -25.10
C ARG A 49 -8.72 10.11 -25.30
N VAL A 50 -9.73 9.30 -25.15
CA VAL A 50 -9.53 7.83 -25.30
C VAL A 50 -10.72 7.23 -26.06
N PRO A 51 -10.49 6.22 -26.86
CA PRO A 51 -11.59 5.55 -27.61
C PRO A 51 -12.61 4.90 -26.66
N PRO A 52 -13.78 4.60 -27.16
CA PRO A 52 -14.84 3.96 -26.32
C PRO A 52 -14.40 2.62 -25.74
N SER A 53 -13.60 1.89 -26.47
CA SER A 53 -13.13 0.56 -25.99
C SER A 53 -12.16 0.72 -24.82
N ARG A 54 -11.57 1.88 -24.69
CA ARG A 54 -10.61 2.09 -23.58
C ARG A 54 -11.33 2.74 -22.39
N ASN A 55 -11.42 2.03 -21.29
CA ASN A 55 -12.10 2.60 -20.10
C ASN A 55 -11.06 2.96 -19.02
N SER A 56 -9.81 2.74 -19.30
CA SER A 56 -8.75 3.08 -18.30
C SER A 56 -7.66 3.91 -18.98
N ILE A 57 -7.23 4.98 -18.34
CA ILE A 57 -6.16 5.82 -18.95
C ILE A 57 -5.05 6.07 -17.93
N THR A 58 -3.82 5.95 -18.33
CA THR A 58 -2.70 6.18 -17.40
C THR A 58 -2.14 7.59 -17.59
N LEU A 59 -2.13 8.39 -16.55
CA LEU A 59 -1.59 9.77 -16.69
C LEU A 59 -0.14 9.80 -16.24
N THR A 60 0.65 10.62 -16.88
CA THR A 60 2.10 10.71 -16.53
C THR A 60 2.53 12.18 -16.39
N ASN A 61 3.78 12.41 -16.11
CA ASN A 61 4.27 13.81 -15.96
C ASN A 61 3.36 14.55 -14.97
N LEU A 62 3.12 13.97 -13.83
CA LEU A 62 2.25 14.63 -12.82
C LEU A 62 3.07 14.93 -11.57
N ASN A 63 2.68 15.92 -10.81
CA ASN A 63 3.45 16.24 -9.58
C ASN A 63 3.21 15.11 -8.55
N PRO A 64 4.26 14.48 -8.06
CA PRO A 64 4.10 13.38 -7.08
C PRO A 64 3.45 13.85 -5.78
N GLY A 65 2.48 13.13 -5.29
CA GLY A 65 1.82 13.53 -4.03
C GLY A 65 0.90 14.72 -4.31
N THR A 66 -0.08 14.53 -5.14
CA THR A 66 -0.98 15.67 -5.47
C THR A 66 -2.41 15.19 -5.73
N GLU A 67 -3.37 16.00 -5.41
CA GLU A 67 -4.78 15.62 -5.68
C GLU A 67 -5.14 16.11 -7.07
N TYR A 68 -5.49 15.23 -7.95
CA TYR A 68 -5.81 15.65 -9.34
C TYR A 68 -7.30 15.51 -9.61
N VAL A 69 -7.82 16.31 -10.51
CA VAL A 69 -9.25 16.23 -10.87
C VAL A 69 -9.36 15.66 -12.29
N VAL A 70 -10.03 14.56 -12.45
CA VAL A 70 -10.14 13.95 -13.80
C VAL A 70 -11.61 13.91 -14.24
N SER A 71 -11.91 14.38 -15.42
CA SER A 71 -13.32 14.38 -15.90
C SER A 71 -13.48 13.48 -17.13
N ILE A 72 -14.53 12.72 -17.17
CA ILE A 72 -14.79 11.85 -18.34
C ILE A 72 -16.04 12.37 -19.05
N ILE A 73 -15.94 12.72 -20.30
CA ILE A 73 -17.14 13.24 -21.01
C ILE A 73 -17.58 12.25 -22.08
N ALA A 74 -18.84 11.89 -22.10
CA ALA A 74 -19.30 10.93 -23.13
C ALA A 74 -19.88 11.70 -24.31
N VAL A 75 -19.37 11.48 -25.48
CA VAL A 75 -19.88 12.21 -26.67
C VAL A 75 -20.32 11.20 -27.74
N ASN A 76 -21.48 11.39 -28.30
CA ASN A 76 -21.95 10.46 -29.35
C ASN A 76 -22.08 11.22 -30.66
N GLY A 77 -21.19 12.14 -30.88
CA GLY A 77 -21.24 12.95 -32.13
C GLY A 77 -21.85 14.31 -31.83
N ARG A 78 -23.08 14.51 -32.19
CA ARG A 78 -23.73 15.83 -31.93
C ARG A 78 -24.41 15.82 -30.56
N GLU A 79 -24.34 14.74 -29.83
CA GLU A 79 -25.01 14.69 -28.50
C GLU A 79 -23.96 14.48 -27.41
N GLU A 80 -24.13 15.14 -26.28
CA GLU A 80 -23.15 14.98 -25.18
C GLU A 80 -23.85 14.43 -23.93
N SER A 81 -23.20 13.55 -23.22
CA SER A 81 -23.82 12.97 -21.99
C SER A 81 -23.36 13.79 -20.77
N PRO A 82 -24.00 13.58 -19.65
CA PRO A 82 -23.62 14.31 -18.41
C PRO A 82 -22.15 14.06 -18.01
N PRO A 83 -21.41 15.10 -17.73
CA PRO A 83 -19.97 14.95 -17.35
C PRO A 83 -19.76 14.12 -16.09
N LEU A 84 -18.62 13.47 -15.99
CA LEU A 84 -18.31 12.65 -14.78
C LEU A 84 -16.97 13.12 -14.21
N ILE A 85 -16.96 13.72 -13.05
CA ILE A 85 -15.68 14.19 -12.48
C ILE A 85 -15.41 13.53 -11.13
N GLY A 86 -14.24 12.99 -10.97
CA GLY A 86 -13.86 12.34 -9.69
C GLY A 86 -12.49 12.87 -9.30
N GLN A 87 -11.97 12.51 -8.17
CA GLN A 87 -10.64 13.02 -7.77
C GLN A 87 -9.71 11.86 -7.43
N GLN A 88 -8.48 11.95 -7.87
CA GLN A 88 -7.49 10.87 -7.57
C GLN A 88 -6.22 11.55 -7.06
N ALA A 89 -5.69 11.08 -5.96
CA ALA A 89 -4.45 11.72 -5.43
C ALA A 89 -3.22 10.92 -5.83
N THR A 90 -2.24 11.58 -6.33
CA THR A 90 -1.00 10.88 -6.74
C THR A 90 -0.21 10.50 -5.49
N VAL A 91 0.29 9.30 -5.44
CA VAL A 91 1.07 8.85 -4.25
C VAL A 91 2.04 9.96 -3.81
N SER A 92 2.66 9.78 -2.68
CA SER A 92 3.62 10.81 -2.19
C SER A 92 5.04 10.22 -2.19
N ASP A 93 6.03 11.04 -2.39
CA ASP A 93 7.43 10.54 -2.41
C ASP A 93 7.85 10.12 -1.00
N ILE A 94 7.12 10.53 0.00
CA ILE A 94 7.48 10.16 1.40
C ILE A 94 7.51 8.64 1.58
N PRO A 95 8.46 8.11 2.32
CA PRO A 95 8.49 6.65 2.58
C PRO A 95 7.28 6.24 3.42
N ARG A 96 7.26 5.06 3.97
CA ARG A 96 6.09 4.67 4.79
C ARG A 96 6.50 3.64 5.86
N ASP A 97 5.68 3.48 6.86
CA ASP A 97 5.97 2.49 7.93
C ASP A 97 7.29 2.81 8.62
N LEU A 98 7.59 4.06 8.87
CA LEU A 98 8.86 4.38 9.56
C LEU A 98 8.70 3.98 11.03
N GLU A 99 9.16 2.80 11.39
CA GLU A 99 9.01 2.36 12.80
C GLU A 99 10.14 1.41 13.17
N VAL A 100 10.29 1.07 14.42
CA VAL A 100 11.38 0.15 14.81
C VAL A 100 10.86 -1.28 14.92
N ILE A 101 11.63 -2.22 14.46
CA ILE A 101 11.20 -3.64 14.51
C ILE A 101 12.04 -4.37 15.56
N ALA A 102 13.08 -3.73 16.02
CA ALA A 102 13.96 -4.34 17.06
C ALA A 102 14.49 -3.22 17.94
N SER A 103 14.77 -3.49 19.18
CA SER A 103 15.29 -2.42 20.07
C SER A 103 16.55 -2.88 20.80
N THR A 104 17.58 -2.09 20.74
CA THR A 104 18.84 -2.44 21.43
C THR A 104 19.07 -1.45 22.57
N PRO A 105 19.85 -1.82 23.55
CA PRO A 105 20.11 -0.94 24.71
C PRO A 105 20.49 0.48 24.28
N THR A 106 21.29 0.62 23.26
CA THR A 106 21.69 1.99 22.82
C THR A 106 21.47 2.15 21.31
N SER A 107 20.66 1.31 20.73
CA SER A 107 20.43 1.44 19.25
C SER A 107 19.05 0.88 18.89
N LEU A 108 18.62 1.10 17.68
CA LEU A 108 17.28 0.60 17.26
C LEU A 108 17.32 0.14 15.80
N LEU A 109 16.45 -0.74 15.43
CA LEU A 109 16.41 -1.21 14.01
C LEU A 109 15.22 -0.53 13.34
N ILE A 110 15.45 0.23 12.31
CA ILE A 110 14.31 0.95 11.64
C ILE A 110 13.98 0.33 10.29
N SER A 111 12.72 0.36 9.94
CA SER A 111 12.31 -0.20 8.63
C SER A 111 11.22 0.70 8.01
N TRP A 112 11.24 0.84 6.72
CA TRP A 112 10.21 1.70 6.04
C TRP A 112 9.97 1.16 4.63
N GLU A 113 8.85 1.49 4.03
CA GLU A 113 8.58 0.97 2.66
C GLU A 113 8.99 2.01 1.60
N PRO A 114 9.56 1.58 0.50
CA PRO A 114 9.97 2.53 -0.56
C PRO A 114 8.77 3.32 -1.13
N PRO A 115 8.90 4.62 -1.29
CA PRO A 115 7.78 5.44 -1.83
C PRO A 115 7.34 4.98 -3.22
N ALA A 116 6.48 5.73 -3.85
CA ALA A 116 6.01 5.35 -5.21
C ALA A 116 7.10 5.70 -6.22
N VAL A 117 8.19 6.29 -5.78
CA VAL A 117 9.27 6.67 -6.72
C VAL A 117 10.61 6.15 -6.19
N SER A 118 11.59 6.03 -7.04
CA SER A 118 12.92 5.53 -6.58
C SER A 118 13.57 6.59 -5.70
N VAL A 119 14.41 6.20 -4.78
CA VAL A 119 15.07 7.21 -3.89
C VAL A 119 16.57 6.97 -3.87
N ARG A 120 17.35 8.01 -4.00
CA ARG A 120 18.83 7.81 -3.96
C ARG A 120 19.23 7.52 -2.51
N TYR A 121 18.76 8.29 -1.57
CA TYR A 121 19.12 8.01 -0.16
C TYR A 121 18.22 8.81 0.79
N TYR A 122 18.16 8.44 2.04
CA TYR A 122 17.31 9.18 3.02
C TYR A 122 18.19 9.66 4.18
N ARG A 123 17.84 10.76 4.81
CA ARG A 123 18.67 11.22 5.97
C ARG A 123 17.84 11.02 7.24
N ILE A 124 18.42 10.40 8.24
CA ILE A 124 17.64 10.16 9.50
C ILE A 124 18.24 10.98 10.64
N THR A 125 17.43 11.46 11.54
CA THR A 125 17.98 12.30 12.66
C THR A 125 17.63 11.68 14.02
N TYR A 126 18.53 11.77 14.96
CA TYR A 126 18.26 11.22 16.32
C TYR A 126 17.52 12.26 17.13
N GLY A 127 16.43 11.88 17.74
CA GLY A 127 15.65 12.84 18.56
C GLY A 127 15.81 12.53 20.05
N GLU A 128 16.03 13.54 20.82
CA GLU A 128 16.17 13.36 22.29
C GLU A 128 14.89 13.87 22.96
N THR A 129 14.54 13.33 24.09
CA THR A 129 13.30 13.77 24.80
C THR A 129 12.95 15.22 24.40
N GLY A 130 13.50 16.19 25.07
CA GLY A 130 13.19 17.60 24.70
C GLY A 130 14.09 18.02 23.55
N GLY A 131 15.31 18.38 23.83
CA GLY A 131 16.25 18.79 22.76
C GLY A 131 17.41 19.58 23.35
N ASN A 132 17.24 20.85 23.55
CA ASN A 132 18.32 21.67 24.14
C ASN A 132 19.65 21.22 23.54
N SER A 133 19.60 20.55 22.42
CA SER A 133 20.85 20.08 21.78
C SER A 133 20.54 19.60 20.36
N PRO A 134 21.47 19.73 19.44
CA PRO A 134 21.25 19.29 18.04
C PRO A 134 20.92 17.79 17.94
N VAL A 135 20.24 17.39 16.90
CA VAL A 135 19.90 15.96 16.72
C VAL A 135 21.05 15.26 16.02
N GLN A 136 21.09 13.96 15.99
CA GLN A 136 22.21 13.30 15.27
C GLN A 136 21.72 12.86 13.89
N GLU A 137 22.27 13.43 12.85
CA GLU A 137 21.81 13.08 11.48
C GLU A 137 22.81 12.18 10.75
N PHE A 138 22.29 11.21 10.03
CA PHE A 138 23.17 10.29 9.25
C PHE A 138 22.43 9.91 7.96
N THR A 139 23.15 9.60 6.90
CA THR A 139 22.47 9.27 5.61
C THR A 139 22.07 7.79 5.55
N VAL A 140 21.14 7.47 4.69
CA VAL A 140 20.65 6.07 4.57
C VAL A 140 20.90 5.54 3.15
N PRO A 141 21.68 4.49 3.00
CA PRO A 141 21.94 3.92 1.64
C PRO A 141 20.65 3.40 0.99
N GLY A 142 20.17 4.07 -0.02
CA GLY A 142 18.92 3.61 -0.69
C GLY A 142 19.02 2.12 -1.02
N SER A 143 20.18 1.56 -0.88
CA SER A 143 20.34 0.10 -1.20
C SER A 143 19.62 -0.75 -0.16
N LYS A 144 19.34 -0.19 0.99
CA LYS A 144 18.64 -0.97 2.06
C LYS A 144 17.33 -0.28 2.44
N SER A 145 16.29 -1.04 2.68
CA SER A 145 14.99 -0.43 3.07
C SER A 145 14.92 -0.29 4.59
N THR A 146 15.94 -0.73 5.28
CA THR A 146 15.95 -0.62 6.77
C THR A 146 17.28 -0.06 7.22
N ALA A 147 17.36 0.50 8.40
CA ALA A 147 18.66 1.07 8.86
C ALA A 147 18.85 0.83 10.35
N THR A 148 20.05 1.02 10.85
CA THR A 148 20.31 0.81 12.30
C THR A 148 20.62 2.16 12.95
N ILE A 149 20.28 2.31 14.20
CA ILE A 149 20.55 3.61 14.88
C ILE A 149 21.51 3.37 16.05
N ASN A 150 22.63 4.05 16.06
CA ASN A 150 23.61 3.85 17.18
C ASN A 150 23.93 5.19 17.84
N ASN A 151 24.62 5.14 18.95
CA ASN A 151 24.98 6.41 19.67
C ASN A 151 23.71 7.08 20.19
N ILE A 152 22.83 6.32 20.80
CA ILE A 152 21.57 6.88 21.35
C ILE A 152 21.66 6.89 22.88
N LYS A 153 21.01 7.82 23.53
CA LYS A 153 21.11 7.88 25.03
C LYS A 153 19.88 7.19 25.66
N PRO A 154 20.06 6.04 26.28
CA PRO A 154 18.92 5.33 26.92
C PRO A 154 18.35 6.08 28.13
N GLY A 155 17.28 5.58 28.70
CA GLY A 155 16.68 6.24 29.90
C GLY A 155 16.05 7.58 29.51
N ALA A 156 15.63 7.74 28.28
CA ALA A 156 15.01 9.03 27.87
C ALA A 156 14.11 8.81 26.65
N ASP A 157 13.19 9.71 26.44
CA ASP A 157 12.29 9.58 25.25
C ASP A 157 13.06 10.03 24.01
N TYR A 158 12.84 9.41 22.89
CA TYR A 158 13.59 9.82 21.67
C TYR A 158 12.63 10.02 20.49
N THR A 159 13.05 10.78 19.52
CA THR A 159 12.19 10.99 18.32
C THR A 159 13.04 10.73 17.08
N ILE A 160 12.67 9.77 16.28
CA ILE A 160 13.48 9.51 15.06
C ILE A 160 12.79 10.14 13.87
N THR A 161 13.44 11.05 13.20
CA THR A 161 12.80 11.70 12.01
C THR A 161 13.73 11.59 10.81
N LEU A 162 13.18 11.35 9.66
CA LEU A 162 14.04 11.21 8.47
C LEU A 162 13.42 11.90 7.25
N TYR A 163 14.27 12.33 6.36
CA TYR A 163 13.81 13.01 5.12
C TYR A 163 14.31 12.18 3.94
N ALA A 164 13.54 12.04 2.90
CA ALA A 164 14.03 11.22 1.76
C ALA A 164 14.57 12.12 0.66
N VAL A 165 15.68 11.77 0.08
CA VAL A 165 16.28 12.59 -1.00
C VAL A 165 16.14 11.85 -2.33
N THR A 166 15.45 12.43 -3.28
CA THR A 166 15.26 11.77 -4.60
C THR A 166 15.95 12.56 -5.70
N GLY A 167 15.72 13.86 -5.73
CA GLY A 167 16.34 14.70 -6.79
C GLY A 167 17.85 14.43 -6.86
N ARG A 168 18.45 14.74 -7.98
CA ARG A 168 19.91 14.50 -8.12
C ARG A 168 20.58 15.77 -8.66
N GLY A 169 21.64 16.20 -8.03
CA GLY A 169 22.34 17.42 -8.50
C GLY A 169 22.95 18.15 -7.30
N ASP A 170 23.33 19.38 -7.48
CA ASP A 170 23.92 20.16 -6.35
C ASP A 170 22.82 20.54 -5.38
N SER A 171 21.64 20.73 -5.88
CA SER A 171 20.49 21.10 -5.00
C SER A 171 19.31 20.18 -5.28
N PRO A 172 19.37 18.97 -4.79
CA PRO A 172 18.28 17.97 -5.01
C PRO A 172 16.96 18.41 -4.35
N ALA A 173 16.08 17.48 -4.13
CA ALA A 173 14.77 17.84 -3.49
C ALA A 173 14.43 16.80 -2.43
N SER A 174 13.58 17.14 -1.49
CA SER A 174 13.22 16.16 -0.42
C SER A 174 11.70 16.13 -0.23
N SER A 175 11.17 15.01 0.16
CA SER A 175 9.69 14.91 0.37
C SER A 175 9.35 15.43 1.77
N LYS A 176 8.10 15.56 2.08
CA LYS A 176 7.73 16.06 3.44
C LYS A 176 8.33 15.11 4.49
N PRO A 177 8.96 15.64 5.51
CA PRO A 177 9.59 14.78 6.56
C PRO A 177 8.59 13.88 7.30
N VAL A 178 9.02 12.70 7.68
CA VAL A 178 8.14 11.79 8.45
C VAL A 178 8.83 11.53 9.79
N SER A 179 8.14 11.69 10.88
CA SER A 179 8.80 11.49 12.21
C SER A 179 8.04 10.48 13.07
N ILE A 180 8.74 9.88 14.00
CA ILE A 180 8.11 8.90 14.92
C ILE A 180 8.66 9.12 16.33
N ASN A 181 8.02 8.59 17.33
CA ASN A 181 8.54 8.77 18.71
C ASN A 181 9.02 7.43 19.27
N TYR A 182 10.21 7.40 19.80
CA TYR A 182 10.73 6.11 20.35
C TYR A 182 11.15 6.31 21.81
N LYS A 183 10.57 5.55 22.71
CA LYS A 183 10.94 5.68 24.14
C LYS A 183 12.18 4.84 24.40
N THR A 184 13.00 5.24 25.34
CA THR A 184 14.23 4.45 25.63
C THR A 184 14.27 4.12 27.13
N GLY A 1 -34.86 -43.96 -9.66
CA GLY A 1 -34.58 -42.55 -9.14
C GLY A 1 -34.35 -42.35 -7.67
N LEU A 2 -33.40 -41.53 -7.32
CA LEU A 2 -33.13 -41.29 -5.87
C LEU A 2 -33.07 -39.78 -5.64
N ASP A 3 -33.54 -39.34 -4.52
CA ASP A 3 -33.51 -37.88 -4.21
C ASP A 3 -32.10 -37.51 -3.72
N SER A 4 -31.58 -36.40 -4.18
CA SER A 4 -30.21 -36.00 -3.74
C SER A 4 -30.29 -35.38 -2.33
N PRO A 5 -29.43 -35.77 -1.42
CA PRO A 5 -29.45 -35.21 -0.04
C PRO A 5 -29.31 -33.69 -0.04
N THR A 6 -30.41 -32.98 -0.09
CA THR A 6 -30.33 -31.50 -0.10
C THR A 6 -30.42 -30.97 1.33
N GLY A 7 -30.79 -29.73 1.51
CA GLY A 7 -30.82 -29.16 2.87
C GLY A 7 -29.38 -28.83 3.21
N PHE A 8 -28.59 -28.66 2.19
CA PHE A 8 -27.15 -28.37 2.36
C PHE A 8 -26.95 -27.09 3.17
N ASP A 9 -26.07 -27.17 4.14
CA ASP A 9 -25.79 -25.99 4.99
C ASP A 9 -24.37 -26.13 5.54
N SER A 10 -23.63 -25.06 5.65
CA SER A 10 -22.24 -25.18 6.16
C SER A 10 -22.11 -24.37 7.45
N SER A 11 -21.40 -24.91 8.41
CA SER A 11 -21.21 -24.18 9.70
C SER A 11 -19.98 -24.73 10.40
N ASP A 12 -19.68 -24.27 11.59
CA ASP A 12 -18.45 -24.77 12.24
C ASP A 12 -17.34 -24.64 11.23
N ILE A 13 -17.26 -23.48 10.63
CA ILE A 13 -16.26 -23.27 9.58
C ILE A 13 -14.91 -22.84 10.17
N THR A 14 -13.88 -23.59 9.91
CA THR A 14 -12.53 -23.21 10.41
C THR A 14 -11.68 -22.86 9.19
N ALA A 15 -10.59 -22.18 9.38
CA ALA A 15 -9.75 -21.81 8.20
C ALA A 15 -9.27 -23.06 7.45
N ASN A 16 -8.60 -23.96 8.12
CA ASN A 16 -8.12 -25.18 7.42
C ASN A 16 -9.16 -26.30 7.55
N SER A 17 -10.24 -26.03 8.22
CA SER A 17 -11.28 -27.07 8.38
C SER A 17 -12.65 -26.41 8.51
N PHE A 18 -13.68 -27.09 8.10
CA PHE A 18 -15.04 -26.48 8.22
C PHE A 18 -16.09 -27.59 8.12
N THR A 19 -17.19 -27.49 8.83
CA THR A 19 -18.20 -28.60 8.76
C THR A 19 -19.26 -28.33 7.69
N VAL A 20 -19.75 -29.39 7.09
CA VAL A 20 -20.81 -29.25 6.04
C VAL A 20 -22.04 -30.05 6.50
N HIS A 21 -23.23 -29.57 6.25
CA HIS A 21 -24.44 -30.32 6.71
C HIS A 21 -25.43 -30.50 5.57
N TRP A 22 -26.09 -31.63 5.52
CA TRP A 22 -27.10 -31.88 4.45
C TRP A 22 -28.13 -32.89 4.95
N VAL A 23 -29.31 -32.93 4.38
CA VAL A 23 -30.32 -33.90 4.84
C VAL A 23 -30.20 -35.20 4.05
N ALA A 24 -30.71 -36.27 4.59
CA ALA A 24 -30.62 -37.58 3.91
C ALA A 24 -31.85 -37.77 3.00
N PRO A 25 -31.70 -38.48 1.90
CA PRO A 25 -32.84 -38.72 0.97
C PRO A 25 -33.98 -39.49 1.64
N ARG A 26 -35.04 -39.74 0.92
CA ARG A 26 -36.18 -40.50 1.50
C ARG A 26 -36.15 -41.93 0.95
N ALA A 27 -35.13 -42.28 0.22
CA ALA A 27 -35.05 -43.66 -0.35
C ALA A 27 -33.81 -44.37 0.19
N PRO A 28 -33.80 -45.67 0.17
CA PRO A 28 -32.64 -46.46 0.67
C PRO A 28 -31.34 -46.11 -0.06
N ILE A 29 -30.27 -45.97 0.67
CA ILE A 29 -28.96 -45.62 0.04
C ILE A 29 -27.84 -46.42 0.71
N THR A 30 -26.67 -46.39 0.14
CA THR A 30 -25.53 -47.13 0.74
C THR A 30 -24.55 -46.14 1.41
N GLY A 31 -24.84 -44.87 1.33
CA GLY A 31 -23.93 -43.87 1.96
C GLY A 31 -23.84 -42.63 1.05
N TYR A 32 -22.98 -41.70 1.40
CA TYR A 32 -22.85 -40.48 0.55
C TYR A 32 -21.37 -40.25 0.21
N ILE A 33 -21.10 -39.65 -0.91
CA ILE A 33 -19.68 -39.38 -1.29
C ILE A 33 -19.44 -37.87 -1.20
N ILE A 34 -18.39 -37.46 -0.54
CA ILE A 34 -18.13 -36.01 -0.41
C ILE A 34 -16.85 -35.64 -1.15
N ARG A 35 -16.95 -34.72 -2.06
CA ARG A 35 -15.74 -34.28 -2.81
C ARG A 35 -15.59 -32.77 -2.62
N HIS A 36 -14.42 -32.30 -2.26
CA HIS A 36 -14.26 -30.84 -2.06
C HIS A 36 -13.03 -30.32 -2.80
N HIS A 37 -13.19 -29.28 -3.58
CA HIS A 37 -12.02 -28.72 -4.33
C HIS A 37 -12.33 -27.28 -4.74
N ALA A 38 -11.33 -26.50 -5.04
CA ALA A 38 -11.58 -25.09 -5.44
C ALA A 38 -11.95 -25.03 -6.92
N GLU A 39 -12.62 -24.00 -7.35
CA GLU A 39 -13.01 -23.89 -8.78
C GLU A 39 -11.75 -23.88 -9.64
N HIS A 40 -10.74 -23.21 -9.18
CA HIS A 40 -9.48 -23.13 -9.95
C HIS A 40 -8.57 -24.32 -9.63
N SER A 41 -9.02 -25.20 -8.78
CA SER A 41 -8.17 -26.39 -8.44
C SER A 41 -8.80 -27.65 -9.02
N VAL A 42 -8.11 -28.30 -9.93
CA VAL A 42 -8.66 -29.53 -10.53
C VAL A 42 -7.55 -30.58 -10.68
N GLY A 43 -6.36 -30.25 -10.25
CA GLY A 43 -5.24 -31.22 -10.37
C GLY A 43 -5.45 -32.41 -9.44
N ARG A 44 -5.45 -32.19 -8.15
CA ARG A 44 -5.65 -33.32 -7.20
C ARG A 44 -6.87 -33.03 -6.31
N PRO A 45 -8.06 -33.27 -6.82
CA PRO A 45 -9.30 -33.02 -6.04
C PRO A 45 -9.39 -33.91 -4.80
N ARG A 46 -9.86 -33.37 -3.71
CA ARG A 46 -9.96 -34.17 -2.45
C ARG A 46 -11.23 -35.03 -2.49
N GLN A 47 -11.12 -36.27 -2.09
CA GLN A 47 -12.31 -37.17 -2.11
C GLN A 47 -12.59 -37.70 -0.70
N ASP A 48 -13.65 -37.25 -0.08
CA ASP A 48 -13.98 -37.72 1.29
C ASP A 48 -15.37 -38.34 1.26
N ARG A 49 -15.51 -39.53 1.78
CA ARG A 49 -16.84 -40.19 1.76
C ARG A 49 -17.36 -40.34 3.20
N VAL A 50 -18.64 -40.14 3.40
CA VAL A 50 -19.19 -40.25 4.79
C VAL A 50 -20.27 -41.34 4.83
N PRO A 51 -20.41 -42.03 5.94
CA PRO A 51 -21.47 -43.08 6.06
C PRO A 51 -22.87 -42.46 6.00
N PRO A 52 -23.86 -43.25 5.69
CA PRO A 52 -25.26 -42.75 5.60
C PRO A 52 -25.74 -42.12 6.92
N SER A 53 -25.35 -42.68 8.02
CA SER A 53 -25.79 -42.14 9.35
C SER A 53 -25.13 -40.78 9.62
N ARG A 54 -24.13 -40.43 8.87
CA ARG A 54 -23.47 -39.12 9.11
C ARG A 54 -23.97 -38.07 8.12
N ASN A 55 -24.63 -37.06 8.61
CA ASN A 55 -25.15 -36.00 7.71
C ASN A 55 -24.24 -34.77 7.82
N SER A 56 -23.29 -34.82 8.70
CA SER A 56 -22.34 -33.66 8.85
C SER A 56 -20.91 -34.18 8.82
N ILE A 57 -20.04 -33.51 8.10
CA ILE A 57 -18.63 -33.97 8.03
C ILE A 57 -17.68 -32.80 8.26
N THR A 58 -16.69 -32.99 9.09
CA THR A 58 -15.72 -31.90 9.36
C THR A 58 -14.51 -32.11 8.44
N LEU A 59 -14.33 -31.26 7.46
CA LEU A 59 -13.17 -31.42 6.54
C LEU A 59 -11.94 -30.74 7.13
N THR A 60 -10.79 -31.27 6.84
CA THR A 60 -9.53 -30.68 7.38
C THR A 60 -8.48 -30.59 6.27
N ASN A 61 -7.33 -30.05 6.57
CA ASN A 61 -6.27 -29.94 5.53
C ASN A 61 -6.79 -29.16 4.33
N LEU A 62 -7.46 -28.06 4.57
CA LEU A 62 -8.00 -27.25 3.44
C LEU A 62 -7.24 -25.92 3.36
N ASN A 63 -7.11 -25.36 2.19
CA ASN A 63 -6.39 -24.06 2.07
C ASN A 63 -7.17 -23.01 2.89
N PRO A 64 -6.58 -22.45 3.91
CA PRO A 64 -7.29 -21.44 4.75
C PRO A 64 -7.68 -20.20 3.97
N GLY A 65 -8.90 -19.78 4.10
CA GLY A 65 -9.35 -18.57 3.36
C GLY A 65 -9.45 -18.91 1.88
N THR A 66 -10.32 -19.81 1.53
CA THR A 66 -10.44 -20.19 0.09
C THR A 66 -11.88 -20.44 -0.29
N GLU A 67 -12.33 -19.85 -1.35
CA GLU A 67 -13.70 -20.11 -1.80
C GLU A 67 -13.62 -21.35 -2.69
N TYR A 68 -14.35 -22.38 -2.37
CA TYR A 68 -14.23 -23.60 -3.21
C TYR A 68 -15.61 -24.24 -3.42
N VAL A 69 -15.67 -25.28 -4.21
CA VAL A 69 -16.96 -25.95 -4.47
C VAL A 69 -16.99 -27.31 -3.79
N VAL A 70 -18.01 -27.59 -3.04
CA VAL A 70 -18.09 -28.91 -2.34
C VAL A 70 -19.25 -29.69 -2.96
N SER A 71 -18.99 -30.88 -3.46
CA SER A 71 -20.09 -31.65 -4.10
C SER A 71 -20.46 -32.89 -3.28
N ILE A 72 -21.73 -33.20 -3.23
CA ILE A 72 -22.20 -34.39 -2.48
C ILE A 72 -22.90 -35.32 -3.47
N ILE A 73 -22.43 -36.53 -3.61
CA ILE A 73 -23.09 -37.47 -4.57
C ILE A 73 -23.70 -38.62 -3.78
N ALA A 74 -24.99 -38.79 -3.88
CA ALA A 74 -25.64 -39.91 -3.14
C ALA A 74 -25.55 -41.18 -3.98
N VAL A 75 -25.10 -42.26 -3.42
CA VAL A 75 -24.98 -43.52 -4.20
C VAL A 75 -25.72 -44.65 -3.49
N ASN A 76 -26.27 -45.57 -4.23
CA ASN A 76 -26.98 -46.72 -3.61
C ASN A 76 -26.43 -48.02 -4.22
N GLY A 77 -25.14 -48.07 -4.43
CA GLY A 77 -24.54 -49.29 -5.04
C GLY A 77 -24.48 -49.11 -6.56
N ARG A 78 -25.40 -49.71 -7.26
CA ARG A 78 -25.39 -49.58 -8.74
C ARG A 78 -26.24 -48.37 -9.17
N GLU A 79 -26.91 -47.73 -8.26
CA GLU A 79 -27.74 -46.56 -8.64
C GLU A 79 -27.13 -45.29 -8.03
N GLU A 80 -27.19 -44.20 -8.75
CA GLU A 80 -26.59 -42.94 -8.21
C GLU A 80 -27.62 -41.80 -8.25
N SER A 81 -27.77 -41.11 -7.15
CA SER A 81 -28.74 -39.98 -7.10
C SER A 81 -28.11 -38.78 -7.83
N PRO A 82 -28.91 -37.90 -8.39
CA PRO A 82 -28.36 -36.72 -9.10
C PRO A 82 -27.34 -35.95 -8.24
N PRO A 83 -26.27 -35.49 -8.84
CA PRO A 83 -25.20 -34.75 -8.08
C PRO A 83 -25.71 -33.53 -7.31
N LEU A 84 -25.13 -33.26 -6.18
CA LEU A 84 -25.53 -32.08 -5.37
C LEU A 84 -24.28 -31.19 -5.16
N ILE A 85 -24.33 -29.95 -5.58
CA ILE A 85 -23.14 -29.09 -5.42
C ILE A 85 -23.51 -27.73 -4.83
N GLY A 86 -22.68 -27.23 -3.96
CA GLY A 86 -22.92 -25.90 -3.34
C GLY A 86 -21.56 -25.24 -3.14
N GLN A 87 -21.54 -23.95 -2.95
CA GLN A 87 -20.24 -23.26 -2.76
C GLN A 87 -20.10 -22.77 -1.32
N GLN A 88 -18.91 -22.87 -0.77
CA GLN A 88 -18.68 -22.40 0.62
C GLN A 88 -17.28 -21.82 0.68
N ALA A 89 -17.00 -20.98 1.64
CA ALA A 89 -15.64 -20.39 1.71
C ALA A 89 -14.99 -20.66 3.05
N THR A 90 -13.81 -21.21 3.04
CA THR A 90 -13.10 -21.47 4.31
C THR A 90 -12.60 -20.13 4.86
N VAL A 91 -12.63 -19.95 6.16
CA VAL A 91 -12.17 -18.67 6.77
C VAL A 91 -10.68 -18.43 6.49
N SER A 92 -10.25 -17.21 6.62
CA SER A 92 -8.81 -16.88 6.37
C SER A 92 -8.00 -17.05 7.66
N ASP A 93 -6.83 -17.62 7.55
CA ASP A 93 -5.97 -17.83 8.75
C ASP A 93 -5.43 -16.49 9.27
N ILE A 94 -5.29 -15.51 8.41
CA ILE A 94 -4.75 -14.20 8.87
C ILE A 94 -5.66 -13.60 9.96
N PRO A 95 -5.10 -12.98 10.97
CA PRO A 95 -5.93 -12.34 12.02
C PRO A 95 -6.71 -11.18 11.40
N ARG A 96 -7.16 -10.25 12.19
CA ARG A 96 -7.93 -9.12 11.60
C ARG A 96 -7.95 -7.92 12.55
N ASP A 97 -8.24 -6.77 12.00
CA ASP A 97 -8.32 -5.52 12.81
C ASP A 97 -6.99 -5.21 13.52
N LEU A 98 -5.88 -5.33 12.85
CA LEU A 98 -4.60 -4.98 13.52
C LEU A 98 -4.56 -3.47 13.66
N GLU A 99 -4.62 -2.97 14.86
CA GLU A 99 -4.59 -1.49 15.05
C GLU A 99 -4.11 -1.16 16.46
N VAL A 100 -3.83 0.08 16.73
CA VAL A 100 -3.36 0.44 18.09
C VAL A 100 -4.48 1.14 18.86
N ILE A 101 -4.70 0.75 20.08
CA ILE A 101 -5.79 1.38 20.88
C ILE A 101 -5.19 2.43 21.80
N ALA A 102 -3.97 2.23 22.20
CA ALA A 102 -3.29 3.22 23.09
C ALA A 102 -1.88 3.47 22.57
N SER A 103 -1.40 4.67 22.67
CA SER A 103 -0.03 4.95 22.17
C SER A 103 0.85 5.49 23.29
N THR A 104 1.91 4.80 23.61
CA THR A 104 2.83 5.28 24.68
C THR A 104 4.00 6.01 24.02
N PRO A 105 4.65 6.88 24.74
CA PRO A 105 5.78 7.66 24.20
C PRO A 105 6.81 6.79 23.48
N THR A 106 7.20 5.69 24.08
CA THR A 106 8.21 4.81 23.41
C THR A 106 7.61 3.42 23.22
N SER A 107 6.32 3.29 23.32
CA SER A 107 5.69 1.96 23.13
C SER A 107 4.28 2.12 22.57
N LEU A 108 3.71 1.07 22.05
CA LEU A 108 2.34 1.18 21.49
C LEU A 108 1.52 -0.06 21.87
N LEU A 109 0.24 0.09 22.01
CA LEU A 109 -0.62 -1.07 22.37
C LEU A 109 -1.28 -1.62 21.10
N ILE A 110 -1.06 -2.87 20.81
CA ILE A 110 -1.64 -3.48 19.57
C ILE A 110 -2.80 -4.41 19.92
N SER A 111 -3.83 -4.40 19.12
CA SER A 111 -4.99 -5.29 19.38
C SER A 111 -5.54 -5.80 18.05
N TRP A 112 -5.87 -7.07 17.97
CA TRP A 112 -6.41 -7.62 16.70
C TRP A 112 -7.45 -8.70 17.02
N GLU A 113 -8.35 -8.97 16.11
CA GLU A 113 -9.37 -10.02 16.38
C GLU A 113 -8.78 -11.41 16.15
N PRO A 114 -9.07 -12.36 17.00
CA PRO A 114 -8.51 -13.74 16.83
C PRO A 114 -8.98 -14.38 15.51
N PRO A 115 -8.08 -14.96 14.75
CA PRO A 115 -8.48 -15.61 13.48
C PRO A 115 -9.48 -16.74 13.68
N ALA A 116 -9.59 -17.64 12.74
CA ALA A 116 -10.55 -18.77 12.89
C ALA A 116 -9.81 -20.02 13.35
N VAL A 117 -8.53 -19.92 13.61
CA VAL A 117 -7.76 -21.11 14.06
C VAL A 117 -6.95 -20.77 15.31
N SER A 118 -6.55 -21.76 16.05
CA SER A 118 -5.73 -21.49 17.26
C SER A 118 -4.31 -21.12 16.81
N VAL A 119 -3.73 -20.11 17.38
CA VAL A 119 -2.35 -19.72 16.96
C VAL A 119 -1.36 -20.03 18.06
N ARG A 120 -0.24 -20.60 17.74
CA ARG A 120 0.76 -20.91 18.79
C ARG A 120 1.35 -19.57 19.24
N TYR A 121 1.71 -18.74 18.30
CA TYR A 121 2.29 -17.43 18.66
C TYR A 121 2.30 -16.53 17.42
N TYR A 122 2.43 -15.25 17.62
CA TYR A 122 2.47 -14.31 16.46
C TYR A 122 3.82 -13.58 16.47
N ARG A 123 4.43 -13.40 15.34
CA ARG A 123 5.72 -12.67 15.30
C ARG A 123 5.41 -11.21 14.96
N ILE A 124 5.79 -10.29 15.80
CA ILE A 124 5.48 -8.86 15.53
C ILE A 124 6.75 -8.10 15.20
N THR A 125 6.74 -7.32 14.15
CA THR A 125 7.97 -6.58 13.75
C THR A 125 7.77 -5.06 13.91
N TYR A 126 8.82 -4.37 14.29
CA TYR A 126 8.75 -2.88 14.44
C TYR A 126 9.07 -2.25 13.11
N GLY A 127 8.32 -1.26 12.71
CA GLY A 127 8.62 -0.58 11.43
C GLY A 127 9.24 0.78 11.69
N GLU A 128 10.34 1.05 11.07
CA GLU A 128 11.00 2.36 11.24
C GLU A 128 10.85 3.16 9.94
N THR A 129 10.75 4.45 10.01
CA THR A 129 10.60 5.25 8.76
C THR A 129 11.50 4.65 7.67
N GLY A 130 12.49 3.90 8.07
CA GLY A 130 13.40 3.28 7.07
C GLY A 130 13.12 1.78 6.99
N GLY A 131 11.91 1.42 6.67
CA GLY A 131 11.57 -0.03 6.58
C GLY A 131 12.73 -0.79 5.93
N ASN A 132 13.58 -0.09 5.22
CA ASN A 132 14.73 -0.78 4.57
C ASN A 132 15.59 -1.45 5.65
N SER A 133 15.75 -0.77 6.75
CA SER A 133 16.56 -1.33 7.87
C SER A 133 15.78 -2.48 8.51
N PRO A 134 16.47 -3.45 9.06
CA PRO A 134 15.80 -4.61 9.70
C PRO A 134 14.78 -4.21 10.77
N VAL A 135 13.56 -4.64 10.63
CA VAL A 135 12.51 -4.31 11.63
C VAL A 135 12.83 -5.04 12.93
N GLN A 136 12.25 -4.63 14.02
CA GLN A 136 12.55 -5.35 15.31
C GLN A 136 11.48 -6.42 15.52
N GLU A 137 11.85 -7.67 15.45
CA GLU A 137 10.84 -8.76 15.61
C GLU A 137 10.88 -9.40 16.99
N PHE A 138 9.72 -9.70 17.51
CA PHE A 138 9.63 -10.40 18.84
C PHE A 138 8.44 -11.36 18.76
N THR A 139 8.44 -12.42 19.53
CA THR A 139 7.33 -13.41 19.43
C THR A 139 6.17 -13.05 20.36
N VAL A 140 5.02 -13.65 20.11
CA VAL A 140 3.81 -13.38 20.92
C VAL A 140 3.27 -14.70 21.49
N PRO A 141 3.46 -14.97 22.76
CA PRO A 141 2.96 -16.25 23.35
C PRO A 141 1.45 -16.41 23.22
N GLY A 142 0.90 -15.94 22.13
CA GLY A 142 -0.58 -16.06 21.92
C GLY A 142 -1.31 -16.04 23.27
N SER A 143 -0.77 -15.35 24.24
CA SER A 143 -1.43 -15.28 25.57
C SER A 143 -2.72 -14.48 25.47
N LYS A 144 -2.74 -13.50 24.63
CA LYS A 144 -3.96 -12.66 24.47
C LYS A 144 -4.08 -12.19 23.02
N SER A 145 -5.15 -11.51 22.72
CA SER A 145 -5.36 -11.02 21.33
C SER A 145 -4.74 -9.63 21.18
N THR A 146 -4.15 -9.11 22.23
CA THR A 146 -3.54 -7.75 22.15
C THR A 146 -2.18 -7.77 22.85
N ALA A 147 -1.26 -6.96 22.43
CA ALA A 147 0.08 -6.93 23.07
C ALA A 147 0.64 -5.52 23.02
N THR A 148 1.79 -5.28 23.59
CA THR A 148 2.36 -3.91 23.54
C THR A 148 3.75 -3.95 22.90
N ILE A 149 4.25 -2.80 22.55
CA ILE A 149 5.58 -2.72 21.89
C ILE A 149 6.51 -1.81 22.70
N ASN A 150 7.70 -2.26 22.99
CA ASN A 150 8.64 -1.41 23.77
C ASN A 150 9.94 -1.22 22.98
N ASN A 151 10.82 -0.38 23.46
CA ASN A 151 12.11 -0.15 22.74
C ASN A 151 11.85 0.42 21.34
N ILE A 152 10.91 1.31 21.21
CA ILE A 152 10.60 1.92 19.88
C ILE A 152 11.32 3.26 19.79
N LYS A 153 11.39 3.85 18.61
CA LYS A 153 12.07 5.16 18.48
C LYS A 153 11.03 6.25 18.18
N PRO A 154 10.64 7.01 19.18
CA PRO A 154 9.64 8.09 18.97
C PRO A 154 10.15 9.23 18.09
N GLY A 155 9.25 10.05 17.60
CA GLY A 155 9.67 11.20 16.74
C GLY A 155 9.93 10.71 15.32
N ALA A 156 9.41 9.57 14.95
CA ALA A 156 9.65 9.06 13.57
C ALA A 156 8.46 8.23 13.10
N ASP A 157 8.28 8.10 11.81
CA ASP A 157 7.15 7.28 11.27
C ASP A 157 7.45 5.81 11.56
N TYR A 158 6.45 4.99 11.72
CA TYR A 158 6.73 3.56 12.01
C TYR A 158 5.73 2.66 11.28
N THR A 159 6.08 1.41 11.09
CA THR A 159 5.13 0.46 10.43
C THR A 159 5.06 -0.80 11.31
N ILE A 160 3.89 -1.19 11.74
CA ILE A 160 3.81 -2.40 12.61
C ILE A 160 3.29 -3.58 11.80
N THR A 161 4.06 -4.63 11.71
CA THR A 161 3.58 -5.82 10.92
C THR A 161 3.78 -7.09 11.74
N LEU A 162 2.85 -8.01 11.65
CA LEU A 162 3.00 -9.27 12.43
C LEU A 162 2.68 -10.50 11.59
N TYR A 163 3.25 -11.61 11.97
CA TYR A 163 3.02 -12.90 11.25
C TYR A 163 2.41 -13.88 12.25
N ALA A 164 1.46 -14.67 11.84
CA ALA A 164 0.87 -15.64 12.80
C ALA A 164 1.32 -17.05 12.47
N VAL A 165 1.89 -17.75 13.42
CA VAL A 165 2.35 -19.14 13.15
C VAL A 165 1.53 -20.13 13.99
N THR A 166 0.98 -21.12 13.35
CA THR A 166 0.16 -22.13 14.08
C THR A 166 0.76 -23.52 13.89
N GLY A 167 0.67 -24.03 12.69
CA GLY A 167 1.21 -25.39 12.41
C GLY A 167 2.69 -25.47 12.76
N ARG A 168 3.06 -26.36 13.64
CA ARG A 168 4.49 -26.50 14.03
C ARG A 168 4.95 -27.92 13.71
N GLY A 169 4.18 -28.66 12.95
CA GLY A 169 4.58 -30.06 12.62
C GLY A 169 5.65 -30.04 11.51
N ASP A 170 5.49 -30.87 10.51
CA ASP A 170 6.50 -30.92 9.42
C ASP A 170 6.12 -29.92 8.33
N SER A 171 5.04 -29.21 8.52
CA SER A 171 4.60 -28.22 7.48
C SER A 171 4.33 -26.87 8.13
N PRO A 172 5.36 -26.19 8.59
CA PRO A 172 5.20 -24.86 9.23
C PRO A 172 4.66 -23.81 8.26
N ALA A 173 3.42 -23.45 8.38
CA ALA A 173 2.84 -22.43 7.46
C ALA A 173 2.35 -21.23 8.25
N SER A 174 2.55 -20.04 7.74
CA SER A 174 2.09 -18.83 8.45
C SER A 174 1.09 -18.08 7.57
N SER A 175 0.09 -17.48 8.15
CA SER A 175 -0.91 -16.74 7.33
C SER A 175 -0.20 -15.53 6.70
N LYS A 176 -0.67 -15.07 5.57
CA LYS A 176 0.00 -13.91 4.92
C LYS A 176 0.19 -12.80 5.98
N PRO A 177 1.34 -12.17 6.01
CA PRO A 177 1.60 -11.08 7.00
C PRO A 177 0.62 -9.90 6.87
N VAL A 178 0.21 -9.33 7.96
CA VAL A 178 -0.70 -8.15 7.88
C VAL A 178 0.05 -6.95 8.47
N SER A 179 0.09 -5.85 7.77
CA SER A 179 0.87 -4.68 8.28
C SER A 179 0.02 -3.41 8.33
N ILE A 180 0.35 -2.54 9.26
CA ILE A 180 -0.38 -1.26 9.39
C ILE A 180 0.64 -0.13 9.57
N ASN A 181 0.27 1.10 9.31
CA ASN A 181 1.24 2.21 9.47
C ASN A 181 1.04 2.88 10.83
N TYR A 182 2.09 3.25 11.50
CA TYR A 182 1.94 3.91 12.83
C TYR A 182 2.92 5.08 12.93
N LYS A 183 2.41 6.27 13.12
CA LYS A 183 3.31 7.44 13.23
C LYS A 183 3.68 7.63 14.70
N THR A 184 4.93 7.86 15.00
CA THR A 184 5.34 8.04 16.41
C THR A 184 5.46 9.54 16.72
N GLY A 1 -36.85 -2.77 -6.30
CA GLY A 1 -37.42 -3.91 -5.46
C GLY A 1 -36.48 -4.72 -4.62
N LEU A 2 -35.21 -4.44 -4.67
CA LEU A 2 -34.24 -5.20 -3.87
C LEU A 2 -33.44 -4.23 -2.99
N ASP A 3 -33.24 -4.58 -1.75
CA ASP A 3 -32.47 -3.69 -0.84
C ASP A 3 -30.98 -3.82 -1.15
N SER A 4 -30.30 -2.72 -1.33
CA SER A 4 -28.84 -2.80 -1.64
C SER A 4 -28.06 -3.12 -0.36
N PRO A 5 -27.00 -3.90 -0.46
CA PRO A 5 -26.19 -4.23 0.73
C PRO A 5 -25.63 -2.98 1.40
N THR A 6 -26.11 -2.64 2.56
CA THR A 6 -25.58 -1.43 3.23
C THR A 6 -24.86 -1.80 4.53
N GLY A 7 -24.76 -0.91 5.47
CA GLY A 7 -23.99 -1.26 6.70
C GLY A 7 -22.54 -1.31 6.25
N PHE A 8 -22.27 -0.62 5.18
CA PHE A 8 -20.91 -0.59 4.58
C PHE A 8 -19.86 -0.26 5.65
N ASP A 9 -18.83 -1.04 5.70
CA ASP A 9 -17.74 -0.81 6.67
C ASP A 9 -16.41 -1.16 6.00
N SER A 10 -15.40 -0.36 6.18
CA SER A 10 -14.10 -0.66 5.53
C SER A 10 -13.01 -0.85 6.59
N SER A 11 -12.16 -1.83 6.40
CA SER A 11 -11.07 -2.07 7.39
C SER A 11 -10.05 -3.04 6.80
N ASP A 12 -9.17 -3.57 7.61
CA ASP A 12 -8.15 -4.49 7.07
C ASP A 12 -7.53 -3.80 5.87
N ILE A 13 -7.26 -2.54 6.04
CA ILE A 13 -6.69 -1.74 4.95
C ILE A 13 -5.21 -2.05 4.79
N THR A 14 -4.77 -2.33 3.59
CA THR A 14 -3.32 -2.60 3.39
C THR A 14 -2.81 -1.57 2.38
N ALA A 15 -1.52 -1.35 2.32
CA ALA A 15 -1.00 -0.34 1.37
C ALA A 15 -1.36 -0.72 -0.07
N ASN A 16 -0.92 -1.85 -0.53
CA ASN A 16 -1.25 -2.26 -1.92
C ASN A 16 -2.56 -3.05 -1.92
N SER A 17 -3.13 -3.23 -0.77
CA SER A 17 -4.40 -3.98 -0.69
C SER A 17 -5.23 -3.45 0.49
N PHE A 18 -6.51 -3.67 0.47
CA PHE A 18 -7.36 -3.18 1.60
C PHE A 18 -8.71 -3.91 1.55
N THR A 19 -9.36 -4.16 2.67
CA THR A 19 -10.65 -4.91 2.59
C THR A 19 -11.87 -4.00 2.70
N VAL A 20 -12.94 -4.40 2.07
CA VAL A 20 -14.21 -3.62 2.12
C VAL A 20 -15.27 -4.52 2.75
N HIS A 21 -16.11 -4.00 3.60
CA HIS A 21 -17.14 -4.88 4.24
C HIS A 21 -18.53 -4.26 4.11
N TRP A 22 -19.52 -5.08 3.85
CA TRP A 22 -20.92 -4.57 3.73
C TRP A 22 -21.88 -5.68 4.17
N VAL A 23 -23.05 -5.34 4.60
CA VAL A 23 -24.01 -6.39 5.02
C VAL A 23 -24.82 -6.87 3.82
N ALA A 24 -25.34 -8.06 3.92
CA ALA A 24 -26.14 -8.63 2.80
C ALA A 24 -27.62 -8.31 3.03
N PRO A 25 -28.34 -7.91 2.00
CA PRO A 25 -29.78 -7.60 2.15
C PRO A 25 -30.56 -8.79 2.69
N ARG A 26 -31.83 -8.61 2.95
CA ARG A 26 -32.65 -9.73 3.48
C ARG A 26 -33.51 -10.30 2.34
N ALA A 27 -33.19 -9.98 1.13
CA ALA A 27 -33.99 -10.50 -0.03
C ALA A 27 -33.10 -11.40 -0.90
N PRO A 28 -33.70 -12.31 -1.63
CA PRO A 28 -32.94 -13.23 -2.51
C PRO A 28 -32.09 -12.49 -3.57
N ILE A 29 -30.85 -12.84 -3.69
CA ILE A 29 -29.98 -12.17 -4.71
C ILE A 29 -29.08 -13.21 -5.36
N THR A 30 -28.38 -12.84 -6.40
CA THR A 30 -27.48 -13.81 -7.10
C THR A 30 -26.01 -13.46 -6.81
N GLY A 31 -25.76 -12.31 -6.23
CA GLY A 31 -24.36 -11.92 -5.93
C GLY A 31 -24.20 -10.41 -6.00
N TYR A 32 -23.03 -9.90 -5.72
CA TYR A 32 -22.81 -8.43 -5.78
C TYR A 32 -21.67 -8.13 -6.75
N ILE A 33 -21.74 -7.03 -7.46
CA ILE A 33 -20.64 -6.69 -8.39
C ILE A 33 -19.77 -5.63 -7.72
N ILE A 34 -18.49 -5.85 -7.66
CA ILE A 34 -17.60 -4.86 -6.99
C ILE A 34 -16.74 -4.14 -8.02
N ARG A 35 -16.98 -2.89 -8.25
CA ARG A 35 -16.14 -2.14 -9.21
C ARG A 35 -15.21 -1.22 -8.40
N HIS A 36 -13.92 -1.36 -8.53
CA HIS A 36 -13.00 -0.50 -7.72
C HIS A 36 -12.14 0.37 -8.62
N HIS A 37 -12.01 1.63 -8.28
CA HIS A 37 -11.17 2.54 -9.09
C HIS A 37 -10.78 3.77 -8.26
N ALA A 38 -9.73 4.46 -8.63
CA ALA A 38 -9.32 5.66 -7.86
C ALA A 38 -9.94 6.90 -8.52
N GLU A 39 -10.41 7.83 -7.75
CA GLU A 39 -11.04 9.04 -8.35
C GLU A 39 -10.01 9.79 -9.19
N HIS A 40 -8.76 9.65 -8.86
CA HIS A 40 -7.69 10.36 -9.61
C HIS A 40 -7.16 9.45 -10.72
N SER A 41 -7.71 8.27 -10.87
CA SER A 41 -7.22 7.36 -11.95
C SER A 41 -7.79 7.78 -13.30
N VAL A 42 -7.15 7.38 -14.38
CA VAL A 42 -7.66 7.75 -15.72
C VAL A 42 -7.73 6.49 -16.59
N GLY A 43 -7.33 5.38 -16.07
CA GLY A 43 -7.36 4.11 -16.87
C GLY A 43 -8.75 3.48 -16.78
N ARG A 44 -8.94 2.34 -17.39
CA ARG A 44 -10.26 1.67 -17.35
C ARG A 44 -10.52 1.16 -15.93
N PRO A 45 -11.70 1.41 -15.38
CA PRO A 45 -12.03 0.94 -14.00
C PRO A 45 -11.90 -0.59 -13.86
N ARG A 46 -11.30 -1.04 -12.79
CA ARG A 46 -11.14 -2.51 -12.58
C ARG A 46 -12.48 -3.13 -12.21
N GLN A 47 -12.80 -4.26 -12.78
CA GLN A 47 -14.09 -4.92 -12.47
C GLN A 47 -13.84 -6.07 -11.47
N ASP A 48 -14.40 -5.96 -10.30
CA ASP A 48 -14.23 -7.04 -9.28
C ASP A 48 -15.61 -7.53 -8.88
N ARG A 49 -15.80 -8.81 -8.83
CA ARG A 49 -17.15 -9.33 -8.47
C ARG A 49 -17.03 -10.34 -7.33
N VAL A 50 -18.04 -10.44 -6.50
CA VAL A 50 -17.97 -11.39 -5.35
C VAL A 50 -19.28 -12.18 -5.23
N PRO A 51 -19.21 -13.43 -4.82
CA PRO A 51 -20.44 -14.24 -4.62
C PRO A 51 -21.30 -13.68 -3.48
N PRO A 52 -22.57 -14.02 -3.45
CA PRO A 52 -23.48 -13.53 -2.38
C PRO A 52 -23.02 -13.97 -0.98
N SER A 53 -22.40 -15.13 -0.90
CA SER A 53 -21.96 -15.64 0.42
C SER A 53 -20.75 -14.87 0.94
N ARG A 54 -20.14 -14.05 0.13
CA ARG A 54 -18.95 -13.29 0.61
C ARG A 54 -19.36 -11.83 0.88
N ASN A 55 -19.20 -11.38 2.10
CA ASN A 55 -19.57 -9.99 2.43
C ASN A 55 -18.32 -9.11 2.52
N SER A 56 -17.17 -9.67 2.34
CA SER A 56 -15.92 -8.87 2.42
C SER A 56 -15.00 -9.22 1.25
N ILE A 57 -14.39 -8.23 0.65
CA ILE A 57 -13.46 -8.52 -0.49
C ILE A 57 -12.15 -7.78 -0.28
N THR A 58 -11.04 -8.43 -0.50
CA THR A 58 -9.74 -7.76 -0.33
C THR A 58 -9.17 -7.41 -1.70
N LEU A 59 -8.94 -6.16 -1.96
CA LEU A 59 -8.38 -5.76 -3.28
C LEU A 59 -6.86 -5.77 -3.18
N THR A 60 -6.19 -6.08 -4.27
CA THR A 60 -4.70 -6.12 -4.25
C THR A 60 -4.14 -5.32 -5.42
N ASN A 61 -2.85 -5.23 -5.52
CA ASN A 61 -2.23 -4.47 -6.64
C ASN A 61 -2.77 -3.05 -6.67
N LEU A 62 -2.85 -2.41 -5.53
CA LEU A 62 -3.38 -1.02 -5.51
C LEU A 62 -2.24 -0.05 -5.19
N ASN A 63 -2.34 1.17 -5.62
CA ASN A 63 -1.25 2.15 -5.33
C ASN A 63 -1.26 2.44 -3.81
N PRO A 64 -0.19 2.18 -3.12
CA PRO A 64 -0.15 2.42 -1.65
C PRO A 64 -0.36 3.87 -1.27
N GLY A 65 -1.19 4.12 -0.30
CA GLY A 65 -1.45 5.52 0.14
C GLY A 65 -2.33 6.20 -0.89
N THR A 66 -3.53 5.74 -1.08
CA THR A 66 -4.42 6.39 -2.08
C THR A 66 -5.88 6.27 -1.66
N GLU A 67 -6.70 7.16 -2.14
CA GLU A 67 -8.14 7.08 -1.81
C GLU A 67 -8.85 6.41 -2.99
N TYR A 68 -9.49 5.30 -2.76
CA TYR A 68 -10.15 4.60 -3.90
C TYR A 68 -11.67 4.68 -3.78
N VAL A 69 -12.35 4.61 -4.89
CA VAL A 69 -13.83 4.64 -4.88
C VAL A 69 -14.32 3.24 -5.26
N VAL A 70 -15.07 2.60 -4.40
CA VAL A 70 -15.52 1.22 -4.74
C VAL A 70 -17.05 1.17 -4.78
N SER A 71 -17.61 0.70 -5.85
CA SER A 71 -19.10 0.64 -5.95
C SER A 71 -19.60 -0.80 -5.79
N ILE A 72 -20.64 -0.97 -5.01
CA ILE A 72 -21.21 -2.33 -4.80
C ILE A 72 -22.59 -2.38 -5.47
N ILE A 73 -22.79 -3.27 -6.40
CA ILE A 73 -24.11 -3.35 -7.07
C ILE A 73 -24.73 -4.73 -6.84
N ALA A 74 -25.96 -4.77 -6.40
CA ALA A 74 -26.62 -6.07 -6.15
C ALA A 74 -27.35 -6.53 -7.41
N VAL A 75 -27.18 -7.76 -7.80
CA VAL A 75 -27.88 -8.27 -9.01
C VAL A 75 -28.59 -9.57 -8.68
N ASN A 76 -29.81 -9.73 -9.14
CA ASN A 76 -30.56 -10.98 -8.86
C ASN A 76 -30.90 -11.67 -10.18
N GLY A 77 -29.98 -11.70 -11.10
CA GLY A 77 -30.25 -12.35 -12.41
C GLY A 77 -30.78 -11.31 -13.39
N ARG A 78 -32.07 -11.16 -13.47
CA ARG A 78 -32.65 -10.15 -14.41
C ARG A 78 -33.03 -8.88 -13.66
N GLU A 79 -32.82 -8.83 -12.38
CA GLU A 79 -33.18 -7.61 -11.62
C GLU A 79 -31.93 -7.03 -10.95
N GLU A 80 -31.91 -5.75 -10.72
CA GLU A 80 -30.72 -5.12 -10.08
C GLU A 80 -31.16 -4.21 -8.93
N SER A 81 -30.26 -3.91 -8.03
CA SER A 81 -30.62 -3.03 -6.87
C SER A 81 -29.88 -1.69 -7.03
N PRO A 82 -30.20 -0.73 -6.19
CA PRO A 82 -29.56 0.61 -6.27
C PRO A 82 -28.04 0.54 -6.04
N PRO A 83 -27.24 1.19 -6.87
CA PRO A 83 -25.76 1.16 -6.71
C PRO A 83 -25.30 1.74 -5.37
N LEU A 84 -24.49 1.00 -4.66
CA LEU A 84 -23.97 1.49 -3.35
C LEU A 84 -22.49 1.87 -3.53
N ILE A 85 -22.14 3.09 -3.26
CA ILE A 85 -20.72 3.50 -3.43
C ILE A 85 -20.13 3.98 -2.10
N GLY A 86 -18.95 3.51 -1.79
CA GLY A 86 -18.28 3.94 -0.54
C GLY A 86 -16.83 4.23 -0.88
N GLN A 87 -16.19 5.05 -0.12
CA GLN A 87 -14.77 5.38 -0.43
C GLN A 87 -13.85 4.79 0.62
N GLN A 88 -12.76 4.20 0.19
CA GLN A 88 -11.80 3.61 1.16
C GLN A 88 -10.40 3.97 0.69
N ALA A 89 -9.50 4.23 1.60
CA ALA A 89 -8.13 4.63 1.16
C ALA A 89 -7.09 3.59 1.57
N THR A 90 -6.05 3.48 0.78
CA THR A 90 -4.98 2.51 1.09
C THR A 90 -3.98 3.15 2.04
N VAL A 91 -3.55 2.42 3.04
CA VAL A 91 -2.57 2.95 4.02
C VAL A 91 -1.36 3.54 3.29
N SER A 92 -0.48 4.18 4.00
CA SER A 92 0.72 4.77 3.36
C SER A 92 1.93 3.85 3.58
N ASP A 93 2.77 3.71 2.60
CA ASP A 93 3.96 2.82 2.73
C ASP A 93 4.98 3.45 3.69
N ILE A 94 4.80 4.71 4.02
CA ILE A 94 5.77 5.37 4.94
C ILE A 94 5.48 4.94 6.38
N PRO A 95 6.49 4.67 7.18
CA PRO A 95 6.23 4.28 8.59
C PRO A 95 5.42 5.36 9.32
N ARG A 96 5.26 5.25 10.61
CA ARG A 96 4.46 6.26 11.33
C ARG A 96 5.01 6.49 12.74
N ASP A 97 4.65 7.60 13.33
CA ASP A 97 5.11 7.92 14.72
C ASP A 97 6.59 8.28 14.75
N LEU A 98 7.11 8.94 13.73
CA LEU A 98 8.55 9.32 13.79
C LEU A 98 8.71 10.32 14.93
N GLU A 99 9.23 9.90 16.05
CA GLU A 99 9.38 10.85 17.18
C GLU A 99 10.67 10.58 17.95
N VAL A 100 11.15 11.55 18.65
CA VAL A 100 12.41 11.37 19.44
C VAL A 100 12.03 10.87 20.84
N ILE A 101 12.74 9.92 21.35
CA ILE A 101 12.42 9.40 22.70
C ILE A 101 13.64 9.51 23.61
N ALA A 102 14.77 9.76 23.03
CA ALA A 102 16.02 9.90 23.85
C ALA A 102 16.88 11.01 23.23
N SER A 103 17.32 11.94 24.03
CA SER A 103 18.16 13.04 23.47
C SER A 103 19.57 12.97 24.04
N THR A 104 20.54 12.74 23.20
CA THR A 104 21.95 12.68 23.67
C THR A 104 22.67 13.95 23.20
N PRO A 105 23.74 14.30 23.85
CA PRO A 105 24.51 15.51 23.48
C PRO A 105 24.78 15.61 21.97
N THR A 106 25.12 14.52 21.35
CA THR A 106 25.40 14.56 19.90
C THR A 106 24.62 13.48 19.17
N SER A 107 23.58 12.96 19.77
CA SER A 107 22.80 11.90 19.08
C SER A 107 21.36 11.89 19.58
N LEU A 108 20.49 11.23 18.86
CA LEU A 108 19.06 11.18 19.29
C LEU A 108 18.52 9.77 19.01
N LEU A 109 17.48 9.37 19.69
CA LEU A 109 16.91 8.03 19.46
C LEU A 109 15.62 8.18 18.64
N ILE A 110 15.50 7.49 17.55
CA ILE A 110 14.28 7.62 16.72
C ILE A 110 13.42 6.37 16.80
N SER A 111 12.14 6.55 16.95
CA SER A 111 11.22 5.38 17.03
C SER A 111 10.12 5.58 16.00
N TRP A 112 9.81 4.56 15.24
CA TRP A 112 8.74 4.71 14.21
C TRP A 112 7.96 3.40 14.11
N GLU A 113 6.75 3.44 13.62
CA GLU A 113 5.94 2.20 13.50
C GLU A 113 6.09 1.65 12.07
N PRO A 114 6.15 0.35 11.92
CA PRO A 114 6.28 -0.26 10.56
C PRO A 114 5.09 0.11 9.65
N PRO A 115 5.34 0.46 8.40
CA PRO A 115 4.25 0.81 7.47
C PRO A 115 3.26 -0.34 7.26
N ALA A 116 2.47 -0.27 6.23
CA ALA A 116 1.49 -1.36 5.96
C ALA A 116 2.13 -2.40 5.05
N VAL A 117 3.37 -2.21 4.68
CA VAL A 117 4.05 -3.18 3.79
C VAL A 117 5.41 -3.58 4.39
N SER A 118 5.96 -4.68 3.97
CA SER A 118 7.28 -5.10 4.52
C SER A 118 8.35 -4.14 4.00
N VAL A 119 9.46 -4.03 4.68
CA VAL A 119 10.52 -3.09 4.21
C VAL A 119 11.86 -3.80 4.16
N ARG A 120 12.57 -3.70 3.07
CA ARG A 120 13.90 -4.35 3.02
C ARG A 120 14.82 -3.51 3.89
N TYR A 121 14.72 -2.22 3.76
CA TYR A 121 15.56 -1.31 4.60
C TYR A 121 15.02 0.12 4.50
N TYR A 122 15.40 0.97 5.41
CA TYR A 122 14.91 2.38 5.38
C TYR A 122 16.12 3.31 5.24
N ARG A 123 15.99 4.38 4.49
CA ARG A 123 17.15 5.31 4.39
C ARG A 123 16.86 6.46 5.36
N ILE A 124 17.76 6.76 6.23
CA ILE A 124 17.50 7.85 7.20
C ILE A 124 18.36 9.06 6.88
N THR A 125 17.76 10.21 6.80
CA THR A 125 18.55 11.43 6.46
C THR A 125 18.75 12.33 7.68
N TYR A 126 19.93 12.89 7.79
CA TYR A 126 20.26 13.80 8.91
C TYR A 126 19.94 15.23 8.47
N GLY A 127 19.18 15.95 9.22
CA GLY A 127 18.86 17.35 8.84
C GLY A 127 19.74 18.33 9.59
N GLU A 128 20.54 19.07 8.89
CA GLU A 128 21.43 20.05 9.56
C GLU A 128 20.93 21.47 9.24
N THR A 129 19.76 21.82 9.68
CA THR A 129 19.23 23.18 9.38
C THR A 129 19.96 24.22 10.24
N GLY A 130 20.15 25.39 9.71
CA GLY A 130 20.85 26.45 10.49
C GLY A 130 22.36 26.38 10.22
N GLY A 131 22.81 25.34 9.57
CA GLY A 131 24.27 25.23 9.27
C GLY A 131 24.49 25.17 7.76
N ASN A 132 23.43 25.07 7.01
CA ASN A 132 23.57 25.00 5.53
C ASN A 132 24.58 23.90 5.18
N SER A 133 24.67 22.90 6.00
CA SER A 133 25.63 21.79 5.73
C SER A 133 24.89 20.63 5.05
N PRO A 134 25.58 19.86 4.25
CA PRO A 134 24.95 18.71 3.56
C PRO A 134 24.28 17.73 4.53
N VAL A 135 23.14 17.22 4.18
CA VAL A 135 22.44 16.25 5.05
C VAL A 135 23.22 14.94 5.08
N GLN A 136 23.17 14.21 6.16
CA GLN A 136 23.92 12.92 6.19
C GLN A 136 22.91 11.77 6.15
N GLU A 137 23.01 10.91 5.17
CA GLU A 137 22.04 9.78 5.05
C GLU A 137 22.69 8.44 5.36
N PHE A 138 21.98 7.58 6.05
CA PHE A 138 22.53 6.23 6.38
C PHE A 138 21.40 5.20 6.21
N THR A 139 21.74 3.98 5.87
CA THR A 139 20.68 2.94 5.66
C THR A 139 20.32 2.24 6.97
N VAL A 140 19.19 1.56 6.97
CA VAL A 140 18.73 0.84 8.19
C VAL A 140 18.37 -0.61 7.81
N PRO A 141 19.11 -1.59 8.28
CA PRO A 141 18.80 -3.00 7.95
C PRO A 141 17.44 -3.44 8.46
N GLY A 142 16.48 -2.56 8.44
CA GLY A 142 15.10 -2.92 8.92
C GLY A 142 15.22 -3.90 10.10
N SER A 143 16.33 -3.88 10.78
CA SER A 143 16.51 -4.82 11.93
C SER A 143 15.54 -4.46 13.05
N LYS A 144 15.35 -3.20 13.29
CA LYS A 144 14.42 -2.79 14.37
C LYS A 144 13.51 -1.67 13.89
N SER A 145 12.58 -1.27 14.72
CA SER A 145 11.64 -0.18 14.35
C SER A 145 12.18 1.15 14.86
N THR A 146 13.31 1.12 15.51
CA THR A 146 13.91 2.38 16.06
C THR A 146 15.41 2.37 15.77
N ALA A 147 16.01 3.52 15.62
CA ALA A 147 17.47 3.54 15.34
C ALA A 147 18.13 4.71 16.08
N THR A 148 19.42 4.68 16.23
CA THR A 148 20.13 5.78 16.93
C THR A 148 20.74 6.73 15.90
N ILE A 149 20.83 7.99 16.21
CA ILE A 149 21.41 8.95 15.23
C ILE A 149 22.68 9.55 15.84
N ASN A 150 23.81 9.36 15.20
CA ASN A 150 25.08 9.91 15.77
C ASN A 150 25.72 10.90 14.79
N ASN A 151 26.77 11.54 15.20
CA ASN A 151 27.45 12.53 14.30
C ASN A 151 26.51 13.70 14.04
N ILE A 152 25.81 14.14 15.04
CA ILE A 152 24.87 15.29 14.88
C ILE A 152 25.55 16.55 15.44
N LYS A 153 25.29 17.70 14.85
CA LYS A 153 25.94 18.95 15.35
C LYS A 153 24.98 19.72 16.25
N PRO A 154 25.22 19.78 17.54
CA PRO A 154 24.33 20.54 18.47
C PRO A 154 24.41 22.05 18.25
N GLY A 155 23.56 22.80 18.90
CA GLY A 155 23.61 24.28 18.75
C GLY A 155 23.12 24.70 17.35
N ALA A 156 22.38 23.85 16.69
CA ALA A 156 21.89 24.21 15.34
C ALA A 156 20.54 23.55 15.08
N ASP A 157 19.76 24.08 14.19
CA ASP A 157 18.43 23.47 13.88
C ASP A 157 18.68 22.15 13.15
N TYR A 158 17.85 21.18 13.34
CA TYR A 158 18.08 19.88 12.65
C TYR A 158 16.76 19.30 12.11
N THR A 159 16.85 18.46 11.12
CA THR A 159 15.61 17.84 10.55
C THR A 159 15.86 16.34 10.37
N ILE A 160 15.10 15.52 11.03
CA ILE A 160 15.33 14.04 10.88
C ILE A 160 14.22 13.45 10.00
N THR A 161 14.60 12.77 8.95
CA THR A 161 13.54 12.18 8.06
C THR A 161 13.84 10.71 7.78
N LEU A 162 12.83 9.89 7.71
CA LEU A 162 13.04 8.45 7.43
C LEU A 162 12.58 8.12 6.01
N TYR A 163 13.29 7.26 5.33
CA TYR A 163 12.89 6.85 3.97
C TYR A 163 12.67 5.33 4.00
N ALA A 164 11.67 4.83 3.35
CA ALA A 164 11.46 3.35 3.41
C ALA A 164 11.56 2.73 2.02
N VAL A 165 12.34 1.69 1.90
CA VAL A 165 12.48 1.01 0.59
C VAL A 165 11.93 -0.41 0.73
N THR A 166 10.96 -0.76 -0.08
CA THR A 166 10.35 -2.11 0.02
C THR A 166 10.31 -2.77 -1.36
N GLY A 167 9.60 -2.16 -2.27
CA GLY A 167 9.47 -2.72 -3.65
C GLY A 167 10.69 -3.60 -3.99
N ARG A 168 10.44 -4.77 -4.50
CA ARG A 168 11.56 -5.68 -4.87
C ARG A 168 11.63 -5.82 -6.39
N GLY A 169 12.76 -5.53 -6.97
CA GLY A 169 12.89 -5.64 -8.44
C GLY A 169 14.05 -4.75 -8.91
N ASP A 170 14.16 -4.55 -10.19
CA ASP A 170 15.26 -3.69 -10.72
C ASP A 170 14.92 -2.23 -10.47
N SER A 171 13.74 -1.96 -9.98
CA SER A 171 13.34 -0.55 -9.71
C SER A 171 12.79 -0.42 -8.29
N PRO A 172 13.67 -0.41 -7.32
CA PRO A 172 13.26 -0.29 -5.89
C PRO A 172 12.55 1.04 -5.62
N ALA A 173 11.26 1.00 -5.43
CA ALA A 173 10.51 2.26 -5.15
C ALA A 173 10.58 2.59 -3.67
N SER A 174 10.44 3.84 -3.31
CA SER A 174 10.49 4.22 -1.87
C SER A 174 9.23 5.00 -1.50
N SER A 175 8.78 4.86 -0.28
CA SER A 175 7.56 5.58 0.17
C SER A 175 7.87 7.07 0.33
N LYS A 176 6.88 7.91 0.34
CA LYS A 176 7.14 9.36 0.49
C LYS A 176 7.90 9.59 1.81
N PRO A 177 8.99 10.31 1.80
CA PRO A 177 9.78 10.55 3.03
C PRO A 177 9.00 11.27 4.14
N VAL A 178 9.10 10.80 5.36
CA VAL A 178 8.42 11.50 6.48
C VAL A 178 9.49 12.33 7.21
N SER A 179 9.26 13.59 7.39
CA SER A 179 10.31 14.43 8.02
C SER A 179 9.81 15.13 9.28
N ILE A 180 10.67 15.28 10.24
CA ILE A 180 10.31 15.99 11.50
C ILE A 180 11.40 17.03 11.78
N ASN A 181 11.13 18.01 12.57
CA ASN A 181 12.17 19.03 12.85
C ASN A 181 12.74 18.80 14.25
N TYR A 182 14.03 18.86 14.38
CA TYR A 182 14.67 18.64 15.72
C TYR A 182 15.65 19.77 16.01
N LYS A 183 15.32 20.63 16.95
CA LYS A 183 16.25 21.74 17.28
C LYS A 183 17.23 21.26 18.35
N THR A 184 18.49 21.58 18.20
CA THR A 184 19.49 21.13 19.22
C THR A 184 19.84 22.30 20.13
N GLY A 1 -41.64 8.72 1.15
CA GLY A 1 -42.00 10.20 1.28
C GLY A 1 -41.01 11.16 1.85
N LEU A 2 -39.83 10.69 2.12
CA LEU A 2 -38.79 11.59 2.69
C LEU A 2 -37.68 11.77 1.66
N ASP A 3 -36.95 12.82 1.78
CA ASP A 3 -35.83 13.08 0.83
C ASP A 3 -34.63 12.23 1.23
N SER A 4 -33.93 11.68 0.27
CA SER A 4 -32.75 10.83 0.62
C SER A 4 -31.57 11.73 1.01
N PRO A 5 -30.80 11.36 2.00
CA PRO A 5 -29.64 12.17 2.43
C PRO A 5 -28.65 12.39 1.29
N THR A 6 -28.95 13.31 0.41
CA THR A 6 -28.02 13.56 -0.73
C THR A 6 -26.88 14.47 -0.28
N GLY A 7 -26.30 15.25 -1.16
CA GLY A 7 -25.16 16.09 -0.74
C GLY A 7 -24.00 15.13 -0.48
N PHE A 8 -24.08 13.99 -1.08
CA PHE A 8 -23.04 12.94 -0.90
C PHE A 8 -21.67 13.50 -1.29
N ASP A 9 -20.70 13.33 -0.44
CA ASP A 9 -19.33 13.82 -0.74
C ASP A 9 -18.35 13.03 0.10
N SER A 10 -17.17 12.79 -0.40
CA SER A 10 -16.19 12.00 0.38
C SER A 10 -14.92 12.83 0.60
N SER A 11 -14.35 12.71 1.76
CA SER A 11 -13.11 13.46 2.07
C SER A 11 -12.34 12.72 3.17
N ASP A 12 -11.31 13.30 3.70
CA ASP A 12 -10.54 12.56 4.74
C ASP A 12 -10.28 11.20 4.14
N ILE A 13 -9.96 11.19 2.89
CA ILE A 13 -9.72 9.92 2.18
C ILE A 13 -8.36 9.34 2.53
N THR A 14 -8.32 8.09 2.90
CA THR A 14 -7.02 7.44 3.20
C THR A 14 -6.92 6.21 2.31
N ALA A 15 -5.75 5.68 2.10
CA ALA A 15 -5.63 4.49 1.22
C ALA A 15 -6.46 3.34 1.77
N ASN A 16 -6.17 2.90 2.96
CA ASN A 16 -6.96 1.76 3.52
C ASN A 16 -8.17 2.31 4.28
N SER A 17 -8.32 3.59 4.31
CA SER A 17 -9.49 4.19 5.02
C SER A 17 -9.88 5.49 4.33
N PHE A 18 -11.12 5.87 4.46
CA PHE A 18 -11.56 7.14 3.82
C PHE A 18 -12.91 7.54 4.43
N THR A 19 -13.16 8.81 4.67
CA THR A 19 -14.47 9.18 5.29
C THR A 19 -15.53 9.50 4.22
N VAL A 20 -16.77 9.24 4.54
CA VAL A 20 -17.87 9.52 3.58
C VAL A 20 -18.82 10.52 4.23
N HIS A 21 -19.30 11.50 3.49
CA HIS A 21 -20.22 12.51 4.11
C HIS A 21 -21.50 12.66 3.30
N TRP A 22 -22.61 12.88 3.96
CA TRP A 22 -23.91 13.07 3.24
C TRP A 22 -24.75 14.08 4.01
N VAL A 23 -25.73 14.68 3.37
CA VAL A 23 -26.57 15.67 4.09
C VAL A 23 -27.75 14.97 4.73
N ALA A 24 -28.35 15.60 5.70
CA ALA A 24 -29.50 15.00 6.38
C ALA A 24 -30.80 15.56 5.80
N PRO A 25 -31.76 14.73 5.48
CA PRO A 25 -33.05 15.22 4.90
C PRO A 25 -33.77 16.21 5.82
N ARG A 26 -34.92 16.68 5.41
CA ARG A 26 -35.68 17.65 6.25
C ARG A 26 -36.84 16.95 6.95
N ALA A 27 -37.02 15.67 6.71
CA ALA A 27 -38.14 14.95 7.37
C ALA A 27 -37.62 14.10 8.53
N PRO A 28 -38.43 13.88 9.53
CA PRO A 28 -38.01 13.06 10.71
C PRO A 28 -37.54 11.66 10.31
N ILE A 29 -36.36 11.29 10.73
CA ILE A 29 -35.83 9.94 10.37
C ILE A 29 -35.33 9.24 11.63
N THR A 30 -35.13 7.96 11.58
CA THR A 30 -34.63 7.23 12.77
C THR A 30 -33.12 7.00 12.65
N GLY A 31 -32.54 7.41 11.55
CA GLY A 31 -31.07 7.21 11.36
C GLY A 31 -30.78 6.83 9.91
N TYR A 32 -29.56 6.48 9.61
CA TYR A 32 -29.22 6.09 8.21
C TYR A 32 -28.50 4.74 8.20
N ILE A 33 -28.54 4.03 7.11
CA ILE A 33 -27.84 2.73 7.03
C ILE A 33 -26.72 2.86 6.01
N ILE A 34 -25.52 2.50 6.37
CA ILE A 34 -24.39 2.63 5.40
C ILE A 34 -23.89 1.26 4.96
N ARG A 35 -23.99 0.96 3.70
CA ARG A 35 -23.46 -0.33 3.21
C ARG A 35 -22.26 -0.01 2.32
N HIS A 36 -21.14 -0.64 2.54
CA HIS A 36 -19.94 -0.30 1.72
C HIS A 36 -19.39 -1.54 1.03
N HIS A 37 -18.95 -1.38 -0.19
CA HIS A 37 -18.38 -2.54 -0.94
C HIS A 37 -17.62 -2.05 -2.17
N ALA A 38 -16.84 -2.90 -2.78
CA ALA A 38 -16.07 -2.49 -3.99
C ALA A 38 -16.79 -3.01 -5.24
N GLU A 39 -16.87 -2.20 -6.27
CA GLU A 39 -17.56 -2.65 -7.51
C GLU A 39 -16.83 -3.84 -8.11
N HIS A 40 -15.59 -4.00 -7.75
CA HIS A 40 -14.80 -5.15 -8.28
C HIS A 40 -15.22 -6.44 -7.59
N SER A 41 -16.02 -6.34 -6.55
CA SER A 41 -16.45 -7.57 -5.83
C SER A 41 -17.93 -7.46 -5.45
N VAL A 42 -18.61 -8.58 -5.39
CA VAL A 42 -20.06 -8.55 -5.02
C VAL A 42 -20.35 -9.68 -4.03
N GLY A 43 -19.34 -10.41 -3.64
CA GLY A 43 -19.55 -11.53 -2.69
C GLY A 43 -20.47 -11.10 -1.55
N ARG A 44 -19.92 -10.75 -0.42
CA ARG A 44 -20.77 -10.33 0.73
C ARG A 44 -20.46 -8.86 1.10
N PRO A 45 -21.28 -7.94 0.68
CA PRO A 45 -21.05 -6.50 0.99
C PRO A 45 -21.15 -6.22 2.49
N ARG A 46 -20.27 -5.40 3.01
CA ARG A 46 -20.30 -5.09 4.46
C ARG A 46 -21.46 -4.16 4.77
N GLN A 47 -21.96 -4.22 5.97
CA GLN A 47 -23.10 -3.34 6.36
C GLN A 47 -22.72 -2.49 7.56
N ASP A 48 -22.71 -1.19 7.38
CA ASP A 48 -22.35 -0.28 8.51
C ASP A 48 -23.51 0.69 8.74
N ARG A 49 -24.10 0.67 9.90
CA ARG A 49 -25.24 1.59 10.16
C ARG A 49 -24.77 2.74 11.06
N VAL A 50 -25.26 3.93 10.81
CA VAL A 50 -24.82 5.09 11.65
C VAL A 50 -26.06 5.79 12.24
N PRO A 51 -25.94 6.36 13.42
CA PRO A 51 -27.09 7.09 14.02
C PRO A 51 -27.44 8.35 13.21
N PRO A 52 -28.63 8.85 13.38
CA PRO A 52 -29.07 10.07 12.63
C PRO A 52 -28.17 11.28 12.91
N SER A 53 -27.68 11.40 14.12
CA SER A 53 -26.81 12.55 14.48
C SER A 53 -25.45 12.45 13.77
N ARG A 54 -25.11 11.30 13.28
CA ARG A 54 -23.79 11.17 12.60
C ARG A 54 -23.98 11.23 11.08
N ASN A 55 -23.41 12.22 10.45
CA ASN A 55 -23.55 12.36 8.97
C ASN A 55 -22.27 11.92 8.27
N SER A 56 -21.27 11.51 9.03
CA SER A 56 -19.99 11.08 8.40
C SER A 56 -19.53 9.76 9.02
N ILE A 57 -19.05 8.85 8.21
CA ILE A 57 -18.57 7.54 8.76
C ILE A 57 -17.18 7.26 8.21
N THR A 58 -16.28 6.83 9.06
CA THR A 58 -14.90 6.55 8.60
C THR A 58 -14.72 5.04 8.38
N LEU A 59 -14.40 4.65 7.18
CA LEU A 59 -14.21 3.20 6.90
C LEU A 59 -12.73 2.85 6.96
N THR A 60 -12.40 1.72 7.51
CA THR A 60 -10.97 1.32 7.62
C THR A 60 -10.80 -0.12 7.14
N ASN A 61 -9.58 -0.62 7.17
CA ASN A 61 -9.34 -2.01 6.72
C ASN A 61 -9.83 -2.19 5.28
N LEU A 62 -9.62 -1.21 4.46
CA LEU A 62 -10.08 -1.30 3.04
C LEU A 62 -8.87 -1.51 2.14
N ASN A 63 -9.03 -2.20 1.04
CA ASN A 63 -7.87 -2.41 0.13
C ASN A 63 -7.38 -1.04 -0.35
N PRO A 64 -6.16 -0.66 -0.01
CA PRO A 64 -5.63 0.66 -0.43
C PRO A 64 -5.53 0.83 -1.94
N GLY A 65 -6.01 1.93 -2.44
CA GLY A 65 -5.94 2.17 -3.91
C GLY A 65 -7.05 1.37 -4.59
N THR A 66 -8.29 1.66 -4.29
CA THR A 66 -9.39 0.89 -4.94
C THR A 66 -10.65 1.75 -5.08
N GLU A 67 -11.51 1.39 -5.98
CA GLU A 67 -12.78 2.16 -6.14
C GLU A 67 -13.84 1.50 -5.28
N TYR A 68 -14.39 2.21 -4.34
CA TYR A 68 -15.41 1.59 -3.45
C TYR A 68 -16.80 2.18 -3.71
N VAL A 69 -17.81 1.38 -3.53
CA VAL A 69 -19.20 1.86 -3.73
C VAL A 69 -19.87 1.95 -2.36
N VAL A 70 -20.38 3.09 -2.01
CA VAL A 70 -21.01 3.24 -0.66
C VAL A 70 -22.49 3.62 -0.80
N SER A 71 -23.38 2.85 -0.21
CA SER A 71 -24.83 3.17 -0.32
C SER A 71 -25.39 3.69 1.01
N ILE A 72 -26.16 4.75 0.95
CA ILE A 72 -26.77 5.31 2.18
C ILE A 72 -28.29 5.14 2.08
N ILE A 73 -28.87 4.40 2.97
CA ILE A 73 -30.34 4.21 2.92
C ILE A 73 -30.96 4.90 4.13
N ALA A 74 -31.89 5.79 3.91
CA ALA A 74 -32.51 6.50 5.07
C ALA A 74 -33.79 5.76 5.50
N VAL A 75 -33.89 5.46 6.77
CA VAL A 75 -35.11 4.74 7.25
C VAL A 75 -35.84 5.63 8.26
N ASN A 76 -37.12 5.81 8.09
CA ASN A 76 -37.88 6.67 9.04
C ASN A 76 -38.83 5.80 9.85
N GLY A 77 -38.43 4.60 10.16
CA GLY A 77 -39.32 3.69 10.95
C GLY A 77 -40.29 2.98 10.02
N ARG A 78 -41.42 3.60 9.74
CA ARG A 78 -42.43 2.94 8.86
C ARG A 78 -42.18 3.33 7.40
N GLU A 79 -41.25 4.20 7.14
CA GLU A 79 -40.99 4.61 5.73
C GLU A 79 -39.49 4.55 5.43
N GLU A 80 -39.14 4.28 4.21
CA GLU A 80 -37.69 4.21 3.85
C GLU A 80 -37.43 5.13 2.65
N SER A 81 -36.42 5.97 2.75
CA SER A 81 -36.11 6.90 1.62
C SER A 81 -35.42 6.10 0.50
N PRO A 82 -35.43 6.61 -0.70
CA PRO A 82 -34.78 5.92 -1.84
C PRO A 82 -33.28 5.68 -1.61
N PRO A 83 -32.76 4.55 -2.03
CA PRO A 83 -31.31 4.25 -1.81
C PRO A 83 -30.38 5.29 -2.44
N LEU A 84 -29.36 5.68 -1.74
CA LEU A 84 -28.39 6.68 -2.28
C LEU A 84 -27.03 6.01 -2.43
N ILE A 85 -26.49 5.99 -3.62
CA ILE A 85 -25.16 5.34 -3.81
C ILE A 85 -24.19 6.28 -4.51
N GLY A 86 -23.02 6.41 -3.95
CA GLY A 86 -21.97 7.26 -4.56
C GLY A 86 -20.71 6.42 -4.64
N GLN A 87 -19.78 6.79 -5.46
CA GLN A 87 -18.54 5.98 -5.57
C GLN A 87 -17.33 6.82 -5.17
N GLN A 88 -16.43 6.25 -4.43
CA GLN A 88 -15.21 6.98 -4.02
C GLN A 88 -14.02 6.03 -4.11
N ALA A 89 -12.91 6.51 -4.57
CA ALA A 89 -11.72 5.62 -4.70
C ALA A 89 -10.74 5.86 -3.58
N THR A 90 -10.27 4.80 -2.98
CA THR A 90 -9.28 4.94 -1.87
C THR A 90 -7.92 5.26 -2.49
N VAL A 91 -7.17 6.14 -1.88
CA VAL A 91 -5.83 6.52 -2.42
C VAL A 91 -4.92 5.28 -2.50
N SER A 92 -3.98 5.30 -3.40
CA SER A 92 -3.05 4.14 -3.52
C SER A 92 -1.91 4.32 -2.51
N ASP A 93 -1.23 3.25 -2.17
CA ASP A 93 -0.11 3.36 -1.18
C ASP A 93 1.25 3.28 -1.87
N ILE A 94 1.32 2.87 -3.10
CA ILE A 94 2.64 2.77 -3.78
C ILE A 94 3.11 4.14 -4.27
N PRO A 95 4.37 4.48 -4.11
CA PRO A 95 4.89 5.79 -4.60
C PRO A 95 4.84 5.85 -6.13
N ARG A 96 3.67 5.77 -6.68
CA ARG A 96 3.52 5.81 -8.16
C ARG A 96 4.47 6.85 -8.77
N ASP A 97 4.68 6.76 -10.06
CA ASP A 97 5.58 7.74 -10.75
C ASP A 97 7.01 7.64 -10.24
N LEU A 98 7.50 6.45 -10.00
CA LEU A 98 8.91 6.32 -9.54
C LEU A 98 9.82 6.43 -10.77
N GLU A 99 10.46 7.55 -10.94
CA GLU A 99 11.34 7.71 -12.14
C GLU A 99 12.36 8.82 -11.89
N VAL A 100 13.37 8.90 -12.72
CA VAL A 100 14.39 9.96 -12.54
C VAL A 100 13.96 11.21 -13.30
N ILE A 101 14.18 12.36 -12.72
CA ILE A 101 13.77 13.62 -13.41
C ILE A 101 15.01 14.43 -13.75
N ALA A 102 16.14 14.03 -13.25
CA ALA A 102 17.40 14.76 -13.54
C ALA A 102 18.56 13.75 -13.56
N SER A 103 19.65 14.09 -14.19
CA SER A 103 20.78 13.12 -14.24
C SER A 103 22.10 13.84 -13.94
N THR A 104 22.85 13.33 -13.01
CA THR A 104 24.16 13.94 -12.66
C THR A 104 25.27 12.95 -13.05
N PRO A 105 26.46 13.45 -13.23
CA PRO A 105 27.61 12.58 -13.63
C PRO A 105 27.73 11.32 -12.76
N THR A 106 27.37 11.41 -11.52
CA THR A 106 27.47 10.20 -10.63
C THR A 106 26.24 10.12 -9.73
N SER A 107 25.18 10.78 -10.09
CA SER A 107 23.97 10.72 -9.22
C SER A 107 22.72 10.96 -10.06
N LEU A 108 21.57 10.70 -9.50
CA LEU A 108 20.31 10.89 -10.26
C LEU A 108 19.24 11.43 -9.31
N LEU A 109 18.26 12.12 -9.82
CA LEU A 109 17.19 12.66 -8.95
C LEU A 109 15.92 11.82 -9.12
N ILE A 110 15.43 11.24 -8.07
CA ILE A 110 14.21 10.39 -8.19
C ILE A 110 12.98 11.13 -7.69
N SER A 111 11.86 10.92 -8.32
CA SER A 111 10.61 11.61 -7.90
C SER A 111 9.44 10.62 -7.91
N TRP A 112 8.59 10.71 -6.93
CA TRP A 112 7.42 9.78 -6.87
C TRP A 112 6.20 10.54 -6.31
N GLU A 113 5.02 10.08 -6.60
CA GLU A 113 3.80 10.78 -6.09
C GLU A 113 3.69 10.58 -4.56
N PRO A 114 3.49 11.64 -3.81
CA PRO A 114 3.36 11.51 -2.33
C PRO A 114 2.16 10.64 -1.92
N PRO A 115 2.38 9.54 -1.24
CA PRO A 115 1.26 8.67 -0.81
C PRO A 115 0.31 9.37 0.16
N ALA A 116 -0.83 8.81 0.43
CA ALA A 116 -1.78 9.46 1.37
C ALA A 116 -1.81 8.70 2.69
N VAL A 117 -0.74 8.06 3.05
CA VAL A 117 -0.71 7.30 4.33
C VAL A 117 0.54 7.70 5.11
N SER A 118 0.55 7.47 6.40
CA SER A 118 1.76 7.84 7.20
C SER A 118 2.90 6.88 6.86
N VAL A 119 4.05 7.41 6.57
CA VAL A 119 5.21 6.53 6.23
C VAL A 119 6.42 6.95 7.06
N ARG A 120 7.08 6.02 7.70
CA ARG A 120 8.27 6.41 8.50
C ARG A 120 9.38 6.78 7.52
N TYR A 121 9.64 5.92 6.59
CA TYR A 121 10.71 6.22 5.61
C TYR A 121 10.61 5.22 4.44
N TYR A 122 11.34 5.46 3.39
CA TYR A 122 11.31 4.51 2.24
C TYR A 122 12.72 3.96 2.03
N ARG A 123 12.85 2.69 1.73
CA ARG A 123 14.20 2.11 1.51
C ARG A 123 14.44 2.04 0.01
N ILE A 124 15.52 2.60 -0.46
CA ILE A 124 15.78 2.58 -1.92
C ILE A 124 17.06 1.80 -2.22
N THR A 125 17.00 0.90 -3.14
CA THR A 125 18.21 0.09 -3.45
C THR A 125 18.90 0.58 -4.73
N TYR A 126 20.20 0.47 -4.75
CA TYR A 126 20.99 0.90 -5.93
C TYR A 126 21.18 -0.29 -6.85
N GLY A 127 20.86 -0.14 -8.11
CA GLY A 127 21.02 -1.27 -9.05
C GLY A 127 22.20 -1.04 -9.98
N GLU A 128 23.13 -1.94 -9.99
CA GLU A 128 24.30 -1.78 -10.90
C GLU A 128 24.15 -2.78 -12.05
N THR A 129 24.80 -2.52 -13.15
CA THR A 129 24.70 -3.41 -14.33
C THR A 129 24.28 -4.83 -13.90
N GLY A 130 25.08 -5.48 -13.11
CA GLY A 130 24.69 -6.85 -12.66
C GLY A 130 25.93 -7.76 -12.58
N GLY A 131 27.09 -7.20 -12.40
CA GLY A 131 28.31 -8.06 -12.30
C GLY A 131 28.16 -8.95 -11.06
N ASN A 132 28.46 -8.43 -9.91
CA ASN A 132 28.31 -9.23 -8.67
C ASN A 132 27.03 -8.79 -7.95
N SER A 133 26.36 -7.80 -8.49
CA SER A 133 25.11 -7.29 -7.88
C SER A 133 25.39 -6.43 -6.63
N PRO A 134 26.47 -5.67 -6.62
CA PRO A 134 26.77 -4.80 -5.43
C PRO A 134 25.66 -3.77 -5.17
N VAL A 135 24.43 -4.20 -5.09
CA VAL A 135 23.33 -3.23 -4.85
C VAL A 135 23.60 -2.47 -3.54
N GLN A 136 23.27 -1.22 -3.51
CA GLN A 136 23.48 -0.42 -2.27
C GLN A 136 22.15 0.21 -1.86
N GLU A 137 21.78 0.09 -0.61
CA GLU A 137 20.46 0.66 -0.18
C GLU A 137 20.64 1.82 0.79
N PHE A 138 19.72 2.76 0.74
CA PHE A 138 19.77 3.94 1.65
C PHE A 138 18.35 4.25 2.12
N THR A 139 18.19 4.80 3.28
CA THR A 139 16.82 5.09 3.80
C THR A 139 16.32 6.46 3.36
N VAL A 140 15.05 6.70 3.52
CA VAL A 140 14.45 8.00 3.12
C VAL A 140 13.47 8.46 4.20
N PRO A 141 13.90 9.30 5.11
CA PRO A 141 12.99 9.77 6.20
C PRO A 141 11.75 10.51 5.69
N GLY A 142 11.08 9.96 4.71
CA GLY A 142 9.86 10.63 4.17
C GLY A 142 10.04 12.15 4.23
N SER A 143 11.26 12.62 4.19
CA SER A 143 11.50 14.08 4.25
C SER A 143 10.87 14.78 3.04
N LYS A 144 10.97 14.17 1.90
CA LYS A 144 10.41 14.79 0.68
C LYS A 144 9.89 13.70 -0.25
N SER A 145 9.09 14.08 -1.23
CA SER A 145 8.55 13.06 -2.18
C SER A 145 9.61 12.70 -3.22
N THR A 146 10.75 13.34 -3.16
CA THR A 146 11.84 13.02 -4.13
C THR A 146 13.13 12.76 -3.36
N ALA A 147 14.01 11.94 -3.90
CA ALA A 147 15.28 11.66 -3.17
C ALA A 147 16.46 11.78 -4.13
N THR A 148 17.65 11.92 -3.58
CA THR A 148 18.85 12.06 -4.45
C THR A 148 19.63 10.73 -4.44
N ILE A 149 20.27 10.39 -5.53
CA ILE A 149 21.03 9.12 -5.57
C ILE A 149 22.51 9.43 -5.81
N ASN A 150 23.37 9.04 -4.91
CA ASN A 150 24.83 9.32 -5.07
C ASN A 150 25.64 8.02 -5.06
N ASN A 151 26.93 8.12 -5.26
CA ASN A 151 27.79 6.90 -5.27
C ASN A 151 27.34 5.94 -6.38
N ILE A 152 27.19 6.45 -7.58
CA ILE A 152 26.75 5.59 -8.72
C ILE A 152 27.90 5.52 -9.75
N LYS A 153 28.01 4.42 -10.46
CA LYS A 153 29.10 4.29 -11.47
C LYS A 153 28.59 4.72 -12.86
N PRO A 154 29.07 5.83 -13.39
CA PRO A 154 28.62 6.29 -14.73
C PRO A 154 29.02 5.34 -15.86
N GLY A 155 28.31 5.37 -16.97
CA GLY A 155 28.65 4.49 -18.11
C GLY A 155 28.33 3.03 -17.77
N ALA A 156 27.44 2.81 -16.84
CA ALA A 156 27.09 1.40 -16.47
C ALA A 156 25.57 1.25 -16.35
N ASP A 157 25.01 0.20 -16.87
CA ASP A 157 23.54 0.00 -16.75
C ASP A 157 23.17 -0.03 -15.26
N TYR A 158 22.09 0.57 -14.87
CA TYR A 158 21.73 0.58 -13.42
C TYR A 158 20.25 0.25 -13.23
N THR A 159 19.87 0.07 -11.99
CA THR A 159 18.44 -0.22 -11.67
C THR A 159 18.10 0.42 -10.32
N ILE A 160 17.09 1.23 -10.27
CA ILE A 160 16.76 1.87 -8.96
C ILE A 160 15.43 1.31 -8.46
N THR A 161 15.40 0.81 -7.26
CA THR A 161 14.12 0.26 -6.73
C THR A 161 13.79 0.94 -5.41
N LEU A 162 12.54 1.23 -5.17
CA LEU A 162 12.16 1.95 -3.93
C LEU A 162 11.11 1.16 -3.14
N TYR A 163 11.25 1.16 -1.83
CA TYR A 163 10.28 0.44 -0.94
C TYR A 163 9.74 1.45 0.09
N ALA A 164 8.56 1.25 0.59
CA ALA A 164 8.03 2.21 1.61
C ALA A 164 7.71 1.46 2.90
N VAL A 165 8.17 1.99 4.02
CA VAL A 165 7.90 1.31 5.31
C VAL A 165 7.12 2.25 6.24
N THR A 166 6.05 1.78 6.80
CA THR A 166 5.23 2.64 7.71
C THR A 166 5.23 2.07 9.13
N GLY A 167 4.57 0.96 9.33
CA GLY A 167 4.53 0.35 10.69
C GLY A 167 5.89 -0.23 11.05
N ARG A 168 6.28 -0.12 12.30
CA ARG A 168 7.59 -0.66 12.73
C ARG A 168 7.41 -1.44 14.03
N GLY A 169 8.00 -2.59 14.14
CA GLY A 169 7.86 -3.39 15.39
C GLY A 169 7.97 -4.88 15.05
N ASP A 170 7.29 -5.71 15.79
CA ASP A 170 7.34 -7.17 15.50
C ASP A 170 6.51 -7.47 14.25
N SER A 171 5.71 -6.53 13.84
CA SER A 171 4.87 -6.73 12.63
C SER A 171 4.98 -5.51 11.71
N PRO A 172 6.09 -5.38 11.02
CA PRO A 172 6.29 -4.23 10.10
C PRO A 172 5.30 -4.25 8.95
N ALA A 173 5.42 -3.31 8.06
CA ALA A 173 4.49 -3.25 6.90
C ALA A 173 5.15 -2.52 5.73
N SER A 174 5.18 -3.13 4.58
CA SER A 174 5.79 -2.47 3.40
C SER A 174 4.84 -2.61 2.21
N SER A 175 4.74 -1.60 1.39
CA SER A 175 3.83 -1.70 0.21
C SER A 175 4.55 -2.48 -0.89
N LYS A 176 3.87 -2.84 -1.93
CA LYS A 176 4.54 -3.59 -3.01
C LYS A 176 5.62 -2.68 -3.62
N PRO A 177 6.88 -3.07 -3.56
CA PRO A 177 7.98 -2.21 -4.11
C PRO A 177 7.86 -1.98 -5.61
N VAL A 178 8.34 -0.87 -6.08
CA VAL A 178 8.30 -0.58 -7.54
C VAL A 178 9.73 -0.37 -8.03
N SER A 179 10.11 -1.02 -9.10
CA SER A 179 11.51 -0.88 -9.58
C SER A 179 11.58 -0.25 -10.97
N ILE A 180 12.68 0.39 -11.27
CA ILE A 180 12.84 1.02 -12.62
C ILE A 180 14.25 0.75 -13.13
N ASN A 181 14.51 0.95 -14.38
CA ASN A 181 15.86 0.69 -14.93
C ASN A 181 16.51 2.03 -15.32
N TYR A 182 17.78 2.19 -15.02
CA TYR A 182 18.44 3.48 -15.38
C TYR A 182 19.82 3.21 -15.99
N LYS A 183 20.08 3.75 -17.14
CA LYS A 183 21.41 3.54 -17.77
C LYS A 183 22.27 4.77 -17.54
N THR A 184 23.46 4.59 -17.04
CA THR A 184 24.34 5.76 -16.79
C THR A 184 25.28 5.97 -17.98
#